data_4QRY
#
_entry.id   4QRY
#
_cell.length_a   153.360
_cell.length_b   98.300
_cell.length_c   100.530
_cell.angle_alpha   90.00
_cell.angle_beta   128.13
_cell.angle_gamma   90.00
#
_symmetry.space_group_name_H-M   'C 1 2 1'
#
loop_
_entity.id
_entity.type
_entity.pdbx_description
1 polymer Halorhodopsin
2 non-polymer RETINAL
3 non-polymer 'BROMIDE ION'
4 non-polymer 'nonyl beta-D-glucopyranoside'
5 non-polymer 2,3-DI-PHYTANYL-GLYCEROL
6 water water
#
_entity_poly.entity_id   1
_entity_poly.type   'polypeptide(L)'
_entity_poly.pdbx_seq_one_letter_code
;MTETLPPVTESAVALQAEVTQRELFEFVLNDPLLASSLYINIALAGLSILLFVFMTRGLDDPRAKLIAVSTILVPVVSIA
SYTGLASGLTISVLEMPAGHFAEGSSVMLGGEEVDGVVTMWGRYLTWALSTPMILLALGLLAGSNATKLFTAITFDIAMC
VTGLAAALTTSSHLMRWFWYAISCACFIVVLYILLVEWAQDAKAAGTADIFSTLKLLTVVMWLGYPIVWALGVEGVAVLP
VGYTSWAYSALDIVAKYIFAFLLLNYLTSNEGVVSGSILDVPSASGAPADD
;
_entity_poly.pdbx_strand_id   A,B,C,E,F,G
#
loop_
_chem_comp.id
_chem_comp.type
_chem_comp.name
_chem_comp.formula
BNG D-saccharide 'nonyl beta-D-glucopyranoside' 'C15 H30 O6'
BR non-polymer 'BROMIDE ION' 'Br -1'
L2P non-polymer 2,3-DI-PHYTANYL-GLYCEROL 'C43 H88 O3'
RET non-polymer RETINAL 'C20 H28 O'
#
# COMPACT_ATOMS: atom_id res chain seq x y z
N ALA A 17 12.19 17.75 -11.88
CA ALA A 17 13.09 16.56 -12.04
C ALA A 17 13.97 16.73 -13.26
N GLU A 18 15.13 17.35 -13.07
CA GLU A 18 16.08 17.57 -14.16
C GLU A 18 16.41 16.26 -14.87
N VAL A 19 16.85 15.24 -14.13
CA VAL A 19 17.20 13.96 -14.74
C VAL A 19 15.99 13.16 -15.17
N THR A 20 15.96 12.79 -16.44
CA THR A 20 14.85 12.02 -16.99
C THR A 20 14.96 10.53 -16.71
N GLN A 21 13.85 9.84 -16.88
CA GLN A 21 13.80 8.40 -16.70
C GLN A 21 14.58 7.72 -17.85
N ARG A 22 14.51 8.30 -19.04
CA ARG A 22 15.23 7.75 -20.20
C ARG A 22 16.73 7.78 -19.90
N GLU A 23 17.19 8.92 -19.37
CA GLU A 23 18.58 9.12 -19.04
C GLU A 23 19.12 8.09 -18.04
N LEU A 24 18.38 7.83 -16.97
CA LEU A 24 18.80 6.86 -15.97
C LEU A 24 18.84 5.48 -16.62
N PHE A 25 17.84 5.21 -17.44
CA PHE A 25 17.76 3.93 -18.14
C PHE A 25 19.01 3.79 -19.00
N GLU A 26 19.43 4.88 -19.63
CA GLU A 26 20.62 4.86 -20.48
C GLU A 26 21.88 4.70 -19.64
N PHE A 27 21.88 5.27 -18.44
CA PHE A 27 23.04 5.14 -17.56
C PHE A 27 23.19 3.67 -17.13
N VAL A 28 22.08 2.99 -16.86
CA VAL A 28 22.13 1.58 -16.47
C VAL A 28 22.72 0.80 -17.65
N LEU A 29 22.17 0.98 -18.85
CA LEU A 29 22.76 0.34 -20.01
C LEU A 29 24.06 1.15 -20.09
N ASN A 30 25.05 0.68 -20.84
CA ASN A 30 26.30 1.42 -20.94
C ASN A 30 27.16 1.25 -19.68
N ASP A 31 26.54 0.84 -18.58
CA ASP A 31 27.27 0.58 -17.35
C ASP A 31 27.19 -0.94 -17.20
N PRO A 32 28.22 -1.65 -17.68
CA PRO A 32 28.32 -3.10 -17.63
C PRO A 32 27.96 -3.73 -16.29
N LEU A 33 28.61 -3.27 -15.23
CA LEU A 33 28.35 -3.80 -13.90
C LEU A 33 26.89 -3.63 -13.53
N LEU A 34 26.42 -2.41 -13.66
CA LEU A 34 25.05 -2.07 -13.32
C LEU A 34 24.02 -2.83 -14.14
N ALA A 35 24.08 -2.68 -15.46
CA ALA A 35 23.12 -3.33 -16.35
C ALA A 35 23.07 -4.85 -16.16
N SER A 36 24.21 -5.47 -15.93
CA SER A 36 24.21 -6.93 -15.76
C SER A 36 23.57 -7.34 -14.43
N SER A 37 23.95 -6.66 -13.35
CA SER A 37 23.40 -6.96 -12.02
C SER A 37 21.88 -6.86 -12.05
N LEU A 38 21.38 -6.08 -13.00
CA LEU A 38 19.96 -5.86 -13.15
C LEU A 38 19.28 -6.81 -14.12
N TYR A 39 19.75 -6.82 -15.37
CA TYR A 39 19.16 -7.67 -16.39
C TYR A 39 19.34 -9.16 -16.15
N ILE A 40 20.41 -9.55 -15.46
CA ILE A 40 20.58 -10.98 -15.20
C ILE A 40 19.45 -11.46 -14.29
N ASN A 41 18.98 -10.60 -13.39
CA ASN A 41 17.92 -11.04 -12.49
C ASN A 41 16.52 -11.02 -13.09
N ILE A 42 16.29 -10.19 -14.11
CA ILE A 42 15.00 -10.21 -14.78
C ILE A 42 14.93 -11.59 -15.44
N ALA A 43 16.06 -12.02 -15.98
CA ALA A 43 16.16 -13.32 -16.65
C ALA A 43 16.01 -14.47 -15.66
N LEU A 44 16.80 -14.48 -14.60
CA LEU A 44 16.72 -15.55 -13.62
C LEU A 44 15.38 -15.61 -12.90
N ALA A 45 14.73 -14.45 -12.75
CA ALA A 45 13.42 -14.41 -12.10
C ALA A 45 12.38 -15.07 -12.99
N GLY A 46 12.47 -14.81 -14.29
CA GLY A 46 11.54 -15.39 -15.24
C GLY A 46 11.68 -16.90 -15.32
N LEU A 47 12.91 -17.38 -15.38
CA LEU A 47 13.16 -18.81 -15.44
C LEU A 47 12.67 -19.44 -14.15
N SER A 48 12.90 -18.77 -13.03
CA SER A 48 12.46 -19.27 -11.73
C SER A 48 10.94 -19.46 -11.71
N ILE A 49 10.21 -18.44 -12.18
CA ILE A 49 8.76 -18.51 -12.23
C ILE A 49 8.33 -19.73 -13.04
N LEU A 50 8.95 -19.92 -14.20
CA LEU A 50 8.63 -21.04 -15.07
C LEU A 50 8.92 -22.40 -14.45
N LEU A 51 10.05 -22.51 -13.75
CA LEU A 51 10.44 -23.74 -13.09
C LEU A 51 9.55 -24.04 -11.88
N PHE A 52 9.17 -22.99 -11.14
CA PHE A 52 8.33 -23.15 -9.97
C PHE A 52 6.91 -23.59 -10.32
N VAL A 53 6.32 -22.96 -11.33
CA VAL A 53 4.97 -23.30 -11.75
C VAL A 53 4.94 -24.75 -12.27
N PHE A 54 6.05 -25.18 -12.84
CA PHE A 54 6.17 -26.53 -13.38
C PHE A 54 6.38 -27.57 -12.26
N MET A 55 7.24 -27.25 -11.30
CA MET A 55 7.54 -28.14 -10.17
C MET A 55 6.33 -28.47 -9.33
N THR A 56 5.46 -27.48 -9.13
CA THR A 56 4.29 -27.63 -8.28
C THR A 56 2.99 -28.03 -8.94
N ARG A 57 3.06 -28.42 -10.21
CA ARG A 57 1.85 -28.81 -10.95
C ARG A 57 1.06 -29.97 -10.34
N GLY A 58 1.71 -30.80 -9.53
CA GLY A 58 1.02 -31.95 -8.94
C GLY A 58 0.38 -31.77 -7.59
N LEU A 59 0.51 -30.58 -7.01
CA LEU A 59 -0.07 -30.30 -5.70
C LEU A 59 -1.59 -30.22 -5.77
N ASP A 60 -2.26 -30.72 -4.74
CA ASP A 60 -3.71 -30.69 -4.72
C ASP A 60 -4.29 -30.16 -3.42
N ASP A 61 -3.58 -30.35 -2.32
CA ASP A 61 -4.06 -29.87 -1.04
C ASP A 61 -4.01 -28.34 -1.00
N PRO A 62 -5.12 -27.69 -0.60
CA PRO A 62 -5.16 -26.23 -0.52
C PRO A 62 -4.07 -25.60 0.35
N ARG A 63 -3.74 -26.22 1.46
CA ARG A 63 -2.71 -25.66 2.33
C ARG A 63 -1.34 -25.86 1.67
N ALA A 64 -1.22 -26.92 0.87
CA ALA A 64 0.04 -27.18 0.19
C ALA A 64 0.18 -26.20 -0.96
N LYS A 65 -0.95 -25.86 -1.59
CA LYS A 65 -0.92 -24.94 -2.71
C LYS A 65 -0.78 -23.48 -2.27
N LEU A 66 -1.17 -23.17 -1.04
CA LEU A 66 -1.05 -21.81 -0.53
C LEU A 66 0.44 -21.54 -0.35
N ILE A 67 1.16 -22.58 0.09
CA ILE A 67 2.61 -22.47 0.29
C ILE A 67 3.33 -22.31 -1.04
N ALA A 68 2.79 -22.95 -2.08
CA ALA A 68 3.40 -22.89 -3.40
C ALA A 68 3.14 -21.57 -4.12
N VAL A 69 1.95 -21.01 -3.97
CA VAL A 69 1.64 -19.75 -4.65
C VAL A 69 2.38 -18.57 -4.02
N SER A 70 2.50 -18.58 -2.70
CA SER A 70 3.19 -17.53 -2.01
C SER A 70 4.67 -17.60 -2.42
N THR A 71 5.21 -18.81 -2.50
CA THR A 71 6.60 -18.98 -2.89
C THR A 71 6.79 -18.41 -4.29
N ILE A 72 5.97 -18.88 -5.22
CA ILE A 72 6.01 -18.44 -6.61
C ILE A 72 5.92 -16.90 -6.75
N LEU A 73 5.17 -16.26 -5.86
CA LEU A 73 5.03 -14.80 -5.91
C LEU A 73 6.38 -14.08 -5.68
N VAL A 74 7.30 -14.73 -4.98
CA VAL A 74 8.59 -14.09 -4.73
C VAL A 74 9.29 -13.71 -6.03
N PRO A 75 9.61 -14.69 -6.91
CA PRO A 75 10.26 -14.24 -8.15
C PRO A 75 9.34 -13.42 -9.05
N VAL A 76 8.03 -13.53 -8.84
CA VAL A 76 7.11 -12.75 -9.66
C VAL A 76 7.27 -11.28 -9.29
N VAL A 77 7.36 -10.99 -8.00
CA VAL A 77 7.56 -9.61 -7.56
C VAL A 77 8.96 -9.18 -7.96
N SER A 78 9.89 -10.13 -7.92
CA SER A 78 11.29 -9.86 -8.25
C SER A 78 11.48 -9.41 -9.71
N ILE A 79 10.84 -10.10 -10.64
CA ILE A 79 10.98 -9.75 -12.03
C ILE A 79 10.40 -8.36 -12.28
N ALA A 80 9.33 -8.03 -11.55
CA ALA A 80 8.71 -6.72 -11.69
C ALA A 80 9.61 -5.66 -11.05
N SER A 81 10.15 -5.96 -9.88
CA SER A 81 11.04 -5.05 -9.16
C SER A 81 12.26 -4.66 -10.00
N TYR A 82 12.92 -5.66 -10.57
CA TYR A 82 14.10 -5.41 -11.39
C TYR A 82 13.78 -4.70 -12.70
N THR A 83 12.57 -4.90 -13.22
CA THR A 83 12.17 -4.24 -14.44
C THR A 83 11.94 -2.77 -14.12
N GLY A 84 11.54 -2.52 -12.87
CA GLY A 84 11.31 -1.15 -12.43
C GLY A 84 12.63 -0.42 -12.33
N LEU A 85 13.65 -1.13 -11.85
CA LEU A 85 14.99 -0.56 -11.71
C LEU A 85 15.68 -0.41 -13.07
N ALA A 86 15.57 -1.41 -13.93
CA ALA A 86 16.21 -1.37 -15.25
C ALA A 86 15.62 -0.28 -16.14
N SER A 87 14.31 -0.04 -16.00
CA SER A 87 13.63 0.97 -16.80
C SER A 87 13.93 2.38 -16.31
N GLY A 88 14.43 2.48 -15.08
CA GLY A 88 14.72 3.77 -14.50
C GLY A 88 13.53 4.30 -13.70
N LEU A 89 12.40 3.62 -13.82
CA LEU A 89 11.18 4.02 -13.12
C LEU A 89 11.38 4.13 -11.60
N THR A 90 12.12 3.18 -11.02
CA THR A 90 12.35 3.19 -9.58
C THR A 90 13.77 3.57 -9.16
N ILE A 91 14.37 4.47 -9.93
CA ILE A 91 15.72 4.96 -9.64
C ILE A 91 15.67 6.47 -9.60
N SER A 92 16.42 7.08 -8.69
CA SER A 92 16.47 8.53 -8.58
C SER A 92 17.89 8.97 -8.27
N VAL A 93 18.19 10.24 -8.55
CA VAL A 93 19.50 10.78 -8.27
C VAL A 93 19.33 11.67 -7.04
N LEU A 94 19.99 11.30 -5.95
CA LEU A 94 19.88 12.06 -4.71
C LEU A 94 21.23 12.65 -4.36
N GLU A 95 21.20 13.69 -3.52
CA GLU A 95 22.42 14.33 -3.08
C GLU A 95 22.58 14.04 -1.60
N MET A 96 23.61 13.28 -1.26
CA MET A 96 23.85 12.93 0.13
C MET A 96 24.08 14.18 0.97
N PRO A 97 23.76 14.12 2.28
CA PRO A 97 23.95 15.26 3.17
C PRO A 97 25.39 15.39 3.61
N ALA A 98 25.72 16.58 4.12
CA ALA A 98 27.05 16.89 4.61
C ALA A 98 27.54 15.76 5.51
N GLY A 99 28.79 15.35 5.32
CA GLY A 99 29.34 14.29 6.15
C GLY A 99 29.10 12.87 5.64
N HIS A 100 28.06 12.65 4.85
CA HIS A 100 27.83 11.31 4.34
C HIS A 100 29.04 10.91 3.51
N PHE A 101 29.63 9.76 3.81
CA PHE A 101 30.82 9.29 3.12
C PHE A 101 30.78 9.30 1.60
N ALA A 102 29.60 9.52 1.01
CA ALA A 102 29.49 9.58 -0.44
C ALA A 102 29.07 10.98 -0.86
N GLU A 103 29.02 11.91 0.09
CA GLU A 103 28.62 13.26 -0.25
C GLU A 103 29.65 13.85 -1.21
N GLY A 104 29.17 14.56 -2.21
CA GLY A 104 30.08 15.16 -3.18
C GLY A 104 30.35 14.29 -4.39
N SER A 105 29.43 13.40 -4.72
CA SER A 105 29.59 12.52 -5.87
C SER A 105 28.91 13.12 -7.10
N SER A 106 29.27 12.59 -8.27
CA SER A 106 28.70 13.03 -9.54
C SER A 106 28.44 11.76 -10.34
N VAL A 107 27.44 11.81 -11.22
CA VAL A 107 27.09 10.63 -12.00
C VAL A 107 27.23 10.77 -13.52
N MET A 108 27.35 11.98 -14.03
CA MET A 108 27.50 12.15 -15.47
C MET A 108 26.32 11.46 -16.15
N LEU A 109 25.16 12.13 -16.12
CA LEU A 109 23.95 11.59 -16.69
C LEU A 109 23.61 12.35 -17.97
N GLY A 110 23.16 11.62 -18.98
CA GLY A 110 22.87 12.27 -20.24
C GLY A 110 24.21 12.71 -20.81
N GLY A 111 24.43 14.01 -20.85
CA GLY A 111 25.69 14.54 -21.36
C GLY A 111 26.36 15.42 -20.34
N GLU A 112 25.61 15.83 -19.32
CA GLU A 112 26.12 16.70 -18.26
C GLU A 112 26.53 15.93 -17.00
N GLU A 113 27.20 16.63 -16.10
CA GLU A 113 27.63 16.04 -14.84
C GLU A 113 26.64 16.48 -13.77
N VAL A 114 25.89 15.52 -13.25
CA VAL A 114 24.91 15.81 -12.21
C VAL A 114 25.44 15.40 -10.85
N ASP A 115 25.22 16.25 -9.86
CA ASP A 115 25.65 15.98 -8.50
C ASP A 115 24.78 14.90 -7.87
N GLY A 116 25.35 14.13 -6.96
CA GLY A 116 24.59 13.09 -6.30
C GLY A 116 24.94 11.65 -6.62
N VAL A 117 24.12 10.73 -6.12
CA VAL A 117 24.31 9.30 -6.33
C VAL A 117 23.07 8.66 -6.95
N VAL A 118 23.28 7.76 -7.91
CA VAL A 118 22.15 7.07 -8.52
C VAL A 118 21.60 6.12 -7.46
N THR A 119 20.43 6.46 -6.91
CA THR A 119 19.77 5.71 -5.84
C THR A 119 18.74 4.69 -6.32
N MET A 120 19.01 3.41 -6.08
CA MET A 120 18.10 2.37 -6.49
C MET A 120 17.14 2.00 -5.36
N TRP A 121 16.23 2.93 -5.07
CA TRP A 121 15.27 2.75 -3.98
C TRP A 121 14.23 1.70 -4.34
N GLY A 122 14.11 1.41 -5.63
CA GLY A 122 13.16 0.38 -6.07
C GLY A 122 13.38 -0.97 -5.40
N ARG A 123 14.59 -1.22 -4.89
CA ARG A 123 14.86 -2.48 -4.21
C ARG A 123 14.08 -2.58 -2.89
N TYR A 124 13.98 -1.47 -2.18
CA TYR A 124 13.30 -1.43 -0.89
C TYR A 124 11.80 -1.53 -1.05
N LEU A 125 11.28 -0.78 -2.01
CA LEU A 125 9.86 -0.75 -2.29
C LEU A 125 9.30 -2.14 -2.53
N THR A 126 10.04 -2.97 -3.27
CA THR A 126 9.57 -4.31 -3.55
C THR A 126 9.94 -5.36 -2.51
N TRP A 127 10.99 -5.13 -1.73
CA TRP A 127 11.33 -6.10 -0.69
C TRP A 127 10.14 -6.16 0.26
N ALA A 128 9.47 -5.02 0.42
CA ALA A 128 8.32 -4.94 1.31
C ALA A 128 7.16 -5.77 0.76
N LEU A 129 7.26 -6.15 -0.50
CA LEU A 129 6.21 -6.90 -1.16
C LEU A 129 6.52 -8.39 -1.37
N SER A 130 7.80 -8.73 -1.44
CA SER A 130 8.17 -10.12 -1.67
C SER A 130 8.55 -10.86 -0.40
N THR A 131 9.27 -10.19 0.50
CA THR A 131 9.72 -10.81 1.74
C THR A 131 8.58 -11.31 2.63
N PRO A 132 7.40 -10.64 2.60
CA PRO A 132 6.33 -11.14 3.46
C PRO A 132 5.89 -12.51 2.95
N MET A 133 5.90 -12.68 1.63
CA MET A 133 5.49 -13.93 1.00
C MET A 133 6.41 -15.06 1.41
N ILE A 134 7.70 -14.76 1.47
CA ILE A 134 8.71 -15.71 1.86
C ILE A 134 8.34 -16.11 3.30
N LEU A 135 8.09 -15.09 4.12
CA LEU A 135 7.73 -15.30 5.52
C LEU A 135 6.44 -16.12 5.71
N LEU A 136 5.46 -15.90 4.85
CA LEU A 136 4.19 -16.61 4.92
C LEU A 136 4.37 -18.10 4.60
N ALA A 137 5.25 -18.39 3.63
CA ALA A 137 5.51 -19.77 3.23
C ALA A 137 6.28 -20.51 4.33
N LEU A 138 7.24 -19.83 4.95
CA LEU A 138 8.07 -20.40 6.01
C LEU A 138 7.28 -20.58 7.31
N GLY A 139 6.30 -19.70 7.54
CA GLY A 139 5.50 -19.80 8.75
C GLY A 139 4.56 -20.98 8.62
N LEU A 140 3.97 -21.12 7.45
CA LEU A 140 3.04 -22.21 7.17
C LEU A 140 3.77 -23.55 7.16
N LEU A 141 4.99 -23.58 6.62
CA LEU A 141 5.76 -24.82 6.57
C LEU A 141 6.04 -25.25 8.01
N ALA A 142 6.23 -24.26 8.88
CA ALA A 142 6.53 -24.51 10.28
C ALA A 142 5.25 -24.71 11.11
N GLY A 143 4.10 -24.58 10.48
CA GLY A 143 2.84 -24.76 11.20
C GLY A 143 2.58 -23.70 12.26
N SER A 144 2.89 -22.45 11.92
CA SER A 144 2.73 -21.30 12.81
C SER A 144 1.29 -20.84 12.99
N ASN A 145 0.96 -20.32 14.17
CA ASN A 145 -0.39 -19.82 14.39
C ASN A 145 -0.47 -18.39 13.80
N ALA A 146 -1.69 -17.89 13.66
CA ALA A 146 -1.93 -16.56 13.09
C ALA A 146 -1.16 -15.41 13.73
N THR A 147 -1.02 -15.44 15.04
CA THR A 147 -0.34 -14.39 15.80
C THR A 147 1.13 -14.16 15.46
N LYS A 148 1.91 -15.24 15.40
CA LYS A 148 3.32 -15.12 15.09
C LYS A 148 3.54 -14.77 13.63
N LEU A 149 2.61 -15.21 12.78
CA LEU A 149 2.64 -14.96 11.35
C LEU A 149 2.34 -13.47 11.07
N PHE A 150 1.44 -12.90 11.88
CA PHE A 150 1.08 -11.49 11.75
C PHE A 150 2.22 -10.65 12.29
N THR A 151 2.84 -11.11 13.37
CA THR A 151 3.94 -10.41 14.01
C THR A 151 5.17 -10.38 13.09
N ALA A 152 5.48 -11.53 12.50
CA ALA A 152 6.64 -11.65 11.61
C ALA A 152 6.46 -10.74 10.40
N ILE A 153 5.30 -10.84 9.78
CA ILE A 153 4.99 -10.06 8.59
C ILE A 153 4.88 -8.54 8.80
N THR A 154 4.12 -8.10 9.80
CA THR A 154 3.97 -6.67 10.04
C THR A 154 5.31 -5.96 10.29
N PHE A 155 6.19 -6.58 11.06
CA PHE A 155 7.49 -5.96 11.35
C PHE A 155 8.43 -6.04 10.17
N ASP A 156 8.27 -7.08 9.36
CA ASP A 156 9.09 -7.24 8.17
C ASP A 156 8.83 -6.05 7.26
N ILE A 157 7.56 -5.79 7.00
CA ILE A 157 7.17 -4.65 6.16
C ILE A 157 7.77 -3.36 6.74
N ALA A 158 7.59 -3.14 8.04
CA ALA A 158 8.14 -1.95 8.70
C ALA A 158 9.66 -1.86 8.51
N MET A 159 10.33 -3.01 8.56
CA MET A 159 11.77 -3.06 8.37
C MET A 159 12.10 -2.57 6.96
N CYS A 160 11.32 -3.01 5.98
CA CYS A 160 11.56 -2.64 4.58
C CYS A 160 11.19 -1.20 4.24
N VAL A 161 10.14 -0.68 4.87
CA VAL A 161 9.72 0.68 4.59
C VAL A 161 10.62 1.72 5.24
N THR A 162 11.12 1.42 6.43
CA THR A 162 12.03 2.35 7.10
C THR A 162 13.36 2.29 6.36
N GLY A 163 13.64 1.14 5.73
CA GLY A 163 14.85 1.00 4.94
C GLY A 163 14.74 1.93 3.74
N LEU A 164 13.58 1.89 3.09
CA LEU A 164 13.32 2.73 1.93
C LEU A 164 13.36 4.23 2.28
N ALA A 165 12.93 4.55 3.50
CA ALA A 165 12.91 5.93 3.96
C ALA A 165 14.32 6.45 4.20
N ALA A 166 15.19 5.60 4.75
CA ALA A 166 16.57 5.97 5.02
C ALA A 166 17.28 6.30 3.71
N ALA A 167 17.11 5.45 2.72
CA ALA A 167 17.73 5.64 1.41
C ALA A 167 17.25 6.93 0.79
N LEU A 168 15.97 7.23 0.97
CA LEU A 168 15.35 8.44 0.43
C LEU A 168 15.65 9.72 1.22
N THR A 169 16.24 9.58 2.39
CA THR A 169 16.53 10.74 3.23
C THR A 169 17.84 11.44 2.94
N THR A 170 17.74 12.69 2.48
CA THR A 170 18.89 13.49 2.11
C THR A 170 19.13 14.73 2.97
N SER A 171 18.19 15.03 3.86
CA SER A 171 18.29 16.23 4.70
C SER A 171 19.27 16.18 5.87
N SER A 172 19.49 14.98 6.40
CA SER A 172 20.34 14.82 7.58
C SER A 172 21.01 13.45 7.59
N HIS A 173 22.32 13.45 7.79
CA HIS A 173 23.10 12.21 7.84
C HIS A 173 22.71 11.37 9.06
N LEU A 174 22.52 12.04 10.18
CA LEU A 174 22.15 11.36 11.41
C LEU A 174 20.74 10.78 11.29
N MET A 175 19.89 11.41 10.48
CA MET A 175 18.54 10.93 10.28
C MET A 175 18.59 9.63 9.50
N ARG A 176 19.42 9.59 8.46
CA ARG A 176 19.57 8.40 7.64
C ARG A 176 19.86 7.20 8.53
N TRP A 177 20.81 7.35 9.45
CA TRP A 177 21.16 6.24 10.33
C TRP A 177 20.15 5.95 11.44
N PHE A 178 19.27 6.90 11.73
CA PHE A 178 18.25 6.70 12.74
C PHE A 178 17.21 5.77 12.12
N TRP A 179 16.88 6.01 10.85
CA TRP A 179 15.93 5.15 10.13
C TRP A 179 16.49 3.72 10.11
N TYR A 180 17.80 3.64 9.83
CA TYR A 180 18.50 2.37 9.74
C TYR A 180 18.39 1.59 11.05
N ALA A 181 18.61 2.27 12.17
CA ALA A 181 18.53 1.63 13.48
C ALA A 181 17.11 1.15 13.77
N ILE A 182 16.12 1.93 13.35
CA ILE A 182 14.73 1.54 13.56
C ILE A 182 14.48 0.24 12.80
N SER A 183 15.02 0.18 11.59
CA SER A 183 14.88 -0.98 10.72
C SER A 183 15.54 -2.24 11.32
N CYS A 184 16.71 -2.08 11.91
CA CYS A 184 17.40 -3.21 12.52
C CYS A 184 16.55 -3.78 13.65
N ALA A 185 16.01 -2.90 14.49
CA ALA A 185 15.17 -3.35 15.59
C ALA A 185 14.00 -4.19 15.06
N CYS A 186 13.41 -3.78 13.94
CA CYS A 186 12.29 -4.52 13.36
C CYS A 186 12.80 -5.85 12.80
N PHE A 187 14.05 -5.84 12.33
CA PHE A 187 14.70 -7.02 11.76
C PHE A 187 14.83 -8.07 12.86
N ILE A 188 15.32 -7.67 14.02
CA ILE A 188 15.51 -8.61 15.13
C ILE A 188 14.23 -9.32 15.52
N VAL A 189 13.09 -8.63 15.38
CA VAL A 189 11.81 -9.24 15.71
C VAL A 189 11.57 -10.46 14.82
N VAL A 190 11.73 -10.27 13.51
CA VAL A 190 11.55 -11.34 12.53
C VAL A 190 12.53 -12.48 12.84
N LEU A 191 13.78 -12.12 13.09
CA LEU A 191 14.82 -13.09 13.38
C LEU A 191 14.47 -13.95 14.60
N TYR A 192 14.00 -13.29 15.66
CA TYR A 192 13.61 -13.98 16.88
C TYR A 192 12.49 -14.99 16.62
N ILE A 193 11.55 -14.63 15.76
CA ILE A 193 10.45 -15.52 15.43
C ILE A 193 10.98 -16.74 14.67
N LEU A 194 11.91 -16.49 13.73
CA LEU A 194 12.51 -17.55 12.91
C LEU A 194 13.32 -18.55 13.75
N LEU A 195 14.24 -18.01 14.54
CA LEU A 195 15.13 -18.81 15.37
C LEU A 195 14.53 -19.40 16.64
N VAL A 196 13.62 -18.66 17.26
CA VAL A 196 13.03 -19.11 18.52
C VAL A 196 11.65 -19.73 18.41
N GLU A 197 10.69 -18.99 17.87
CA GLU A 197 9.31 -19.46 17.77
C GLU A 197 9.02 -20.54 16.75
N TRP A 198 9.33 -20.28 15.48
CA TRP A 198 9.05 -21.24 14.44
C TRP A 198 9.91 -22.49 14.52
N ALA A 199 11.14 -22.35 14.99
CA ALA A 199 12.02 -23.49 15.13
C ALA A 199 11.32 -24.56 15.96
N GLN A 200 10.62 -24.14 17.01
CA GLN A 200 9.91 -25.06 17.88
C GLN A 200 8.58 -25.52 17.29
N ASP A 201 7.87 -24.63 16.61
CA ASP A 201 6.59 -24.98 16.01
C ASP A 201 6.75 -26.02 14.92
N ALA A 202 7.91 -26.00 14.26
CA ALA A 202 8.21 -26.92 13.18
C ALA A 202 8.26 -28.37 13.64
N LYS A 203 8.67 -28.59 14.88
CA LYS A 203 8.74 -29.93 15.45
C LYS A 203 7.33 -30.52 15.51
N ALA A 204 6.44 -29.79 16.16
CA ALA A 204 5.05 -30.23 16.27
C ALA A 204 4.41 -30.40 14.90
N ALA A 205 4.95 -29.69 13.90
CA ALA A 205 4.40 -29.77 12.54
C ALA A 205 5.03 -30.89 11.70
N GLY A 206 6.13 -31.45 12.20
CA GLY A 206 6.79 -32.54 11.50
C GLY A 206 7.70 -32.07 10.38
N THR A 207 7.99 -30.77 10.36
CA THR A 207 8.83 -30.19 9.32
C THR A 207 10.15 -29.64 9.88
N ALA A 208 10.58 -30.18 11.01
CA ALA A 208 11.81 -29.74 11.67
C ALA A 208 13.04 -29.65 10.77
N ASP A 209 13.39 -30.76 10.13
CA ASP A 209 14.58 -30.79 9.27
C ASP A 209 14.64 -29.71 8.22
N ILE A 210 13.63 -29.67 7.36
CA ILE A 210 13.59 -28.69 6.30
C ILE A 210 13.50 -27.27 6.86
N PHE A 211 12.78 -27.08 7.95
CA PHE A 211 12.70 -25.74 8.51
C PHE A 211 14.03 -25.29 9.09
N SER A 212 14.66 -26.16 9.88
CA SER A 212 15.94 -25.80 10.46
C SER A 212 16.91 -25.42 9.35
N THR A 213 16.82 -26.12 8.21
CA THR A 213 17.69 -25.84 7.07
C THR A 213 17.37 -24.46 6.49
N LEU A 214 16.12 -24.28 6.05
CA LEU A 214 15.68 -23.03 5.47
C LEU A 214 15.79 -21.88 6.46
N LYS A 215 15.72 -22.18 7.74
CA LYS A 215 15.80 -21.17 8.80
C LYS A 215 17.22 -20.64 8.89
N LEU A 216 18.20 -21.55 8.83
CA LEU A 216 19.59 -21.15 8.91
C LEU A 216 19.96 -20.40 7.63
N LEU A 217 19.46 -20.85 6.49
CA LEU A 217 19.78 -20.16 5.25
C LEU A 217 19.18 -18.75 5.28
N THR A 218 17.93 -18.64 5.74
CA THR A 218 17.26 -17.35 5.82
C THR A 218 18.04 -16.38 6.71
N VAL A 219 18.36 -16.80 7.92
CA VAL A 219 19.08 -15.93 8.83
C VAL A 219 20.43 -15.47 8.30
N VAL A 220 21.14 -16.38 7.64
CA VAL A 220 22.44 -16.04 7.09
C VAL A 220 22.35 -15.08 5.91
N MET A 221 21.48 -15.38 4.94
CA MET A 221 21.35 -14.52 3.77
C MET A 221 20.78 -13.15 4.15
N TRP A 222 19.66 -13.14 4.86
CA TRP A 222 19.03 -11.88 5.26
C TRP A 222 20.00 -10.95 5.98
N LEU A 223 20.90 -11.51 6.79
CA LEU A 223 21.88 -10.68 7.49
C LEU A 223 22.76 -9.93 6.49
N GLY A 224 22.86 -10.48 5.28
CA GLY A 224 23.67 -9.86 4.26
C GLY A 224 23.20 -8.46 3.83
N TYR A 225 21.89 -8.24 3.79
CA TYR A 225 21.39 -6.95 3.34
C TYR A 225 21.81 -5.73 4.17
N PRO A 226 21.57 -5.73 5.50
CA PRO A 226 21.98 -4.58 6.31
C PRO A 226 23.50 -4.44 6.39
N ILE A 227 24.21 -5.47 5.94
CA ILE A 227 25.67 -5.40 5.94
C ILE A 227 26.06 -4.68 4.65
N VAL A 228 25.38 -5.03 3.55
CA VAL A 228 25.66 -4.40 2.27
C VAL A 228 25.20 -2.95 2.31
N TRP A 229 24.09 -2.68 2.99
CA TRP A 229 23.60 -1.31 3.08
C TRP A 229 24.67 -0.44 3.73
N ALA A 230 25.15 -0.88 4.90
CA ALA A 230 26.18 -0.16 5.64
C ALA A 230 27.54 -0.02 4.96
N LEU A 231 27.89 -0.97 4.09
CA LEU A 231 29.18 -0.92 3.41
C LEU A 231 29.10 -0.27 2.04
N GLY A 232 27.92 -0.36 1.43
CA GLY A 232 27.70 0.22 0.12
C GLY A 232 27.56 1.73 0.10
N VAL A 233 27.21 2.27 -1.07
CA VAL A 233 27.05 3.71 -1.26
C VAL A 233 26.10 4.41 -0.32
N GLU A 234 25.01 3.75 0.04
CA GLU A 234 24.02 4.34 0.94
C GLU A 234 24.55 4.47 2.36
N GLY A 235 25.58 3.68 2.68
CA GLY A 235 26.16 3.73 4.01
C GLY A 235 27.53 4.38 4.06
N VAL A 236 28.53 3.61 4.51
CA VAL A 236 29.91 4.09 4.63
C VAL A 236 30.58 4.26 3.26
N ALA A 237 29.92 3.80 2.21
CA ALA A 237 30.41 3.95 0.84
C ALA A 237 31.71 3.29 0.36
N VAL A 238 32.12 2.17 0.95
CA VAL A 238 33.33 1.51 0.46
C VAL A 238 33.00 0.89 -0.90
N LEU A 239 31.74 0.47 -1.08
CA LEU A 239 31.29 -0.13 -2.34
C LEU A 239 30.60 0.90 -3.23
N PRO A 240 31.14 1.19 -4.43
CA PRO A 240 30.49 2.15 -5.31
C PRO A 240 29.13 1.59 -5.76
N VAL A 241 28.31 2.43 -6.36
CA VAL A 241 26.97 2.06 -6.82
C VAL A 241 26.90 0.75 -7.60
N GLY A 242 27.76 0.60 -8.60
CA GLY A 242 27.75 -0.61 -9.41
C GLY A 242 27.98 -1.88 -8.61
N TYR A 243 28.83 -1.77 -7.58
CA TYR A 243 29.17 -2.92 -6.74
C TYR A 243 28.15 -3.23 -5.64
N THR A 244 27.56 -2.20 -5.04
CA THR A 244 26.57 -2.47 -4.00
C THR A 244 25.41 -3.14 -4.72
N SER A 245 25.14 -2.70 -5.94
CA SER A 245 24.07 -3.28 -6.74
C SER A 245 24.32 -4.77 -6.97
N TRP A 246 25.57 -5.14 -7.30
CA TRP A 246 25.85 -6.56 -7.52
C TRP A 246 25.82 -7.33 -6.22
N ALA A 247 26.14 -6.66 -5.12
CA ALA A 247 26.10 -7.29 -3.80
C ALA A 247 24.65 -7.64 -3.48
N TYR A 248 23.73 -6.73 -3.81
CA TYR A 248 22.32 -6.96 -3.54
C TYR A 248 21.70 -8.00 -4.51
N SER A 249 22.12 -7.99 -5.77
CA SER A 249 21.60 -8.94 -6.76
C SER A 249 22.04 -10.37 -6.49
N ALA A 250 23.25 -10.51 -5.93
CA ALA A 250 23.80 -11.83 -5.61
C ALA A 250 23.10 -12.41 -4.40
N LEU A 251 22.79 -11.57 -3.41
CA LEU A 251 22.09 -12.05 -2.22
C LEU A 251 20.70 -12.48 -2.70
N ASP A 252 20.13 -11.71 -3.61
CA ASP A 252 18.81 -11.99 -4.16
C ASP A 252 18.77 -13.33 -4.87
N ILE A 253 19.82 -13.65 -5.63
CA ILE A 253 19.87 -14.92 -6.35
C ILE A 253 19.73 -16.11 -5.39
N VAL A 254 20.33 -16.00 -4.22
CA VAL A 254 20.26 -17.07 -3.23
C VAL A 254 18.99 -16.95 -2.38
N ALA A 255 18.86 -15.81 -1.70
CA ALA A 255 17.73 -15.54 -0.83
C ALA A 255 16.37 -15.75 -1.48
N LYS A 256 16.26 -15.47 -2.77
CA LYS A 256 14.99 -15.65 -3.47
C LYS A 256 14.89 -16.89 -4.36
N TYR A 257 15.69 -16.94 -5.43
CA TYR A 257 15.62 -18.05 -6.37
C TYR A 257 16.07 -19.40 -5.83
N ILE A 258 17.32 -19.53 -5.40
CA ILE A 258 17.73 -20.83 -4.92
C ILE A 258 16.93 -21.21 -3.66
N PHE A 259 16.68 -20.23 -2.80
CA PHE A 259 15.91 -20.50 -1.58
C PHE A 259 14.50 -21.02 -1.91
N ALA A 260 13.80 -20.37 -2.82
CA ALA A 260 12.45 -20.77 -3.21
C ALA A 260 12.47 -22.15 -3.86
N PHE A 261 13.51 -22.41 -4.64
CA PHE A 261 13.65 -23.70 -5.32
C PHE A 261 13.77 -24.78 -4.25
N LEU A 262 14.61 -24.54 -3.24
CA LEU A 262 14.82 -25.50 -2.15
C LEU A 262 13.55 -25.79 -1.33
N LEU A 263 12.81 -24.74 -0.98
CA LEU A 263 11.56 -24.90 -0.22
C LEU A 263 10.56 -25.69 -1.05
N LEU A 264 10.44 -25.34 -2.33
CA LEU A 264 9.52 -26.03 -3.24
C LEU A 264 9.94 -27.47 -3.53
N ASN A 265 11.23 -27.78 -3.36
CA ASN A 265 11.73 -29.14 -3.59
C ASN A 265 11.17 -30.02 -2.49
N TYR A 266 11.15 -29.49 -1.27
CA TYR A 266 10.63 -30.26 -0.16
C TYR A 266 9.11 -30.41 -0.29
N LEU A 267 8.43 -29.29 -0.50
CA LEU A 267 6.97 -29.28 -0.61
C LEU A 267 6.43 -30.22 -1.68
N THR A 268 7.03 -30.16 -2.87
CA THR A 268 6.60 -30.95 -4.01
C THR A 268 6.87 -32.46 -3.81
N SER A 269 7.63 -32.81 -2.77
CA SER A 269 7.90 -34.22 -2.48
C SER A 269 7.30 -34.64 -1.13
N ASN A 270 6.74 -33.70 -0.40
CA ASN A 270 6.16 -34.00 0.90
C ASN A 270 4.87 -33.25 1.14
N GLU A 271 3.99 -33.28 0.14
CA GLU A 271 2.71 -32.59 0.22
C GLU A 271 1.91 -33.03 1.43
N GLY A 272 1.87 -34.34 1.65
CA GLY A 272 1.12 -34.92 2.74
C GLY A 272 1.44 -34.38 4.13
N VAL A 273 2.72 -34.06 4.34
CA VAL A 273 3.17 -33.55 5.64
C VAL A 273 2.60 -32.18 6.02
N VAL A 274 2.42 -31.30 5.04
CA VAL A 274 1.90 -29.96 5.30
C VAL A 274 0.47 -29.82 4.80
N SER A 275 -0.14 -30.92 4.36
CA SER A 275 -1.48 -30.86 3.82
C SER A 275 -2.58 -30.46 4.80
N GLY A 276 -2.47 -30.89 6.05
CA GLY A 276 -3.47 -30.55 7.05
C GLY A 276 -4.69 -29.81 6.52
N SER A 277 -4.83 -28.55 6.90
CA SER A 277 -5.97 -27.73 6.49
C SER A 277 -5.59 -26.25 6.41
N VAL B 19 11.40 23.64 -3.16
CA VAL B 19 12.19 23.67 -1.89
C VAL B 19 12.86 22.31 -1.69
N THR B 20 13.94 22.31 -0.91
CA THR B 20 14.71 21.10 -0.65
C THR B 20 14.27 20.34 0.61
N GLN B 21 14.66 19.07 0.70
CA GLN B 21 14.31 18.27 1.87
C GLN B 21 15.02 18.82 3.10
N ARG B 22 16.30 19.17 2.92
CA ARG B 22 17.08 19.72 4.02
C ARG B 22 16.50 21.04 4.52
N GLU B 23 16.03 21.86 3.60
CA GLU B 23 15.45 23.14 3.95
C GLU B 23 14.19 22.94 4.79
N LEU B 24 13.42 21.90 4.48
CA LEU B 24 12.22 21.61 5.26
C LEU B 24 12.62 21.09 6.63
N PHE B 25 13.64 20.22 6.65
CA PHE B 25 14.18 19.65 7.89
C PHE B 25 14.67 20.77 8.83
N GLU B 26 15.30 21.80 8.25
CA GLU B 26 15.81 22.91 9.03
C GLU B 26 14.66 23.81 9.46
N PHE B 27 13.63 23.91 8.60
CA PHE B 27 12.48 24.73 8.95
C PHE B 27 11.85 24.18 10.24
N VAL B 28 11.72 22.86 10.34
CA VAL B 28 11.16 22.22 11.53
C VAL B 28 12.09 22.38 12.72
N LEU B 29 13.37 22.05 12.56
CA LEU B 29 14.32 22.31 13.64
C LEU B 29 14.24 23.83 13.63
N ASN B 30 14.93 24.51 14.52
CA ASN B 30 14.90 25.98 14.46
C ASN B 30 13.57 26.66 14.74
N ASP B 31 12.47 25.92 14.74
CA ASP B 31 11.16 26.49 15.08
C ASP B 31 10.72 25.71 16.33
N PRO B 32 10.75 26.34 17.50
CA PRO B 32 10.34 25.67 18.74
C PRO B 32 8.98 24.96 18.69
N LEU B 33 7.96 25.62 18.13
CA LEU B 33 6.62 25.03 18.04
C LEU B 33 6.62 23.74 17.23
N LEU B 34 7.12 23.82 16.01
CA LEU B 34 7.20 22.70 15.08
C LEU B 34 8.09 21.57 15.60
N ALA B 35 9.32 21.90 15.95
CA ALA B 35 10.27 20.91 16.43
C ALA B 35 9.73 20.15 17.64
N SER B 36 9.07 20.88 18.54
CA SER B 36 8.53 20.24 19.73
C SER B 36 7.35 19.34 19.34
N SER B 37 6.48 19.82 18.46
CA SER B 37 5.30 19.05 18.06
C SER B 37 5.67 17.74 17.37
N LEU B 38 6.92 17.64 16.90
CA LEU B 38 7.37 16.44 16.20
C LEU B 38 8.38 15.59 17.00
N TYR B 39 9.47 16.20 17.45
CA TYR B 39 10.48 15.45 18.20
C TYR B 39 9.95 14.84 19.50
N ILE B 40 9.00 15.50 20.13
CA ILE B 40 8.44 14.98 21.36
C ILE B 40 7.67 13.69 21.06
N ASN B 41 6.99 13.67 19.91
CA ASN B 41 6.24 12.49 19.50
C ASN B 41 7.21 11.36 19.16
N ILE B 42 8.38 11.70 18.63
CA ILE B 42 9.36 10.67 18.30
C ILE B 42 9.82 9.99 19.59
N ALA B 43 10.19 10.82 20.57
CA ALA B 43 10.67 10.32 21.85
C ALA B 43 9.63 9.54 22.66
N LEU B 44 8.40 10.06 22.75
CA LEU B 44 7.37 9.35 23.52
C LEU B 44 7.00 8.04 22.86
N ALA B 45 7.04 8.01 21.53
CA ALA B 45 6.73 6.80 20.78
C ALA B 45 7.81 5.77 21.12
N GLY B 46 9.06 6.22 21.13
CA GLY B 46 10.16 5.32 21.44
C GLY B 46 10.01 4.71 22.82
N LEU B 47 9.75 5.56 23.81
CA LEU B 47 9.56 5.09 25.18
C LEU B 47 8.31 4.22 25.30
N SER B 48 7.27 4.53 24.53
CA SER B 48 6.04 3.74 24.59
C SER B 48 6.21 2.32 24.04
N ILE B 49 7.07 2.15 23.03
CA ILE B 49 7.30 0.83 22.47
C ILE B 49 7.93 -0.03 23.56
N LEU B 50 8.94 0.51 24.23
CA LEU B 50 9.62 -0.22 25.29
C LEU B 50 8.60 -0.59 26.37
N LEU B 51 7.93 0.43 26.92
CA LEU B 51 6.91 0.21 27.95
C LEU B 51 5.85 -0.81 27.54
N PHE B 52 5.39 -0.73 26.29
CA PHE B 52 4.35 -1.65 25.84
C PHE B 52 4.87 -3.08 25.70
N VAL B 53 6.11 -3.23 25.27
CA VAL B 53 6.70 -4.56 25.12
C VAL B 53 6.91 -5.11 26.53
N PHE B 54 7.36 -4.25 27.44
CA PHE B 54 7.58 -4.64 28.84
C PHE B 54 6.28 -5.11 29.51
N MET B 55 5.27 -4.23 29.52
CA MET B 55 3.96 -4.52 30.12
C MET B 55 3.40 -5.86 29.68
N THR B 56 3.64 -6.22 28.43
CA THR B 56 3.08 -7.45 27.88
C THR B 56 4.02 -8.66 27.84
N ARG B 57 5.16 -8.57 28.50
CA ARG B 57 6.12 -9.67 28.52
C ARG B 57 5.53 -10.96 29.12
N GLY B 58 4.42 -10.83 29.83
CA GLY B 58 3.83 -11.99 30.46
C GLY B 58 2.65 -12.66 29.78
N LEU B 59 2.10 -12.06 28.73
CA LEU B 59 0.98 -12.68 28.06
C LEU B 59 1.34 -14.08 27.57
N ASP B 60 0.37 -14.98 27.55
CA ASP B 60 0.61 -16.35 27.08
C ASP B 60 -0.36 -16.79 26.02
N ASP B 61 -1.60 -16.30 26.09
CA ASP B 61 -2.59 -16.70 25.10
C ASP B 61 -2.36 -16.09 23.72
N PRO B 62 -2.50 -16.91 22.67
CA PRO B 62 -2.31 -16.39 21.30
C PRO B 62 -3.25 -15.25 20.90
N ARG B 63 -4.53 -15.35 21.25
CA ARG B 63 -5.46 -14.30 20.89
C ARG B 63 -5.10 -12.97 21.58
N ALA B 64 -4.77 -13.06 22.86
CA ALA B 64 -4.40 -11.89 23.63
C ALA B 64 -3.15 -11.28 22.99
N LYS B 65 -2.15 -12.13 22.73
CA LYS B 65 -0.91 -11.69 22.12
C LYS B 65 -1.13 -10.97 20.79
N LEU B 66 -2.10 -11.41 20.01
CA LEU B 66 -2.38 -10.73 18.74
C LEU B 66 -2.78 -9.29 19.06
N ILE B 67 -3.63 -9.10 20.06
CA ILE B 67 -4.08 -7.77 20.47
C ILE B 67 -2.93 -6.90 20.94
N ALA B 68 -2.03 -7.48 21.72
CA ALA B 68 -0.87 -6.76 22.24
C ALA B 68 0.13 -6.29 21.18
N VAL B 69 0.36 -7.11 20.15
CA VAL B 69 1.30 -6.75 19.10
C VAL B 69 0.69 -5.72 18.14
N SER B 70 -0.60 -5.87 17.90
CA SER B 70 -1.32 -4.96 17.02
C SER B 70 -1.25 -3.55 17.65
N THR B 71 -1.33 -3.50 18.98
CA THR B 71 -1.28 -2.24 19.72
C THR B 71 0.14 -1.69 19.80
N ILE B 72 1.08 -2.60 20.02
CA ILE B 72 2.48 -2.21 20.09
C ILE B 72 2.87 -1.55 18.77
N LEU B 73 2.31 -2.04 17.67
CA LEU B 73 2.62 -1.49 16.36
C LEU B 73 2.22 -0.03 16.25
N VAL B 74 1.27 0.41 17.09
CA VAL B 74 0.85 1.81 17.06
C VAL B 74 2.05 2.74 17.27
N PRO B 75 2.76 2.63 18.41
CA PRO B 75 3.90 3.53 18.54
C PRO B 75 5.05 3.26 17.56
N VAL B 76 5.09 2.06 16.97
CA VAL B 76 6.14 1.73 15.99
C VAL B 76 5.87 2.57 14.74
N VAL B 77 4.64 2.51 14.25
CA VAL B 77 4.26 3.28 13.09
C VAL B 77 4.44 4.77 13.40
N SER B 78 4.27 5.13 14.67
CA SER B 78 4.37 6.53 15.06
C SER B 78 5.80 7.06 15.13
N ILE B 79 6.73 6.27 15.65
CA ILE B 79 8.10 6.77 15.73
C ILE B 79 8.68 6.84 14.32
N ALA B 80 8.18 6.00 13.41
CA ALA B 80 8.66 5.98 12.04
C ALA B 80 8.08 7.13 11.21
N SER B 81 6.76 7.24 11.21
CA SER B 81 6.08 8.28 10.45
C SER B 81 6.44 9.69 10.93
N TYR B 82 6.62 9.87 12.23
CA TYR B 82 6.99 11.20 12.70
C TYR B 82 8.42 11.50 12.27
N THR B 83 9.27 10.46 12.21
CA THR B 83 10.64 10.69 11.76
C THR B 83 10.57 11.12 10.30
N GLY B 84 9.60 10.55 9.57
CA GLY B 84 9.43 10.92 8.19
C GLY B 84 9.12 12.40 8.09
N LEU B 85 8.36 12.89 9.06
CA LEU B 85 8.01 14.31 9.07
C LEU B 85 9.20 15.18 9.49
N ALA B 86 9.80 14.87 10.62
CA ALA B 86 10.93 15.65 11.12
C ALA B 86 12.11 15.74 10.16
N SER B 87 12.32 14.71 9.34
CA SER B 87 13.45 14.70 8.40
C SER B 87 13.09 15.46 7.12
N GLY B 88 11.81 15.82 7.00
CA GLY B 88 11.36 16.55 5.83
C GLY B 88 10.96 15.68 4.67
N LEU B 89 11.16 14.36 4.80
CA LEU B 89 10.81 13.41 3.76
C LEU B 89 9.32 13.45 3.42
N THR B 90 8.48 13.56 4.43
CA THR B 90 7.04 13.59 4.19
C THR B 90 6.40 14.97 4.37
N ILE B 91 7.22 16.02 4.36
CA ILE B 91 6.72 17.39 4.47
C ILE B 91 6.91 18.03 3.09
N SER B 92 5.95 18.86 2.67
CA SER B 92 6.02 19.52 1.36
C SER B 92 5.42 20.94 1.43
N VAL B 93 5.62 21.71 0.36
CA VAL B 93 5.09 23.08 0.27
C VAL B 93 4.03 23.16 -0.81
N LEU B 94 2.81 23.54 -0.44
CA LEU B 94 1.72 23.63 -1.39
C LEU B 94 1.04 25.00 -1.41
N GLU B 95 0.71 25.47 -2.61
CA GLU B 95 0.02 26.74 -2.76
C GLU B 95 -1.48 26.44 -2.70
N MET B 96 -2.16 27.11 -1.77
CA MET B 96 -3.60 26.91 -1.60
C MET B 96 -4.39 27.54 -2.73
N PRO B 97 -5.54 26.94 -3.08
CA PRO B 97 -6.39 27.44 -4.17
C PRO B 97 -7.07 28.78 -3.84
N ALA B 98 -7.44 29.51 -4.89
CA ALA B 98 -8.10 30.80 -4.73
C ALA B 98 -9.35 30.68 -3.85
N GLY B 99 -9.45 31.54 -2.85
CA GLY B 99 -10.59 31.50 -1.95
C GLY B 99 -10.28 30.85 -0.62
N HIS B 100 -9.31 29.95 -0.62
CA HIS B 100 -8.89 29.28 0.59
C HIS B 100 -8.43 30.36 1.57
N PHE B 101 -8.80 30.23 2.84
CA PHE B 101 -8.41 31.23 3.83
C PHE B 101 -6.91 31.34 4.06
N ALA B 102 -6.14 30.37 3.58
CA ALA B 102 -4.69 30.41 3.75
C ALA B 102 -4.03 30.81 2.45
N GLU B 103 -4.84 31.17 1.46
CA GLU B 103 -4.33 31.59 0.17
C GLU B 103 -3.44 32.82 0.37
N GLY B 104 -2.47 32.99 -0.52
CA GLY B 104 -1.59 34.15 -0.41
C GLY B 104 -0.63 34.06 0.74
N SER B 105 -0.38 32.85 1.22
CA SER B 105 0.55 32.65 2.32
C SER B 105 1.92 32.35 1.68
N SER B 106 2.98 32.63 2.43
CA SER B 106 4.34 32.40 1.96
C SER B 106 5.12 32.01 3.21
N VAL B 107 6.34 31.51 3.10
CA VAL B 107 7.02 31.11 4.32
C VAL B 107 8.55 31.31 4.55
N MET B 108 9.37 31.30 3.51
CA MET B 108 10.83 31.48 3.69
C MET B 108 11.48 30.14 4.03
N LEU B 109 12.01 29.48 3.00
CA LEU B 109 12.62 28.18 3.18
C LEU B 109 14.08 28.09 2.77
N GLY B 110 14.40 28.31 1.51
CA GLY B 110 15.80 28.24 1.14
C GLY B 110 16.43 29.58 1.43
N GLY B 111 15.89 30.25 2.44
CA GLY B 111 16.38 31.56 2.79
C GLY B 111 15.60 32.59 2.01
N GLU B 112 14.59 32.15 1.26
CA GLU B 112 13.80 33.08 0.48
C GLU B 112 12.29 32.91 0.59
N GLU B 113 11.55 33.97 0.26
CA GLU B 113 10.10 33.96 0.31
C GLU B 113 9.57 32.89 -0.65
N VAL B 114 8.92 31.88 -0.10
CA VAL B 114 8.35 30.82 -0.93
C VAL B 114 6.85 30.90 -0.72
N ASP B 115 6.10 30.98 -1.82
CA ASP B 115 4.65 31.05 -1.69
C ASP B 115 4.09 29.68 -1.31
N GLY B 116 3.06 29.69 -0.46
CA GLY B 116 2.44 28.45 -0.05
C GLY B 116 2.52 28.20 1.44
N VAL B 117 2.18 26.96 1.83
CA VAL B 117 2.20 26.58 3.23
C VAL B 117 2.86 25.23 3.40
N VAL B 118 3.69 25.13 4.42
CA VAL B 118 4.37 23.88 4.69
C VAL B 118 3.26 22.91 5.07
N THR B 119 3.20 21.80 4.34
CA THR B 119 2.17 20.80 4.51
C THR B 119 2.72 19.46 5.01
N MET B 120 2.32 19.08 6.21
CA MET B 120 2.76 17.83 6.81
C MET B 120 1.87 16.67 6.37
N TRP B 121 1.94 16.34 5.08
CA TRP B 121 1.12 15.26 4.57
C TRP B 121 1.48 13.90 5.18
N GLY B 122 2.64 13.82 5.81
CA GLY B 122 3.02 12.56 6.43
C GLY B 122 2.04 12.11 7.51
N ARG B 123 1.30 13.04 8.10
CA ARG B 123 0.34 12.72 9.16
C ARG B 123 -0.74 11.73 8.73
N TYR B 124 -1.13 11.81 7.46
CA TYR B 124 -2.14 10.90 6.96
C TYR B 124 -1.57 9.50 6.84
N LEU B 125 -0.25 9.40 6.63
CA LEU B 125 0.39 8.09 6.55
C LEU B 125 0.34 7.50 7.96
N THR B 126 0.68 8.33 8.94
CA THR B 126 0.65 7.90 10.35
C THR B 126 -0.71 7.31 10.70
N TRP B 127 -1.77 8.01 10.39
CA TRP B 127 -3.11 7.52 10.72
C TRP B 127 -3.56 6.35 9.85
N ALA B 128 -3.22 6.37 8.57
CA ALA B 128 -3.60 5.27 7.69
C ALA B 128 -2.97 3.92 8.11
N LEU B 129 -1.82 3.97 8.78
CA LEU B 129 -1.13 2.77 9.21
C LEU B 129 -1.33 2.35 10.68
N SER B 130 -1.52 3.31 11.57
CA SER B 130 -1.70 2.97 12.97
C SER B 130 -3.15 2.67 13.35
N THR B 131 -4.11 3.41 12.82
CA THR B 131 -5.50 3.16 13.22
C THR B 131 -5.99 1.77 12.86
N PRO B 132 -5.55 1.24 11.70
CA PRO B 132 -6.03 -0.12 11.40
C PRO B 132 -5.61 -1.06 12.52
N MET B 133 -4.45 -0.78 13.10
CA MET B 133 -3.95 -1.62 14.17
C MET B 133 -4.73 -1.46 15.48
N ILE B 134 -5.02 -0.22 15.91
CA ILE B 134 -5.79 -0.02 17.13
C ILE B 134 -7.20 -0.56 16.91
N LEU B 135 -7.70 -0.47 15.69
CA LEU B 135 -9.03 -0.96 15.37
C LEU B 135 -9.09 -2.47 15.52
N LEU B 136 -8.08 -3.15 14.96
CA LEU B 136 -7.98 -4.60 15.03
C LEU B 136 -7.95 -4.99 16.51
N ALA B 137 -7.15 -4.28 17.29
CA ALA B 137 -7.04 -4.59 18.71
C ALA B 137 -8.38 -4.42 19.45
N LEU B 138 -9.10 -3.33 19.16
CA LEU B 138 -10.38 -3.05 19.80
C LEU B 138 -11.44 -4.04 19.36
N GLY B 139 -11.45 -4.34 18.06
CA GLY B 139 -12.41 -5.27 17.49
C GLY B 139 -12.32 -6.64 18.12
N LEU B 140 -11.09 -7.15 18.20
CA LEU B 140 -10.86 -8.45 18.79
C LEU B 140 -11.29 -8.40 20.26
N LEU B 141 -10.91 -7.34 20.95
CA LEU B 141 -11.25 -7.17 22.36
C LEU B 141 -12.78 -7.22 22.54
N ALA B 142 -13.51 -6.63 21.60
CA ALA B 142 -14.96 -6.61 21.66
C ALA B 142 -15.64 -7.88 21.13
N GLY B 143 -14.84 -8.88 20.76
CA GLY B 143 -15.40 -10.11 20.25
C GLY B 143 -16.11 -9.92 18.92
N SER B 144 -15.64 -8.96 18.13
CA SER B 144 -16.24 -8.68 16.84
C SER B 144 -16.06 -9.85 15.86
N ASN B 145 -17.03 -10.02 14.97
CA ASN B 145 -16.90 -11.08 13.96
C ASN B 145 -16.05 -10.48 12.83
N ALA B 146 -15.85 -11.23 11.76
CA ALA B 146 -15.01 -10.77 10.66
C ALA B 146 -15.58 -9.61 9.86
N THR B 147 -16.88 -9.64 9.64
CA THR B 147 -17.58 -8.63 8.86
C THR B 147 -17.48 -7.20 9.37
N LYS B 148 -17.56 -7.01 10.68
CA LYS B 148 -17.52 -5.66 11.25
C LYS B 148 -16.08 -5.18 11.37
N LEU B 149 -15.16 -6.14 11.47
CA LEU B 149 -13.74 -5.83 11.56
C LEU B 149 -13.33 -5.29 10.19
N PHE B 150 -13.76 -5.99 9.15
CA PHE B 150 -13.45 -5.62 7.77
C PHE B 150 -14.00 -4.24 7.46
N THR B 151 -15.31 -4.08 7.62
CA THR B 151 -16.01 -2.82 7.36
C THR B 151 -15.33 -1.63 8.05
N ALA B 152 -14.99 -1.79 9.31
CA ALA B 152 -14.34 -0.74 10.08
C ALA B 152 -12.96 -0.37 9.54
N ILE B 153 -12.11 -1.38 9.32
CA ILE B 153 -10.76 -1.13 8.83
C ILE B 153 -10.74 -0.55 7.42
N THR B 154 -11.55 -1.10 6.52
CA THR B 154 -11.59 -0.58 5.16
C THR B 154 -12.01 0.89 5.11
N PHE B 155 -13.13 1.22 5.76
CA PHE B 155 -13.59 2.60 5.77
C PHE B 155 -12.67 3.53 6.56
N ASP B 156 -11.98 2.97 7.56
CA ASP B 156 -11.05 3.76 8.35
C ASP B 156 -9.89 4.18 7.45
N ILE B 157 -9.47 3.26 6.57
CA ILE B 157 -8.38 3.54 5.65
C ILE B 157 -8.86 4.51 4.56
N ALA B 158 -10.05 4.27 4.03
CA ALA B 158 -10.58 5.17 2.99
C ALA B 158 -10.69 6.59 3.57
N MET B 159 -10.97 6.67 4.87
CA MET B 159 -11.08 7.94 5.58
C MET B 159 -9.73 8.67 5.58
N CYS B 160 -8.71 7.97 6.07
CA CYS B 160 -7.34 8.50 6.16
C CYS B 160 -6.77 8.93 4.82
N VAL B 161 -7.05 8.15 3.77
CA VAL B 161 -6.54 8.43 2.44
C VAL B 161 -7.28 9.59 1.76
N THR B 162 -8.60 9.63 1.90
CA THR B 162 -9.34 10.72 1.29
C THR B 162 -8.95 12.02 1.99
N GLY B 163 -8.59 11.91 3.27
CA GLY B 163 -8.17 13.08 4.01
C GLY B 163 -6.86 13.56 3.38
N LEU B 164 -5.96 12.61 3.10
CA LEU B 164 -4.69 12.94 2.48
C LEU B 164 -4.98 13.66 1.15
N ALA B 165 -5.89 13.08 0.37
CA ALA B 165 -6.25 13.66 -0.90
C ALA B 165 -6.68 15.11 -0.70
N ALA B 166 -7.48 15.36 0.33
CA ALA B 166 -7.94 16.71 0.64
C ALA B 166 -6.76 17.64 0.90
N ALA B 167 -5.83 17.17 1.71
CA ALA B 167 -4.64 17.94 2.05
C ALA B 167 -3.81 18.27 0.80
N LEU B 168 -3.68 17.32 -0.13
CA LEU B 168 -2.89 17.57 -1.33
C LEU B 168 -3.63 18.26 -2.47
N THR B 169 -4.92 18.50 -2.31
CA THR B 169 -5.67 19.15 -3.38
C THR B 169 -5.43 20.67 -3.38
N THR B 170 -4.92 21.17 -4.50
CA THR B 170 -4.62 22.59 -4.64
C THR B 170 -5.30 23.22 -5.86
N SER B 171 -5.98 22.40 -6.66
CA SER B 171 -6.66 22.88 -7.86
C SER B 171 -7.93 23.67 -7.60
N SER B 172 -8.65 23.31 -6.54
CA SER B 172 -9.91 23.95 -6.21
C SER B 172 -10.21 23.89 -4.72
N HIS B 173 -10.62 25.02 -4.15
CA HIS B 173 -10.94 25.10 -2.73
C HIS B 173 -12.13 24.17 -2.40
N LEU B 174 -13.11 24.14 -3.29
CA LEU B 174 -14.29 23.30 -3.07
C LEU B 174 -13.93 21.82 -3.12
N MET B 175 -12.98 21.46 -3.97
CA MET B 175 -12.55 20.07 -4.08
C MET B 175 -12.05 19.55 -2.74
N ARG B 176 -11.25 20.37 -2.05
CA ARG B 176 -10.70 19.98 -0.77
C ARG B 176 -11.83 19.62 0.20
N TRP B 177 -12.84 20.48 0.26
CA TRP B 177 -13.97 20.25 1.15
C TRP B 177 -14.84 19.08 0.69
N PHE B 178 -14.83 18.80 -0.60
CA PHE B 178 -15.60 17.67 -1.10
C PHE B 178 -14.87 16.41 -0.61
N TRP B 179 -13.53 16.45 -0.61
CA TRP B 179 -12.74 15.31 -0.14
C TRP B 179 -13.02 15.14 1.34
N TYR B 180 -13.16 16.26 2.03
CA TYR B 180 -13.45 16.27 3.44
C TYR B 180 -14.79 15.58 3.71
N ALA B 181 -15.80 15.91 2.93
CA ALA B 181 -17.13 15.32 3.10
C ALA B 181 -17.08 13.81 2.88
N ILE B 182 -16.34 13.38 1.85
CA ILE B 182 -16.18 11.97 1.53
C ILE B 182 -15.60 11.27 2.76
N SER B 183 -14.54 11.87 3.30
CA SER B 183 -13.82 11.37 4.45
C SER B 183 -14.62 11.36 5.76
N CYS B 184 -15.40 12.41 6.00
CA CYS B 184 -16.22 12.47 7.22
C CYS B 184 -17.24 11.34 7.19
N ALA B 185 -17.78 11.09 6.00
CA ALA B 185 -18.76 10.01 5.85
C ALA B 185 -18.14 8.69 6.31
N CYS B 186 -16.92 8.43 5.86
CA CYS B 186 -16.22 7.20 6.23
C CYS B 186 -15.97 7.18 7.75
N PHE B 187 -15.81 8.37 8.32
CA PHE B 187 -15.58 8.51 9.77
C PHE B 187 -16.78 8.05 10.59
N ILE B 188 -17.98 8.47 10.23
CA ILE B 188 -19.14 8.05 11.01
C ILE B 188 -19.35 6.55 10.93
N VAL B 189 -19.04 5.95 9.77
CA VAL B 189 -19.18 4.49 9.62
C VAL B 189 -18.26 3.84 10.64
N VAL B 190 -17.03 4.32 10.72
CA VAL B 190 -16.06 3.78 11.67
C VAL B 190 -16.46 4.03 13.13
N LEU B 191 -16.78 5.28 13.45
CA LEU B 191 -17.17 5.60 14.83
C LEU B 191 -18.37 4.76 15.25
N TYR B 192 -19.35 4.64 14.36
CA TYR B 192 -20.55 3.88 14.69
C TYR B 192 -20.24 2.45 15.16
N ILE B 193 -19.46 1.69 14.38
CA ILE B 193 -19.18 0.33 14.81
C ILE B 193 -18.30 0.36 16.05
N LEU B 194 -17.43 1.34 16.15
CA LEU B 194 -16.54 1.44 17.29
C LEU B 194 -17.30 1.65 18.60
N LEU B 195 -18.06 2.74 18.67
CA LEU B 195 -18.81 3.11 19.86
C LEU B 195 -20.13 2.38 20.09
N VAL B 196 -20.80 2.00 19.00
CA VAL B 196 -22.09 1.34 19.10
C VAL B 196 -21.99 -0.17 18.99
N GLU B 197 -21.71 -0.64 17.79
CA GLU B 197 -21.60 -2.06 17.51
C GLU B 197 -20.68 -2.82 18.45
N TRP B 198 -19.43 -2.40 18.55
CA TRP B 198 -18.50 -3.12 19.40
C TRP B 198 -18.78 -3.04 20.89
N ALA B 199 -19.39 -1.94 21.32
CA ALA B 199 -19.74 -1.78 22.72
C ALA B 199 -20.78 -2.84 23.07
N GLN B 200 -21.64 -3.12 22.08
CA GLN B 200 -22.69 -4.13 22.23
C GLN B 200 -22.17 -5.56 22.13
N ASP B 201 -21.17 -5.79 21.28
CA ASP B 201 -20.60 -7.13 21.12
C ASP B 201 -19.75 -7.48 22.32
N ALA B 202 -19.15 -6.45 22.91
CA ALA B 202 -18.28 -6.64 24.07
C ALA B 202 -19.02 -7.27 25.25
N LYS B 203 -20.33 -7.06 25.33
CA LYS B 203 -21.12 -7.63 26.42
C LYS B 203 -21.02 -9.16 26.40
N ALA B 204 -21.24 -9.74 25.22
CA ALA B 204 -21.14 -11.20 25.08
C ALA B 204 -19.71 -11.68 25.30
N ALA B 205 -18.73 -10.81 25.02
CA ALA B 205 -17.33 -11.20 25.15
C ALA B 205 -16.79 -10.99 26.57
N GLY B 206 -17.62 -10.39 27.41
CA GLY B 206 -17.22 -10.13 28.80
C GLY B 206 -16.27 -8.97 28.93
N THR B 207 -16.26 -8.08 27.94
CA THR B 207 -15.36 -6.93 27.98
C THR B 207 -16.07 -5.58 27.87
N ALA B 208 -17.39 -5.59 28.01
CA ALA B 208 -18.18 -4.36 27.91
C ALA B 208 -17.66 -3.20 28.75
N ASP B 209 -17.09 -3.50 29.92
CA ASP B 209 -16.58 -2.45 30.80
C ASP B 209 -15.41 -1.60 30.28
N ILE B 210 -14.45 -2.17 29.56
CA ILE B 210 -13.36 -1.34 29.08
C ILE B 210 -13.87 -0.32 28.06
N PHE B 211 -14.84 -0.71 27.26
CA PHE B 211 -15.41 0.22 26.28
C PHE B 211 -16.25 1.37 26.89
N SER B 212 -16.87 1.16 28.05
CA SER B 212 -17.68 2.22 28.64
C SER B 212 -16.80 3.18 29.44
N THR B 213 -15.70 2.67 29.97
CA THR B 213 -14.78 3.47 30.75
C THR B 213 -13.97 4.42 29.84
N LEU B 214 -13.74 4.01 28.61
CA LEU B 214 -12.98 4.80 27.65
C LEU B 214 -13.88 5.43 26.60
N LYS B 215 -15.20 5.32 26.80
CA LYS B 215 -16.16 5.86 25.85
C LYS B 215 -16.04 7.36 25.55
N LEU B 216 -15.96 8.18 26.60
CA LEU B 216 -15.87 9.63 26.40
C LEU B 216 -14.51 10.00 25.82
N LEU B 217 -13.46 9.34 26.29
CA LEU B 217 -12.11 9.58 25.81
C LEU B 217 -12.09 9.30 24.31
N THR B 218 -12.70 8.18 23.91
CA THR B 218 -12.73 7.78 22.52
C THR B 218 -13.50 8.72 21.60
N VAL B 219 -14.68 9.16 22.02
CA VAL B 219 -15.49 10.06 21.20
C VAL B 219 -14.82 11.42 21.04
N VAL B 220 -14.23 11.93 22.11
CA VAL B 220 -13.56 13.22 22.04
C VAL B 220 -12.29 13.20 21.18
N MET B 221 -11.42 12.21 21.36
CA MET B 221 -10.21 12.20 20.54
C MET B 221 -10.49 11.96 19.06
N TRP B 222 -11.38 11.03 18.73
CA TRP B 222 -11.69 10.77 17.34
C TRP B 222 -12.31 11.98 16.64
N LEU B 223 -13.32 12.61 17.25
CA LEU B 223 -13.94 13.80 16.66
C LEU B 223 -12.91 14.92 16.62
N GLY B 224 -11.91 14.84 17.50
CA GLY B 224 -10.87 15.85 17.54
C GLY B 224 -10.11 16.06 16.24
N TYR B 225 -9.90 15.00 15.45
CA TYR B 225 -9.15 15.14 14.20
C TYR B 225 -9.86 15.92 13.10
N PRO B 226 -11.11 15.55 12.76
CA PRO B 226 -11.80 16.31 11.71
C PRO B 226 -12.09 17.76 12.14
N ILE B 227 -12.12 18.01 13.44
CA ILE B 227 -12.35 19.36 13.96
C ILE B 227 -11.05 20.17 13.79
N VAL B 228 -9.90 19.58 14.13
CA VAL B 228 -8.62 20.25 13.95
C VAL B 228 -8.37 20.53 12.47
N TRP B 229 -8.77 19.60 11.60
CA TRP B 229 -8.57 19.81 10.17
C TRP B 229 -9.27 21.11 9.79
N ALA B 230 -10.59 21.11 9.92
CA ALA B 230 -11.44 22.25 9.60
C ALA B 230 -10.91 23.59 10.14
N LEU B 231 -10.43 23.57 11.37
CA LEU B 231 -9.91 24.79 12.00
C LEU B 231 -8.46 25.17 11.67
N GLY B 232 -7.63 24.18 11.36
CA GLY B 232 -6.23 24.44 11.06
C GLY B 232 -5.94 24.93 9.64
N VAL B 233 -4.66 25.14 9.35
CA VAL B 233 -4.23 25.62 8.03
C VAL B 233 -4.85 24.88 6.85
N GLU B 234 -5.16 23.61 7.04
CA GLU B 234 -5.75 22.83 5.94
C GLU B 234 -7.20 23.22 5.68
N GLY B 235 -7.87 23.67 6.73
CA GLY B 235 -9.27 24.06 6.62
C GLY B 235 -9.48 25.56 6.57
N VAL B 236 -10.15 26.12 7.58
CA VAL B 236 -10.46 27.55 7.64
C VAL B 236 -9.29 28.38 8.17
N ALA B 237 -8.24 27.68 8.60
CA ALA B 237 -7.03 28.32 9.08
C ALA B 237 -7.04 29.30 10.25
N VAL B 238 -7.86 29.08 11.28
CA VAL B 238 -7.81 29.99 12.42
C VAL B 238 -6.59 29.57 13.22
N LEU B 239 -6.11 28.34 12.98
CA LEU B 239 -4.90 27.87 13.65
C LEU B 239 -3.78 27.90 12.61
N PRO B 240 -2.67 28.61 12.92
CA PRO B 240 -1.56 28.66 11.96
C PRO B 240 -0.94 27.27 11.77
N VAL B 241 0.08 27.19 10.92
CA VAL B 241 0.74 25.92 10.63
C VAL B 241 1.27 25.24 11.90
N GLY B 242 1.95 26.00 12.75
CA GLY B 242 2.52 25.46 13.98
C GLY B 242 1.50 25.02 15.02
N TYR B 243 0.38 25.75 15.11
CA TYR B 243 -0.68 25.40 16.05
C TYR B 243 -1.46 24.21 15.49
N THR B 244 -1.52 24.16 14.17
CA THR B 244 -2.20 23.09 13.46
C THR B 244 -1.44 21.80 13.74
N SER B 245 -0.10 21.91 13.75
CA SER B 245 0.79 20.79 14.00
C SER B 245 0.65 20.30 15.44
N TRP B 246 0.61 21.23 16.39
CA TRP B 246 0.48 20.86 17.79
C TRP B 246 -0.89 20.30 18.16
N ALA B 247 -1.92 20.70 17.42
CA ALA B 247 -3.27 20.21 17.72
C ALA B 247 -3.36 18.73 17.32
N TYR B 248 -2.78 18.41 16.18
CA TYR B 248 -2.77 17.03 15.69
C TYR B 248 -1.82 16.19 16.54
N SER B 249 -0.74 16.81 17.00
CA SER B 249 0.25 16.14 17.82
C SER B 249 -0.27 15.82 19.22
N ALA B 250 -1.01 16.74 19.83
CA ALA B 250 -1.53 16.49 21.18
C ALA B 250 -2.56 15.36 21.07
N LEU B 251 -3.29 15.32 19.96
CA LEU B 251 -4.26 14.25 19.75
C LEU B 251 -3.51 12.93 19.63
N ASP B 252 -2.48 12.89 18.79
CA ASP B 252 -1.70 11.67 18.58
C ASP B 252 -1.15 11.14 19.90
N ILE B 253 -0.61 12.05 20.72
CA ILE B 253 -0.07 11.66 22.01
C ILE B 253 -1.13 10.93 22.83
N VAL B 254 -2.37 11.41 22.75
CA VAL B 254 -3.44 10.77 23.51
C VAL B 254 -3.79 9.40 22.91
N ALA B 255 -3.94 9.36 21.60
CA ALA B 255 -4.31 8.15 20.88
C ALA B 255 -3.25 7.03 20.77
N LYS B 256 -2.04 7.38 20.32
CA LYS B 256 -0.98 6.39 20.15
C LYS B 256 -0.29 5.95 21.43
N TYR B 257 -0.31 6.79 22.47
CA TYR B 257 0.38 6.42 23.71
C TYR B 257 -0.48 6.21 24.94
N ILE B 258 -1.19 7.24 25.42
CA ILE B 258 -1.98 7.02 26.62
C ILE B 258 -3.15 6.05 26.39
N PHE B 259 -3.87 6.22 25.30
CA PHE B 259 -4.99 5.34 24.99
C PHE B 259 -4.52 3.90 24.79
N ALA B 260 -3.44 3.73 24.03
CA ALA B 260 -2.90 2.41 23.78
C ALA B 260 -2.49 1.74 25.10
N PHE B 261 -1.93 2.55 26.00
CA PHE B 261 -1.49 2.09 27.30
C PHE B 261 -2.70 1.54 28.07
N LEU B 262 -3.76 2.32 28.08
CA LEU B 262 -5.00 1.96 28.77
C LEU B 262 -5.53 0.63 28.26
N LEU B 263 -5.50 0.45 26.95
CA LEU B 263 -5.99 -0.78 26.33
C LEU B 263 -5.10 -1.94 26.78
N LEU B 264 -3.81 -1.69 26.79
CA LEU B 264 -2.83 -2.69 27.19
C LEU B 264 -2.94 -3.02 28.68
N ASN B 265 -3.17 -1.99 29.48
CA ASN B 265 -3.30 -2.14 30.93
C ASN B 265 -4.50 -3.06 31.21
N TYR B 266 -5.55 -2.91 30.42
CA TYR B 266 -6.73 -3.74 30.59
C TYR B 266 -6.48 -5.16 30.08
N LEU B 267 -5.92 -5.26 28.87
CA LEU B 267 -5.62 -6.56 28.24
C LEU B 267 -4.86 -7.52 29.15
N THR B 268 -3.84 -6.99 29.84
CA THR B 268 -2.99 -7.76 30.71
C THR B 268 -3.70 -8.27 31.97
N SER B 269 -4.61 -7.46 32.49
CA SER B 269 -5.41 -7.82 33.68
C SER B 269 -6.55 -8.76 33.33
N ASN B 270 -6.91 -8.79 32.04
CA ASN B 270 -8.01 -9.62 31.56
C ASN B 270 -7.64 -10.65 30.53
N GLU B 271 -6.39 -11.08 30.53
CA GLU B 271 -5.94 -12.05 29.53
C GLU B 271 -6.85 -13.27 29.42
N GLY B 272 -7.14 -13.87 30.57
CA GLY B 272 -7.97 -15.06 30.61
C GLY B 272 -9.31 -14.92 29.90
N VAL B 273 -10.05 -13.85 30.20
CA VAL B 273 -11.35 -13.67 29.59
C VAL B 273 -11.24 -13.34 28.10
N VAL B 274 -10.25 -12.53 27.72
CA VAL B 274 -10.10 -12.19 26.31
C VAL B 274 -9.66 -13.42 25.54
N SER B 275 -9.05 -14.38 26.24
CA SER B 275 -8.60 -15.65 25.65
C SER B 275 -9.82 -16.47 25.30
N GLY B 276 -10.79 -16.50 26.23
CA GLY B 276 -12.01 -17.25 26.04
C GLY B 276 -12.32 -18.16 27.22
N GLU C 18 7.04 21.84 -15.20
CA GLU C 18 6.47 22.04 -13.84
C GLU C 18 4.99 22.43 -13.89
N VAL C 19 4.20 21.64 -14.62
CA VAL C 19 2.77 21.91 -14.73
C VAL C 19 2.14 21.79 -13.35
N THR C 20 1.14 22.63 -13.07
CA THR C 20 0.46 22.59 -11.77
C THR C 20 -0.79 21.73 -11.83
N GLN C 21 -1.26 21.32 -10.66
CA GLN C 21 -2.46 20.51 -10.56
C GLN C 21 -3.64 21.39 -10.98
N ARG C 22 -3.51 22.69 -10.77
CA ARG C 22 -4.55 23.65 -11.12
C ARG C 22 -4.77 23.69 -12.63
N GLU C 23 -3.68 23.61 -13.39
CA GLU C 23 -3.76 23.63 -14.84
C GLU C 23 -4.36 22.34 -15.39
N LEU C 24 -4.08 21.22 -14.74
CA LEU C 24 -4.60 19.92 -15.17
C LEU C 24 -6.09 19.86 -14.89
N PHE C 25 -6.50 20.49 -13.80
CA PHE C 25 -7.91 20.52 -13.42
C PHE C 25 -8.69 21.36 -14.44
N GLU C 26 -8.08 22.46 -14.89
CA GLU C 26 -8.73 23.31 -15.87
C GLU C 26 -8.71 22.65 -17.24
N PHE C 27 -7.65 21.92 -17.52
CA PHE C 27 -7.53 21.23 -18.80
C PHE C 27 -8.70 20.26 -18.96
N VAL C 28 -8.96 19.46 -17.93
CA VAL C 28 -10.07 18.51 -17.98
C VAL C 28 -11.38 19.27 -18.23
N LEU C 29 -11.63 20.33 -17.47
CA LEU C 29 -12.82 21.13 -17.70
C LEU C 29 -12.50 21.80 -19.04
N ASN C 30 -13.51 22.29 -19.75
CA ASN C 30 -13.22 22.93 -21.03
C ASN C 30 -12.72 21.90 -22.04
N ASP C 31 -12.98 20.63 -21.72
CA ASP C 31 -12.60 19.52 -22.59
C ASP C 31 -13.77 18.55 -22.40
N PRO C 32 -14.91 18.86 -23.02
CA PRO C 32 -16.16 18.09 -22.97
C PRO C 32 -15.99 16.59 -22.70
N LEU C 33 -15.36 15.89 -23.64
CA LEU C 33 -15.16 14.45 -23.48
C LEU C 33 -14.49 14.06 -22.17
N LEU C 34 -13.33 14.66 -21.88
CA LEU C 34 -12.61 14.37 -20.65
C LEU C 34 -13.48 14.65 -19.42
N ALA C 35 -14.07 15.84 -19.38
CA ALA C 35 -14.92 16.24 -18.26
C ALA C 35 -16.10 15.30 -18.01
N SER C 36 -16.79 14.91 -19.08
CA SER C 36 -17.94 14.02 -18.95
C SER C 36 -17.55 12.59 -18.60
N SER C 37 -16.44 12.11 -19.16
CA SER C 37 -16.01 10.75 -18.87
C SER C 37 -15.65 10.64 -17.38
N LEU C 38 -15.12 11.71 -16.83
CA LEU C 38 -14.72 11.75 -15.43
C LEU C 38 -15.86 12.15 -14.50
N TYR C 39 -16.59 13.20 -14.86
CA TYR C 39 -17.68 13.66 -14.00
C TYR C 39 -18.92 12.77 -14.01
N ILE C 40 -19.19 12.08 -15.11
CA ILE C 40 -20.36 11.20 -15.16
C ILE C 40 -20.12 10.03 -14.20
N ASN C 41 -18.84 9.63 -14.07
CA ASN C 41 -18.50 8.52 -13.18
C ASN C 41 -18.63 8.92 -11.70
N ILE C 42 -18.32 10.17 -11.39
CA ILE C 42 -18.45 10.64 -10.01
C ILE C 42 -19.91 10.55 -9.62
N ALA C 43 -20.77 11.12 -10.46
CA ALA C 43 -22.22 11.13 -10.20
C ALA C 43 -22.79 9.72 -10.09
N LEU C 44 -22.48 8.86 -11.05
CA LEU C 44 -22.98 7.49 -11.05
C LEU C 44 -22.50 6.64 -9.88
N ALA C 45 -21.29 6.92 -9.39
CA ALA C 45 -20.74 6.17 -8.25
C ALA C 45 -21.42 6.64 -6.97
N GLY C 46 -21.78 7.92 -6.95
CA GLY C 46 -22.42 8.50 -5.78
C GLY C 46 -23.77 7.87 -5.53
N LEU C 47 -24.62 7.88 -6.55
CA LEU C 47 -25.94 7.29 -6.39
C LEU C 47 -25.77 5.81 -6.02
N SER C 48 -24.88 5.12 -6.75
CA SER C 48 -24.62 3.71 -6.48
C SER C 48 -24.49 3.41 -4.99
N ILE C 49 -23.65 4.18 -4.31
CA ILE C 49 -23.46 3.98 -2.89
C ILE C 49 -24.79 4.08 -2.14
N LEU C 50 -25.68 4.95 -2.62
CA LEU C 50 -27.00 5.15 -2.02
C LEU C 50 -27.92 4.00 -2.36
N LEU C 51 -28.01 3.70 -3.65
CA LEU C 51 -28.86 2.60 -4.12
C LEU C 51 -28.44 1.27 -3.50
N PHE C 52 -27.13 1.04 -3.41
CA PHE C 52 -26.61 -0.21 -2.85
C PHE C 52 -26.84 -0.29 -1.35
N VAL C 53 -26.78 0.84 -0.68
CA VAL C 53 -27.02 0.85 0.75
C VAL C 53 -28.49 0.54 0.95
N PHE C 54 -29.33 1.06 0.06
CA PHE C 54 -30.76 0.84 0.16
C PHE C 54 -31.17 -0.61 -0.11
N MET C 55 -30.69 -1.14 -1.22
CA MET C 55 -30.99 -2.52 -1.63
C MET C 55 -30.61 -3.59 -0.62
N THR C 56 -29.59 -3.31 0.19
CA THR C 56 -29.09 -4.30 1.15
C THR C 56 -29.35 -4.04 2.63
N ARG C 57 -30.23 -3.09 2.95
CA ARG C 57 -30.55 -2.82 4.35
C ARG C 57 -31.34 -4.00 4.94
N GLY C 58 -31.82 -4.89 4.08
CA GLY C 58 -32.57 -6.03 4.56
C GLY C 58 -31.72 -7.14 5.16
N LEU C 59 -30.47 -7.22 4.72
CA LEU C 59 -29.50 -8.24 5.16
C LEU C 59 -29.29 -8.36 6.68
N ASP C 60 -29.12 -9.60 7.14
CA ASP C 60 -28.90 -9.87 8.56
C ASP C 60 -27.73 -10.83 8.75
N ASP C 61 -27.49 -11.69 7.76
CA ASP C 61 -26.43 -12.68 7.82
C ASP C 61 -25.05 -12.04 7.68
N PRO C 62 -24.15 -12.28 8.64
CA PRO C 62 -22.81 -11.69 8.55
C PRO C 62 -22.06 -12.00 7.26
N ARG C 63 -22.22 -13.22 6.76
CA ARG C 63 -21.56 -13.62 5.52
C ARG C 63 -22.16 -12.90 4.32
N ALA C 64 -23.49 -12.77 4.30
CA ALA C 64 -24.16 -12.08 3.21
C ALA C 64 -23.81 -10.60 3.26
N LYS C 65 -23.69 -10.07 4.48
CA LYS C 65 -23.35 -8.66 4.66
C LYS C 65 -21.90 -8.36 4.25
N LEU C 66 -20.97 -9.24 4.60
CA LEU C 66 -19.56 -9.06 4.26
C LEU C 66 -19.47 -8.90 2.74
N ILE C 67 -20.16 -9.78 2.02
CA ILE C 67 -20.18 -9.73 0.57
C ILE C 67 -20.80 -8.41 0.13
N ALA C 68 -21.80 -7.95 0.88
CA ALA C 68 -22.49 -6.69 0.56
C ALA C 68 -21.60 -5.45 0.69
N VAL C 69 -20.79 -5.40 1.74
CA VAL C 69 -19.92 -4.24 1.95
C VAL C 69 -18.69 -4.24 1.06
N SER C 70 -18.19 -5.42 0.71
CA SER C 70 -17.03 -5.50 -0.18
C SER C 70 -17.47 -4.87 -1.50
N THR C 71 -18.69 -5.18 -1.89
CA THR C 71 -19.27 -4.68 -3.12
C THR C 71 -19.56 -3.18 -3.04
N ILE C 72 -20.06 -2.72 -1.90
CA ILE C 72 -20.36 -1.29 -1.74
C ILE C 72 -19.07 -0.48 -1.76
N LEU C 73 -17.98 -1.09 -1.28
CA LEU C 73 -16.68 -0.40 -1.29
C LEU C 73 -16.18 -0.10 -2.70
N VAL C 74 -16.72 -0.82 -3.69
CA VAL C 74 -16.32 -0.60 -5.07
C VAL C 74 -16.69 0.81 -5.55
N PRO C 75 -17.97 1.20 -5.42
CA PRO C 75 -18.34 2.54 -5.87
C PRO C 75 -17.73 3.61 -4.96
N VAL C 76 -17.42 3.23 -3.73
CA VAL C 76 -16.78 4.18 -2.82
C VAL C 76 -15.38 4.46 -3.39
N VAL C 77 -14.66 3.39 -3.70
CA VAL C 77 -13.32 3.52 -4.28
C VAL C 77 -13.39 4.35 -5.55
N SER C 78 -14.41 4.10 -6.37
CA SER C 78 -14.56 4.81 -7.63
C SER C 78 -14.85 6.31 -7.51
N ILE C 79 -15.81 6.69 -6.67
CA ILE C 79 -16.15 8.11 -6.51
C ILE C 79 -14.94 8.86 -5.98
N ALA C 80 -14.15 8.19 -5.15
CA ALA C 80 -12.97 8.80 -4.56
C ALA C 80 -11.82 8.91 -5.55
N SER C 81 -11.59 7.84 -6.30
CA SER C 81 -10.51 7.82 -7.27
C SER C 81 -10.79 8.74 -8.45
N TYR C 82 -12.05 8.82 -8.85
CA TYR C 82 -12.44 9.69 -9.97
C TYR C 82 -12.33 11.16 -9.58
N THR C 83 -12.47 11.43 -8.27
CA THR C 83 -12.34 12.78 -7.76
C THR C 83 -10.85 13.14 -7.77
N GLY C 84 -9.99 12.15 -7.55
CA GLY C 84 -8.57 12.39 -7.56
C GLY C 84 -8.19 12.86 -8.95
N LEU C 85 -8.67 12.13 -9.94
CA LEU C 85 -8.43 12.45 -11.34
C LEU C 85 -9.02 13.81 -11.70
N ALA C 86 -10.30 14.01 -11.35
CA ALA C 86 -10.99 15.25 -11.66
C ALA C 86 -10.27 16.46 -11.08
N SER C 87 -9.73 16.31 -9.88
CA SER C 87 -9.02 17.38 -9.19
C SER C 87 -7.64 17.64 -9.77
N GLY C 88 -7.17 16.74 -10.63
CA GLY C 88 -5.84 16.90 -11.21
C GLY C 88 -4.77 16.24 -10.35
N LEU C 89 -5.15 15.88 -9.13
CA LEU C 89 -4.23 15.25 -8.18
C LEU C 89 -3.50 14.04 -8.75
N THR C 90 -4.23 13.17 -9.42
CA THR C 90 -3.64 11.95 -9.99
C THR C 90 -3.45 11.98 -11.50
N ILE C 91 -3.13 13.16 -12.02
CA ILE C 91 -2.87 13.30 -13.45
C ILE C 91 -1.47 13.88 -13.60
N SER C 92 -0.78 13.50 -14.66
CA SER C 92 0.55 14.01 -14.95
C SER C 92 0.69 14.08 -16.45
N VAL C 93 1.69 14.84 -16.89
CA VAL C 93 2.00 14.96 -18.30
C VAL C 93 3.32 14.22 -18.46
N LEU C 94 3.34 13.23 -19.34
CA LEU C 94 4.54 12.43 -19.56
C LEU C 94 4.93 12.43 -21.04
N GLU C 95 6.23 12.30 -21.31
CA GLU C 95 6.72 12.23 -22.68
C GLU C 95 6.95 10.77 -23.04
N MET C 96 6.37 10.33 -24.14
CA MET C 96 6.52 8.94 -24.57
C MET C 96 7.86 8.68 -25.26
N PRO C 97 8.38 7.45 -25.17
CA PRO C 97 9.66 7.12 -25.79
C PRO C 97 9.57 6.89 -27.31
N ALA C 98 10.73 6.91 -27.96
CA ALA C 98 10.83 6.73 -29.41
C ALA C 98 10.03 5.51 -29.89
N GLY C 99 9.45 5.63 -31.08
CA GLY C 99 8.66 4.53 -31.61
C GLY C 99 7.22 4.52 -31.13
N HIS C 100 7.00 5.04 -29.92
CA HIS C 100 5.64 5.07 -29.40
C HIS C 100 4.77 5.98 -30.28
N PHE C 101 3.58 5.50 -30.63
CA PHE C 101 2.68 6.26 -31.49
C PHE C 101 2.23 7.59 -30.92
N ALA C 102 2.31 7.75 -29.60
CA ALA C 102 1.91 9.02 -29.00
C ALA C 102 3.14 9.90 -28.76
N GLU C 103 4.32 9.41 -29.11
CA GLU C 103 5.53 10.22 -28.94
C GLU C 103 5.40 11.41 -29.88
N GLY C 104 5.85 12.58 -29.44
CA GLY C 104 5.76 13.75 -30.27
C GLY C 104 4.45 14.48 -30.07
N SER C 105 3.74 14.14 -29.01
CA SER C 105 2.47 14.77 -28.69
C SER C 105 2.73 16.09 -27.95
N SER C 106 1.73 16.98 -27.99
CA SER C 106 1.80 18.28 -27.32
C SER C 106 0.43 18.57 -26.74
N VAL C 107 0.40 19.41 -25.72
CA VAL C 107 -0.86 19.77 -25.09
C VAL C 107 -0.77 21.18 -24.53
N MET C 108 -1.85 21.93 -24.67
CA MET C 108 -1.91 23.31 -24.17
C MET C 108 -2.28 23.35 -22.69
N LEU C 109 -1.36 23.83 -21.87
CA LEU C 109 -1.57 23.93 -20.44
C LEU C 109 -1.14 25.30 -19.97
N GLY C 110 -2.07 26.04 -19.39
CA GLY C 110 -1.75 27.37 -18.93
C GLY C 110 -1.50 28.25 -20.13
N GLY C 111 -0.43 29.03 -20.09
CA GLY C 111 -0.13 29.89 -21.22
C GLY C 111 1.03 29.43 -22.07
N GLU C 112 1.14 28.12 -22.30
CA GLU C 112 2.25 27.60 -23.10
C GLU C 112 2.07 26.15 -23.57
N GLU C 113 2.64 25.82 -24.72
CA GLU C 113 2.54 24.46 -25.27
C GLU C 113 3.42 23.52 -24.45
N VAL C 114 2.93 22.31 -24.17
CA VAL C 114 3.70 21.36 -23.38
C VAL C 114 3.84 19.98 -24.00
N ASP C 115 5.08 19.52 -24.10
CA ASP C 115 5.39 18.20 -24.66
C ASP C 115 4.80 17.10 -23.78
N GLY C 116 4.27 16.06 -24.42
CA GLY C 116 3.74 14.95 -23.65
C GLY C 116 2.29 14.58 -23.87
N VAL C 117 1.81 13.69 -23.01
CA VAL C 117 0.45 13.17 -23.05
C VAL C 117 -0.14 13.29 -21.64
N VAL C 118 -1.35 13.83 -21.52
CA VAL C 118 -1.99 13.94 -20.22
C VAL C 118 -2.27 12.50 -19.80
N THR C 119 -1.54 12.05 -18.78
CA THR C 119 -1.65 10.67 -18.30
C THR C 119 -2.50 10.47 -17.05
N MET C 120 -3.63 9.78 -17.25
CA MET C 120 -4.57 9.48 -16.19
C MET C 120 -4.08 8.27 -15.41
N TRP C 121 -2.94 8.41 -14.76
CA TRP C 121 -2.40 7.31 -14.01
C TRP C 121 -3.27 6.94 -12.82
N GLY C 122 -4.14 7.87 -12.41
CA GLY C 122 -5.02 7.62 -11.30
C GLY C 122 -5.95 6.43 -11.53
N ARG C 123 -6.27 6.14 -12.78
CA ARG C 123 -7.14 5.01 -13.07
C ARG C 123 -6.59 3.70 -12.49
N TYR C 124 -5.28 3.49 -12.58
CA TYR C 124 -4.68 2.25 -12.06
C TYR C 124 -4.84 2.09 -10.56
N LEU C 125 -5.06 3.19 -9.86
CA LEU C 125 -5.25 3.14 -8.42
C LEU C 125 -6.70 2.78 -8.15
N THR C 126 -7.57 3.04 -9.13
CA THR C 126 -8.99 2.72 -9.02
C THR C 126 -9.09 1.20 -9.11
N TRP C 127 -8.45 0.65 -10.14
CA TRP C 127 -8.48 -0.78 -10.36
C TRP C 127 -7.74 -1.57 -9.27
N ALA C 128 -6.63 -1.02 -8.80
CA ALA C 128 -5.85 -1.68 -7.77
C ALA C 128 -6.56 -1.82 -6.44
N LEU C 129 -7.41 -0.83 -6.11
CA LEU C 129 -8.14 -0.81 -4.86
C LEU C 129 -9.58 -1.33 -4.94
N SER C 130 -10.22 -1.22 -6.10
CA SER C 130 -11.58 -1.70 -6.20
C SER C 130 -11.68 -3.18 -6.58
N THR C 131 -10.89 -3.60 -7.57
CA THR C 131 -10.95 -5.00 -8.01
C THR C 131 -10.74 -6.05 -6.90
N PRO C 132 -9.88 -5.77 -5.91
CA PRO C 132 -9.72 -6.79 -4.87
C PRO C 132 -11.03 -6.97 -4.07
N MET C 133 -11.87 -5.94 -4.05
CA MET C 133 -13.12 -5.98 -3.32
C MET C 133 -14.17 -6.82 -4.07
N ILE C 134 -14.29 -6.58 -5.36
CA ILE C 134 -15.23 -7.30 -6.19
C ILE C 134 -14.77 -8.76 -6.28
N LEU C 135 -13.48 -8.98 -6.10
CA LEU C 135 -12.93 -10.32 -6.13
C LEU C 135 -13.18 -11.02 -4.80
N LEU C 136 -13.19 -10.24 -3.73
CA LEU C 136 -13.47 -10.79 -2.41
C LEU C 136 -14.97 -11.01 -2.24
N ALA C 137 -15.76 -10.43 -3.15
CA ALA C 137 -17.20 -10.56 -3.11
C ALA C 137 -17.61 -11.73 -3.99
N LEU C 138 -16.90 -11.92 -5.10
CA LEU C 138 -17.18 -13.01 -6.01
C LEU C 138 -16.65 -14.33 -5.46
N GLY C 139 -15.55 -14.26 -4.71
CA GLY C 139 -14.97 -15.47 -4.14
C GLY C 139 -15.85 -16.04 -3.04
N LEU C 140 -16.16 -15.22 -2.06
CA LEU C 140 -17.02 -15.64 -0.96
C LEU C 140 -18.36 -16.13 -1.50
N LEU C 141 -18.88 -15.44 -2.52
CA LEU C 141 -20.14 -15.79 -3.12
C LEU C 141 -20.07 -17.17 -3.79
N ALA C 142 -18.87 -17.58 -4.17
CA ALA C 142 -18.69 -18.88 -4.83
C ALA C 142 -18.32 -19.97 -3.83
N GLY C 143 -18.03 -19.58 -2.59
CA GLY C 143 -17.65 -20.56 -1.59
C GLY C 143 -16.17 -20.87 -1.63
N SER C 144 -15.41 -20.04 -2.33
CA SER C 144 -13.97 -20.19 -2.48
C SER C 144 -13.20 -20.38 -1.19
N ASN C 145 -12.26 -21.34 -1.16
CA ASN C 145 -11.47 -21.50 0.04
C ASN C 145 -10.51 -20.31 0.06
N ALA C 146 -9.66 -20.23 1.08
CA ALA C 146 -8.72 -19.12 1.19
C ALA C 146 -7.56 -19.09 0.20
N THR C 147 -7.15 -20.26 -0.29
CA THR C 147 -6.03 -20.33 -1.23
C THR C 147 -6.31 -19.66 -2.58
N LYS C 148 -7.45 -19.97 -3.17
CA LYS C 148 -7.83 -19.38 -4.46
C LYS C 148 -8.06 -17.89 -4.30
N LEU C 149 -8.78 -17.52 -3.24
CA LEU C 149 -9.10 -16.13 -2.94
C LEU C 149 -7.81 -15.32 -2.74
N PHE C 150 -6.79 -15.97 -2.19
CA PHE C 150 -5.51 -15.32 -1.95
C PHE C 150 -4.73 -15.16 -3.27
N THR C 151 -4.86 -16.16 -4.14
CA THR C 151 -4.19 -16.16 -5.44
C THR C 151 -4.77 -15.08 -6.36
N ALA C 152 -6.05 -15.21 -6.65
CA ALA C 152 -6.76 -14.27 -7.50
C ALA C 152 -6.47 -12.80 -7.19
N ILE C 153 -6.49 -12.45 -5.91
CA ILE C 153 -6.26 -11.07 -5.47
C ILE C 153 -4.80 -10.59 -5.57
N THR C 154 -3.86 -11.43 -5.14
CA THR C 154 -2.45 -11.04 -5.24
C THR C 154 -2.09 -10.78 -6.70
N PHE C 155 -2.41 -11.72 -7.57
CA PHE C 155 -2.09 -11.55 -8.99
C PHE C 155 -2.90 -10.42 -9.62
N ASP C 156 -4.07 -10.15 -9.05
CA ASP C 156 -4.91 -9.06 -9.53
C ASP C 156 -4.22 -7.73 -9.18
N ILE C 157 -3.72 -7.67 -7.95
CA ILE C 157 -3.02 -6.48 -7.50
C ILE C 157 -1.74 -6.29 -8.30
N ALA C 158 -0.99 -7.38 -8.52
CA ALA C 158 0.25 -7.32 -9.28
C ALA C 158 -0.05 -6.83 -10.70
N MET C 159 -1.21 -7.25 -11.23
CA MET C 159 -1.64 -6.88 -12.56
C MET C 159 -1.89 -5.37 -12.66
N CYS C 160 -2.67 -4.85 -11.70
CA CYS C 160 -3.02 -3.43 -11.69
C CYS C 160 -1.79 -2.56 -11.53
N VAL C 161 -0.90 -2.97 -10.62
CA VAL C 161 0.31 -2.20 -10.38
C VAL C 161 1.30 -2.27 -11.53
N THR C 162 1.42 -3.43 -12.18
CA THR C 162 2.36 -3.53 -13.30
C THR C 162 1.81 -2.79 -14.52
N GLY C 163 0.48 -2.65 -14.57
CA GLY C 163 -0.12 -1.91 -15.67
C GLY C 163 0.24 -0.44 -15.49
N LEU C 164 0.18 0.03 -14.25
CA LEU C 164 0.54 1.40 -13.93
C LEU C 164 2.01 1.62 -14.29
N ALA C 165 2.87 0.68 -13.90
CA ALA C 165 4.29 0.76 -14.21
C ALA C 165 4.46 0.97 -15.71
N ALA C 166 3.70 0.22 -16.50
CA ALA C 166 3.76 0.35 -17.94
C ALA C 166 3.37 1.78 -18.34
N ALA C 167 2.25 2.26 -17.80
CA ALA C 167 1.78 3.60 -18.11
C ALA C 167 2.79 4.65 -17.66
N LEU C 168 3.45 4.38 -16.52
CA LEU C 168 4.43 5.31 -15.97
C LEU C 168 5.81 5.22 -16.62
N THR C 169 6.06 4.17 -17.40
CA THR C 169 7.36 4.02 -18.05
C THR C 169 7.49 4.84 -19.32
N THR C 170 8.47 5.74 -19.35
CA THR C 170 8.70 6.62 -20.48
C THR C 170 10.10 6.50 -21.08
N SER C 171 10.95 5.70 -20.45
CA SER C 171 12.33 5.53 -20.91
C SER C 171 12.49 4.63 -22.13
N SER C 172 11.60 3.66 -22.26
CA SER C 172 11.70 2.70 -23.34
C SER C 172 10.36 2.18 -23.83
N HIS C 173 10.13 2.26 -25.14
CA HIS C 173 8.89 1.81 -25.74
C HIS C 173 8.75 0.31 -25.51
N LEU C 174 9.84 -0.41 -25.72
CA LEU C 174 9.86 -1.86 -25.55
C LEU C 174 9.54 -2.28 -24.11
N MET C 175 10.06 -1.52 -23.14
CA MET C 175 9.80 -1.83 -21.74
C MET C 175 8.30 -1.70 -21.41
N ARG C 176 7.63 -0.70 -21.98
CA ARG C 176 6.20 -0.53 -21.73
C ARG C 176 5.47 -1.82 -22.07
N TRP C 177 5.73 -2.37 -23.25
CA TRP C 177 5.08 -3.60 -23.67
C TRP C 177 5.53 -4.82 -22.87
N PHE C 178 6.72 -4.74 -22.26
CA PHE C 178 7.18 -5.86 -21.45
C PHE C 178 6.32 -5.81 -20.19
N TRP C 179 6.23 -4.62 -19.60
CA TRP C 179 5.40 -4.40 -18.42
C TRP C 179 3.97 -4.88 -18.73
N TYR C 180 3.49 -4.53 -19.91
CA TYR C 180 2.15 -4.91 -20.32
C TYR C 180 1.99 -6.42 -20.45
N ALA C 181 3.09 -7.13 -20.75
CA ALA C 181 3.05 -8.58 -20.89
C ALA C 181 3.05 -9.26 -19.52
N ILE C 182 3.77 -8.68 -18.57
CA ILE C 182 3.81 -9.23 -17.22
C ILE C 182 2.42 -9.05 -16.63
N SER C 183 1.86 -7.87 -16.83
CA SER C 183 0.52 -7.56 -16.33
C SER C 183 -0.50 -8.53 -16.93
N CYS C 184 -0.38 -8.78 -18.23
CA CYS C 184 -1.27 -9.70 -18.94
C CYS C 184 -1.20 -11.14 -18.40
N ALA C 185 0.00 -11.59 -18.01
CA ALA C 185 0.13 -12.95 -17.50
C ALA C 185 -0.59 -13.05 -16.16
N CYS C 186 -0.39 -12.06 -15.31
CA CYS C 186 -1.07 -12.03 -14.00
C CYS C 186 -2.57 -12.06 -14.29
N PHE C 187 -2.97 -11.30 -15.30
CA PHE C 187 -4.36 -11.20 -15.75
C PHE C 187 -4.93 -12.59 -16.04
N ILE C 188 -4.11 -13.45 -16.63
CA ILE C 188 -4.55 -14.81 -16.97
C ILE C 188 -4.84 -15.65 -15.73
N VAL C 189 -4.07 -15.46 -14.67
CA VAL C 189 -4.26 -16.22 -13.44
C VAL C 189 -5.62 -15.89 -12.83
N VAL C 190 -5.94 -14.60 -12.79
CA VAL C 190 -7.21 -14.14 -12.22
C VAL C 190 -8.39 -14.69 -13.03
N LEU C 191 -8.36 -14.50 -14.34
CA LEU C 191 -9.44 -14.98 -15.20
C LEU C 191 -9.62 -16.50 -15.14
N TYR C 192 -8.56 -17.22 -14.82
CA TYR C 192 -8.68 -18.67 -14.74
C TYR C 192 -9.38 -19.04 -13.45
N ILE C 193 -9.11 -18.30 -12.38
CA ILE C 193 -9.74 -18.59 -11.11
C ILE C 193 -11.23 -18.23 -11.14
N LEU C 194 -11.54 -17.02 -11.61
CA LEU C 194 -12.91 -16.54 -11.70
C LEU C 194 -13.78 -17.38 -12.64
N LEU C 195 -13.29 -17.60 -13.85
CA LEU C 195 -14.04 -18.36 -14.86
C LEU C 195 -14.11 -19.87 -14.68
N VAL C 196 -13.01 -20.47 -14.23
CA VAL C 196 -12.95 -21.92 -14.05
C VAL C 196 -13.11 -22.40 -12.61
N GLU C 197 -12.09 -22.19 -11.79
CA GLU C 197 -12.14 -22.62 -10.39
C GLU C 197 -13.38 -22.18 -9.64
N TRP C 198 -13.60 -20.87 -9.56
CA TRP C 198 -14.76 -20.38 -8.83
C TRP C 198 -16.07 -20.88 -9.42
N ALA C 199 -16.09 -21.04 -10.74
CA ALA C 199 -17.29 -21.54 -11.41
C ALA C 199 -17.64 -22.91 -10.83
N GLN C 200 -16.62 -23.72 -10.55
CA GLN C 200 -16.84 -25.06 -9.99
C GLN C 200 -17.24 -24.96 -8.54
N ASP C 201 -16.50 -24.17 -7.77
CA ASP C 201 -16.78 -24.00 -6.34
C ASP C 201 -18.19 -23.52 -6.05
N ALA C 202 -18.76 -22.72 -6.97
CA ALA C 202 -20.09 -22.20 -6.78
C ALA C 202 -21.17 -23.28 -6.79
N LYS C 203 -20.91 -24.39 -7.47
CA LYS C 203 -21.86 -25.49 -7.53
C LYS C 203 -22.06 -26.04 -6.12
N ALA C 204 -20.99 -26.04 -5.33
CA ALA C 204 -21.05 -26.52 -3.97
C ALA C 204 -21.39 -25.37 -3.03
N ALA C 205 -21.68 -24.21 -3.61
CA ALA C 205 -22.04 -23.03 -2.83
C ALA C 205 -23.53 -22.75 -2.94
N GLY C 206 -24.14 -23.23 -4.03
CA GLY C 206 -25.55 -23.02 -4.26
C GLY C 206 -25.78 -21.87 -5.22
N THR C 207 -24.71 -21.12 -5.46
CA THR C 207 -24.76 -19.94 -6.32
C THR C 207 -24.01 -20.13 -7.63
N ALA C 208 -24.42 -21.11 -8.43
CA ALA C 208 -23.74 -21.39 -9.69
C ALA C 208 -24.34 -20.70 -10.91
N ASP C 209 -25.64 -20.43 -10.86
CA ASP C 209 -26.33 -19.78 -11.97
C ASP C 209 -25.96 -18.32 -12.17
N ILE C 210 -26.00 -17.54 -11.08
CA ILE C 210 -25.65 -16.13 -11.18
C ILE C 210 -24.16 -16.01 -11.48
N PHE C 211 -23.37 -16.96 -10.98
CA PHE C 211 -21.94 -16.92 -11.22
C PHE C 211 -21.66 -17.12 -12.70
N SER C 212 -22.53 -17.88 -13.36
CA SER C 212 -22.39 -18.14 -14.78
C SER C 212 -22.55 -16.86 -15.58
N THR C 213 -23.79 -16.35 -15.62
CA THR C 213 -24.11 -15.14 -16.35
C THR C 213 -23.03 -14.07 -16.12
N LEU C 214 -22.85 -13.67 -14.87
CA LEU C 214 -21.84 -12.67 -14.56
C LEU C 214 -20.50 -13.09 -15.18
N LYS C 215 -20.14 -14.36 -15.05
CA LYS C 215 -18.88 -14.85 -15.61
C LYS C 215 -18.79 -14.52 -17.10
N LEU C 216 -19.94 -14.45 -17.77
CA LEU C 216 -19.99 -14.15 -19.20
C LEU C 216 -19.74 -12.66 -19.44
N LEU C 217 -20.40 -11.82 -18.65
CA LEU C 217 -20.25 -10.38 -18.74
C LEU C 217 -18.80 -10.10 -18.31
N THR C 218 -18.35 -10.92 -17.36
CA THR C 218 -17.01 -10.85 -16.81
C THR C 218 -15.96 -10.88 -17.90
N VAL C 219 -15.97 -11.97 -18.68
CA VAL C 219 -15.03 -12.17 -19.77
C VAL C 219 -14.93 -10.92 -20.63
N VAL C 220 -16.06 -10.53 -21.19
CA VAL C 220 -16.13 -9.36 -22.06
C VAL C 220 -15.60 -8.08 -21.41
N MET C 221 -16.06 -7.75 -20.21
CA MET C 221 -15.59 -6.52 -19.58
C MET C 221 -14.16 -6.62 -19.06
N TRP C 222 -13.80 -7.73 -18.41
CA TRP C 222 -12.43 -7.85 -17.92
C TRP C 222 -11.45 -7.79 -19.10
N LEU C 223 -11.79 -8.42 -20.22
CA LEU C 223 -10.90 -8.38 -21.38
C LEU C 223 -10.87 -6.98 -21.97
N GLY C 224 -11.99 -6.27 -21.84
CA GLY C 224 -12.09 -4.93 -22.38
C GLY C 224 -10.95 -4.00 -22.01
N TYR C 225 -10.42 -4.15 -20.80
CA TYR C 225 -9.34 -3.28 -20.36
C TYR C 225 -8.01 -3.44 -21.09
N PRO C 226 -7.45 -4.66 -21.11
CA PRO C 226 -6.17 -4.79 -21.83
C PRO C 226 -6.31 -4.47 -23.32
N ILE C 227 -7.50 -4.69 -23.87
CA ILE C 227 -7.72 -4.40 -25.29
C ILE C 227 -7.69 -2.90 -25.52
N VAL C 228 -8.29 -2.14 -24.60
CA VAL C 228 -8.31 -0.69 -24.69
C VAL C 228 -6.91 -0.11 -24.50
N TRP C 229 -6.18 -0.64 -23.52
CA TRP C 229 -4.82 -0.17 -23.25
C TRP C 229 -4.00 -0.22 -24.52
N ALA C 230 -3.98 -1.38 -25.17
CA ALA C 230 -3.22 -1.58 -26.38
C ALA C 230 -3.70 -0.74 -27.56
N LEU C 231 -4.97 -0.35 -27.54
CA LEU C 231 -5.52 0.45 -28.64
C LEU C 231 -5.64 1.95 -28.34
N GLY C 232 -5.53 2.31 -27.06
CA GLY C 232 -5.62 3.70 -26.68
C GLY C 232 -4.28 4.42 -26.70
N VAL C 233 -4.24 5.66 -26.21
CA VAL C 233 -3.00 6.45 -26.20
C VAL C 233 -1.82 5.81 -25.47
N GLU C 234 -2.09 4.81 -24.62
CA GLU C 234 -1.03 4.12 -23.89
C GLU C 234 -0.43 3.02 -24.75
N GLY C 235 -1.16 2.67 -25.81
CA GLY C 235 -0.73 1.64 -26.73
C GLY C 235 -0.37 2.22 -28.09
N VAL C 236 -0.99 1.70 -29.15
CA VAL C 236 -0.70 2.19 -30.50
C VAL C 236 -1.47 3.46 -30.85
N ALA C 237 -2.29 3.91 -29.90
CA ALA C 237 -3.08 5.15 -30.00
C ALA C 237 -4.06 5.37 -31.17
N VAL C 238 -4.87 4.38 -31.51
CA VAL C 238 -5.85 4.59 -32.55
C VAL C 238 -6.91 5.46 -31.89
N LEU C 239 -6.86 5.48 -30.56
CA LEU C 239 -7.78 6.25 -29.72
C LEU C 239 -7.05 7.39 -29.01
N PRO C 240 -7.51 8.65 -29.21
CA PRO C 240 -6.85 9.78 -28.56
C PRO C 240 -7.09 9.77 -27.05
N VAL C 241 -6.45 10.68 -26.32
CA VAL C 241 -6.62 10.74 -24.88
C VAL C 241 -8.10 10.85 -24.49
N GLY C 242 -8.85 11.62 -25.25
CA GLY C 242 -10.27 11.80 -24.97
C GLY C 242 -11.06 10.51 -25.07
N TYR C 243 -10.80 9.72 -26.11
CA TYR C 243 -11.50 8.48 -26.34
C TYR C 243 -11.06 7.31 -25.47
N THR C 244 -9.80 7.31 -25.02
CA THR C 244 -9.32 6.22 -24.18
C THR C 244 -9.98 6.39 -22.82
N SER C 245 -10.13 7.65 -22.41
CA SER C 245 -10.76 7.95 -21.13
C SER C 245 -12.22 7.52 -21.12
N TRP C 246 -12.96 7.83 -22.19
CA TRP C 246 -14.36 7.41 -22.20
C TRP C 246 -14.43 5.89 -22.34
N ALA C 247 -13.47 5.30 -23.05
CA ALA C 247 -13.43 3.86 -23.22
C ALA C 247 -13.34 3.19 -21.85
N TYR C 248 -12.42 3.67 -21.01
CA TYR C 248 -12.24 3.13 -19.67
C TYR C 248 -13.44 3.48 -18.78
N SER C 249 -13.93 4.72 -18.91
CA SER C 249 -15.07 5.16 -18.11
C SER C 249 -16.32 4.37 -18.45
N ALA C 250 -16.44 4.00 -19.72
CA ALA C 250 -17.59 3.21 -20.15
C ALA C 250 -17.52 1.85 -19.46
N LEU C 251 -16.32 1.25 -19.50
CA LEU C 251 -16.07 -0.06 -18.88
C LEU C 251 -16.28 -0.05 -17.36
N ASP C 252 -15.90 1.05 -16.70
CA ASP C 252 -16.07 1.14 -15.26
C ASP C 252 -17.54 1.21 -14.86
N ILE C 253 -18.36 1.80 -15.71
CA ILE C 253 -19.78 1.91 -15.40
C ILE C 253 -20.36 0.51 -15.38
N VAL C 254 -19.95 -0.29 -16.36
CA VAL C 254 -20.42 -1.66 -16.46
C VAL C 254 -19.96 -2.52 -15.28
N ALA C 255 -18.69 -2.39 -14.91
CA ALA C 255 -18.11 -3.18 -13.84
C ALA C 255 -18.31 -2.67 -12.41
N LYS C 256 -18.20 -1.37 -12.20
CA LYS C 256 -18.36 -0.83 -10.86
C LYS C 256 -19.79 -0.54 -10.43
N TYR C 257 -20.70 -0.34 -11.38
CA TYR C 257 -22.08 -0.06 -11.01
C TYR C 257 -23.09 -1.15 -11.40
N ILE C 258 -23.29 -1.40 -12.69
CA ILE C 258 -24.26 -2.42 -13.06
C ILE C 258 -23.84 -3.82 -12.61
N PHE C 259 -22.60 -4.20 -12.86
CA PHE C 259 -22.13 -5.52 -12.44
C PHE C 259 -22.36 -5.63 -10.94
N ALA C 260 -22.04 -4.57 -10.21
CA ALA C 260 -22.22 -4.56 -8.76
C ALA C 260 -23.70 -4.67 -8.43
N PHE C 261 -24.54 -4.12 -9.31
CA PHE C 261 -25.99 -4.15 -9.11
C PHE C 261 -26.53 -5.56 -9.28
N LEU C 262 -26.12 -6.21 -10.36
CA LEU C 262 -26.56 -7.57 -10.64
C LEU C 262 -26.14 -8.52 -9.54
N LEU C 263 -24.99 -8.23 -8.94
CA LEU C 263 -24.44 -9.04 -7.86
C LEU C 263 -25.32 -8.88 -6.62
N LEU C 264 -25.53 -7.64 -6.21
CA LEU C 264 -26.34 -7.32 -5.05
C LEU C 264 -27.80 -7.74 -5.27
N ASN C 265 -28.27 -7.62 -6.51
CA ASN C 265 -29.64 -7.99 -6.80
C ASN C 265 -29.87 -9.47 -6.49
N TYR C 266 -28.85 -10.28 -6.77
CA TYR C 266 -28.93 -11.71 -6.51
C TYR C 266 -28.76 -12.00 -5.04
N LEU C 267 -27.82 -11.30 -4.41
CA LEU C 267 -27.54 -11.50 -2.99
C LEU C 267 -28.74 -11.21 -2.10
N THR C 268 -29.29 -10.01 -2.26
CA THR C 268 -30.42 -9.55 -1.46
C THR C 268 -31.75 -10.26 -1.73
N SER C 269 -31.75 -11.15 -2.70
CA SER C 269 -32.95 -11.90 -3.05
C SER C 269 -32.70 -13.38 -2.76
N ASN C 270 -31.50 -13.67 -2.25
CA ASN C 270 -31.09 -15.03 -1.93
C ASN C 270 -30.14 -15.07 -0.73
N GLU C 271 -30.50 -14.40 0.36
CA GLU C 271 -29.63 -14.38 1.54
C GLU C 271 -29.52 -15.76 2.18
N GLY C 272 -30.54 -16.59 1.97
CA GLY C 272 -30.53 -17.92 2.54
C GLY C 272 -29.45 -18.84 2.00
N VAL C 273 -29.22 -18.78 0.70
CA VAL C 273 -28.21 -19.62 0.07
C VAL C 273 -26.78 -19.31 0.50
N VAL C 274 -26.43 -18.02 0.53
CA VAL C 274 -25.09 -17.61 0.91
C VAL C 274 -24.90 -17.55 2.42
N SER C 275 -25.99 -17.56 3.17
CA SER C 275 -25.91 -17.48 4.63
C SER C 275 -25.04 -18.58 5.21
N GLY C 276 -24.31 -18.24 6.27
CA GLY C 276 -23.44 -19.20 6.92
C GLY C 276 -22.47 -18.50 7.87
N ALA D 17 14.05 18.35 -11.36
CA ALA D 17 14.08 16.92 -11.82
C ALA D 17 14.75 16.83 -13.19
N GLU D 18 15.84 17.58 -13.37
CA GLU D 18 16.57 17.59 -14.63
C GLU D 18 16.87 16.17 -15.12
N VAL D 19 16.97 15.23 -14.19
CA VAL D 19 17.26 13.84 -14.56
C VAL D 19 15.99 13.14 -15.01
N THR D 20 16.04 12.56 -16.21
CA THR D 20 14.89 11.86 -16.75
C THR D 20 15.04 10.35 -16.63
N GLN D 21 13.92 9.66 -16.71
CA GLN D 21 13.92 8.22 -16.64
C GLN D 21 14.87 7.67 -17.70
N ARG D 22 14.77 8.18 -18.93
CA ARG D 22 15.63 7.75 -20.04
C ARG D 22 17.11 7.85 -19.68
N GLU D 23 17.51 8.98 -19.11
CA GLU D 23 18.90 9.18 -18.73
C GLU D 23 19.36 8.09 -17.76
N LEU D 24 18.48 7.71 -16.83
CA LEU D 24 18.81 6.66 -15.88
C LEU D 24 18.83 5.32 -16.61
N PHE D 25 17.85 5.11 -17.46
CA PHE D 25 17.77 3.88 -18.25
C PHE D 25 19.03 3.74 -19.09
N GLU D 26 19.54 4.85 -19.62
CA GLU D 26 20.75 4.82 -20.44
C GLU D 26 22.01 4.77 -19.58
N PHE D 27 21.94 5.30 -18.36
CA PHE D 27 23.09 5.25 -17.48
C PHE D 27 23.36 3.76 -17.19
N VAL D 28 22.31 3.03 -16.80
CA VAL D 28 22.43 1.61 -16.52
C VAL D 28 23.06 0.91 -17.72
N LEU D 29 22.40 0.97 -18.88
CA LEU D 29 23.00 0.39 -20.08
C LEU D 29 24.27 1.23 -20.24
N ASN D 30 25.32 0.67 -20.82
CA ASN D 30 26.57 1.42 -20.97
C ASN D 30 27.41 1.35 -19.71
N ASP D 31 26.93 0.56 -18.75
CA ASP D 31 27.63 0.31 -17.50
C ASP D 31 27.43 -1.17 -17.22
N PRO D 32 28.16 -2.03 -17.96
CA PRO D 32 28.13 -3.49 -17.85
C PRO D 32 27.88 -4.08 -16.46
N LEU D 33 28.60 -3.61 -15.45
CA LEU D 33 28.43 -4.13 -14.10
C LEU D 33 26.99 -3.93 -13.66
N LEU D 34 26.56 -2.67 -13.66
CA LEU D 34 25.23 -2.31 -13.25
C LEU D 34 24.13 -2.94 -14.09
N ALA D 35 24.28 -2.91 -15.41
CA ALA D 35 23.27 -3.47 -16.29
C ALA D 35 23.13 -4.97 -16.08
N SER D 36 24.25 -5.67 -15.98
CA SER D 36 24.20 -7.13 -15.79
C SER D 36 23.50 -7.52 -14.49
N SER D 37 23.74 -6.76 -13.42
CA SER D 37 23.13 -7.05 -12.11
C SER D 37 21.60 -7.00 -12.17
N LEU D 38 21.08 -6.15 -13.05
CA LEU D 38 19.64 -5.97 -13.22
C LEU D 38 19.00 -6.94 -14.22
N TYR D 39 19.52 -6.94 -15.45
CA TYR D 39 18.97 -7.80 -16.50
C TYR D 39 19.16 -9.28 -16.25
N ILE D 40 20.26 -9.67 -15.62
CA ILE D 40 20.44 -11.10 -15.34
C ILE D 40 19.28 -11.59 -14.48
N ASN D 41 18.91 -10.83 -13.45
CA ASN D 41 17.83 -11.29 -12.59
C ASN D 41 16.43 -11.19 -13.18
N ILE D 42 16.21 -10.27 -14.12
CA ILE D 42 14.90 -10.21 -14.78
C ILE D 42 14.71 -11.56 -15.45
N ALA D 43 15.81 -12.13 -15.94
CA ALA D 43 15.78 -13.43 -16.61
C ALA D 43 15.72 -14.58 -15.62
N LEU D 44 16.55 -14.53 -14.57
CA LEU D 44 16.52 -15.61 -13.58
C LEU D 44 15.19 -15.64 -12.84
N ALA D 45 14.64 -14.47 -12.55
CA ALA D 45 13.35 -14.38 -11.87
C ALA D 45 12.27 -15.08 -12.69
N GLY D 46 12.19 -14.72 -13.98
CA GLY D 46 11.20 -15.31 -14.86
C GLY D 46 11.36 -16.80 -15.05
N LEU D 47 12.58 -17.25 -15.27
CA LEU D 47 12.82 -18.67 -15.44
C LEU D 47 12.39 -19.40 -14.17
N SER D 48 12.58 -18.75 -13.02
CA SER D 48 12.19 -19.33 -11.73
C SER D 48 10.68 -19.56 -11.65
N ILE D 49 9.91 -18.54 -12.02
CA ILE D 49 8.46 -18.64 -12.01
C ILE D 49 7.98 -19.85 -12.81
N LEU D 50 8.45 -19.94 -14.05
CA LEU D 50 8.10 -21.03 -14.94
C LEU D 50 8.46 -22.40 -14.33
N LEU D 51 9.67 -22.50 -13.81
CA LEU D 51 10.13 -23.73 -13.19
C LEU D 51 9.28 -24.10 -11.99
N PHE D 52 9.05 -23.13 -11.11
CA PHE D 52 8.25 -23.35 -9.91
C PHE D 52 6.80 -23.69 -10.24
N VAL D 53 6.26 -23.12 -11.30
CA VAL D 53 4.90 -23.41 -11.69
C VAL D 53 4.85 -24.86 -12.14
N PHE D 54 5.75 -25.22 -13.06
CA PHE D 54 5.85 -26.58 -13.57
C PHE D 54 6.00 -27.59 -12.43
N MET D 55 6.87 -27.28 -11.48
CA MET D 55 7.12 -28.15 -10.33
C MET D 55 5.91 -28.41 -9.45
N THR D 56 5.09 -27.39 -9.24
CA THR D 56 3.93 -27.50 -8.36
C THR D 56 2.60 -27.91 -8.98
N ARG D 57 2.60 -28.18 -10.29
CA ARG D 57 1.41 -28.58 -11.03
C ARG D 57 0.55 -29.67 -10.37
N GLY D 58 1.18 -30.71 -9.84
CA GLY D 58 0.44 -31.81 -9.25
C GLY D 58 -0.08 -31.66 -7.84
N LEU D 59 0.15 -30.50 -7.22
CA LEU D 59 -0.32 -30.26 -5.87
C LEU D 59 -1.85 -30.23 -5.81
N ASP D 60 -2.42 -30.74 -4.73
CA ASP D 60 -3.87 -30.76 -4.58
C ASP D 60 -4.38 -30.22 -3.25
N ASP D 61 -3.62 -30.41 -2.20
CA ASP D 61 -4.03 -29.94 -0.88
C ASP D 61 -4.00 -28.41 -0.83
N PRO D 62 -5.10 -27.77 -0.40
CA PRO D 62 -5.16 -26.31 -0.32
C PRO D 62 -4.08 -25.64 0.54
N ARG D 63 -3.68 -26.29 1.63
CA ARG D 63 -2.66 -25.68 2.46
C ARG D 63 -1.30 -25.74 1.74
N ALA D 64 -0.99 -26.90 1.15
CA ALA D 64 0.26 -27.05 0.43
C ALA D 64 0.30 -26.02 -0.69
N LYS D 65 -0.83 -25.87 -1.37
CA LYS D 65 -0.92 -24.91 -2.47
C LYS D 65 -0.79 -23.47 -1.99
N LEU D 66 -1.19 -23.20 -0.76
CA LEU D 66 -1.07 -21.84 -0.23
C LEU D 66 0.42 -21.57 -0.11
N ILE D 67 1.15 -22.53 0.44
CA ILE D 67 2.60 -22.44 0.62
C ILE D 67 3.28 -22.26 -0.73
N ALA D 68 2.85 -23.03 -1.72
CA ALA D 68 3.42 -22.94 -3.05
C ALA D 68 3.15 -21.58 -3.67
N VAL D 69 1.92 -21.10 -3.55
CA VAL D 69 1.56 -19.81 -4.14
C VAL D 69 2.32 -18.64 -3.52
N SER D 70 2.44 -18.66 -2.21
CA SER D 70 3.16 -17.62 -1.50
C SER D 70 4.62 -17.61 -1.98
N THR D 71 5.17 -18.80 -2.22
CA THR D 71 6.54 -18.92 -2.66
C THR D 71 6.74 -18.43 -4.10
N ILE D 72 5.82 -18.81 -4.98
CA ILE D 72 5.87 -18.42 -6.38
C ILE D 72 5.74 -16.89 -6.56
N LEU D 73 5.01 -16.24 -5.65
CA LEU D 73 4.85 -14.79 -5.73
C LEU D 73 6.21 -14.09 -5.50
N VAL D 74 7.12 -14.74 -4.79
CA VAL D 74 8.41 -14.14 -4.54
C VAL D 74 9.13 -13.76 -5.84
N PRO D 75 9.26 -14.70 -6.78
CA PRO D 75 9.94 -14.32 -8.03
C PRO D 75 9.08 -13.42 -8.91
N VAL D 76 7.76 -13.44 -8.69
CA VAL D 76 6.87 -12.58 -9.47
C VAL D 76 7.15 -11.12 -9.10
N VAL D 77 7.25 -10.84 -7.81
CA VAL D 77 7.55 -9.48 -7.36
C VAL D 77 8.97 -9.11 -7.81
N SER D 78 9.88 -10.09 -7.73
CA SER D 78 11.27 -9.87 -8.10
C SER D 78 11.46 -9.43 -9.56
N ILE D 79 10.79 -10.09 -10.50
CA ILE D 79 10.93 -9.72 -11.88
C ILE D 79 10.39 -8.30 -12.07
N ALA D 80 9.31 -7.97 -11.36
CA ALA D 80 8.73 -6.63 -11.45
C ALA D 80 9.71 -5.60 -10.88
N SER D 81 10.31 -5.91 -9.74
CA SER D 81 11.27 -5.02 -9.10
C SER D 81 12.44 -4.69 -10.03
N TYR D 82 13.07 -5.71 -10.59
CA TYR D 82 14.19 -5.51 -11.49
C TYR D 82 13.81 -4.78 -12.78
N THR D 83 12.59 -4.99 -13.26
CA THR D 83 12.14 -4.29 -14.45
C THR D 83 12.04 -2.83 -14.04
N GLY D 84 11.58 -2.60 -12.81
CA GLY D 84 11.44 -1.25 -12.29
C GLY D 84 12.77 -0.53 -12.22
N LEU D 85 13.83 -1.27 -11.86
CA LEU D 85 15.17 -0.72 -11.76
C LEU D 85 15.80 -0.51 -13.15
N ALA D 86 15.87 -1.57 -13.95
CA ALA D 86 16.46 -1.49 -15.28
C ALA D 86 15.79 -0.42 -16.15
N SER D 87 14.49 -0.26 -15.98
CA SER D 87 13.75 0.73 -16.76
C SER D 87 14.08 2.14 -16.27
N GLY D 88 14.55 2.23 -15.04
CA GLY D 88 14.89 3.52 -14.47
C GLY D 88 13.70 4.11 -13.71
N LEU D 89 12.57 3.40 -13.76
CA LEU D 89 11.35 3.85 -13.08
C LEU D 89 11.50 4.01 -11.57
N THR D 90 12.23 3.09 -10.95
CA THR D 90 12.41 3.14 -9.49
C THR D 90 13.83 3.49 -9.06
N ILE D 91 14.48 4.34 -9.84
CA ILE D 91 15.83 4.81 -9.56
C ILE D 91 15.77 6.33 -9.56
N SER D 92 16.64 6.95 -8.77
CA SER D 92 16.72 8.41 -8.69
C SER D 92 18.12 8.81 -8.29
N VAL D 93 18.49 10.05 -8.62
CA VAL D 93 19.81 10.57 -8.24
C VAL D 93 19.55 11.49 -7.06
N LEU D 94 20.16 11.17 -5.92
CA LEU D 94 19.98 11.96 -4.71
C LEU D 94 21.29 12.50 -4.18
N GLU D 95 21.24 13.69 -3.58
CA GLU D 95 22.43 14.30 -3.02
C GLU D 95 22.48 13.98 -1.53
N MET D 96 23.61 13.44 -1.08
CA MET D 96 23.76 13.08 0.31
C MET D 96 24.00 14.27 1.23
N PRO D 97 23.55 14.18 2.50
CA PRO D 97 23.72 15.25 3.48
C PRO D 97 25.14 15.39 4.00
N ALA D 98 25.46 16.60 4.48
CA ALA D 98 26.78 16.89 5.03
C ALA D 98 27.21 15.82 6.03
N GLY D 99 28.43 15.34 5.88
CA GLY D 99 28.94 14.32 6.77
C GLY D 99 28.84 12.93 6.18
N HIS D 100 28.03 12.78 5.15
CA HIS D 100 27.90 11.48 4.50
C HIS D 100 29.14 11.24 3.65
N PHE D 101 29.72 10.05 3.75
CA PHE D 101 30.93 9.72 3.01
C PHE D 101 30.81 9.83 1.50
N ALA D 102 29.58 9.91 0.99
CA ALA D 102 29.38 10.03 -0.45
C ALA D 102 28.85 11.41 -0.80
N GLU D 103 28.98 12.36 0.13
CA GLU D 103 28.48 13.71 -0.15
C GLU D 103 29.42 14.37 -1.13
N GLY D 104 28.86 15.07 -2.12
CA GLY D 104 29.67 15.74 -3.10
C GLY D 104 30.05 14.85 -4.27
N SER D 105 29.33 13.73 -4.42
CA SER D 105 29.59 12.81 -5.51
C SER D 105 28.93 13.29 -6.80
N SER D 106 29.39 12.76 -7.92
CA SER D 106 28.88 13.13 -9.24
C SER D 106 28.55 11.83 -9.96
N VAL D 107 27.46 11.81 -10.72
CA VAL D 107 27.06 10.61 -11.43
C VAL D 107 27.33 10.66 -12.94
N MET D 108 27.41 11.85 -13.50
CA MET D 108 27.66 11.99 -14.93
C MET D 108 26.54 11.30 -15.69
N LEU D 109 25.35 11.90 -15.64
CA LEU D 109 24.19 11.33 -16.31
C LEU D 109 23.98 12.02 -17.64
N GLY D 110 23.45 11.28 -18.61
CA GLY D 110 23.23 11.85 -19.93
C GLY D 110 24.52 12.46 -20.46
N GLY D 111 24.46 13.74 -20.83
CA GLY D 111 25.64 14.41 -21.35
C GLY D 111 26.13 15.51 -20.41
N GLU D 112 25.78 15.38 -19.13
CA GLU D 112 26.19 16.36 -18.13
C GLU D 112 26.50 15.70 -16.79
N GLU D 113 27.43 16.28 -16.05
CA GLU D 113 27.80 15.74 -14.75
C GLU D 113 26.75 16.19 -13.74
N VAL D 114 26.07 15.23 -13.12
CA VAL D 114 25.05 15.56 -12.13
C VAL D 114 25.51 15.25 -10.72
N ASP D 115 25.22 16.16 -9.80
CA ASP D 115 25.59 15.99 -8.41
C ASP D 115 24.70 14.94 -7.75
N GLY D 116 25.28 14.18 -6.83
CA GLY D 116 24.50 13.17 -6.14
C GLY D 116 24.94 11.76 -6.45
N VAL D 117 24.24 10.80 -5.85
CA VAL D 117 24.52 9.38 -6.03
C VAL D 117 23.31 8.68 -6.65
N VAL D 118 23.55 7.63 -7.41
CA VAL D 118 22.46 6.87 -8.01
C VAL D 118 21.85 5.98 -6.93
N THR D 119 20.63 6.32 -6.52
CA THR D 119 19.91 5.60 -5.47
C THR D 119 18.83 4.68 -6.06
N MET D 120 19.08 3.37 -5.96
CA MET D 120 18.15 2.37 -6.47
C MET D 120 17.14 1.99 -5.39
N TRP D 121 16.29 2.96 -5.04
CA TRP D 121 15.29 2.76 -4.00
C TRP D 121 14.25 1.70 -4.38
N GLY D 122 14.14 1.42 -5.67
CA GLY D 122 13.21 0.40 -6.13
C GLY D 122 13.37 -0.95 -5.44
N ARG D 123 14.58 -1.27 -5.02
CA ARG D 123 14.80 -2.55 -4.35
C ARG D 123 14.05 -2.58 -3.01
N TYR D 124 14.27 -1.57 -2.19
CA TYR D 124 13.65 -1.47 -0.87
C TYR D 124 12.13 -1.47 -0.95
N LEU D 125 11.60 -0.80 -1.97
CA LEU D 125 10.15 -0.72 -2.17
C LEU D 125 9.54 -2.10 -2.35
N THR D 126 10.10 -2.89 -3.27
CA THR D 126 9.56 -4.21 -3.53
C THR D 126 9.83 -5.25 -2.44
N TRP D 127 10.91 -5.09 -1.67
CA TRP D 127 11.17 -6.04 -0.59
C TRP D 127 9.95 -6.08 0.33
N ALA D 128 9.31 -4.93 0.51
CA ALA D 128 8.15 -4.82 1.39
C ALA D 128 7.02 -5.75 0.92
N LEU D 129 7.11 -6.19 -0.32
CA LEU D 129 6.09 -7.05 -0.91
C LEU D 129 6.54 -8.50 -1.03
N SER D 130 7.82 -8.71 -1.28
CA SER D 130 8.36 -10.04 -1.46
C SER D 130 8.71 -10.76 -0.17
N THR D 131 9.41 -10.08 0.75
CA THR D 131 9.79 -10.70 2.01
C THR D 131 8.59 -11.23 2.80
N PRO D 132 7.47 -10.49 2.79
CA PRO D 132 6.30 -10.98 3.54
C PRO D 132 5.86 -12.35 3.01
N MET D 133 6.13 -12.60 1.73
CA MET D 133 5.75 -13.87 1.11
C MET D 133 6.72 -14.98 1.45
N ILE D 134 7.97 -14.61 1.70
CA ILE D 134 8.96 -15.59 2.08
C ILE D 134 8.54 -16.06 3.48
N LEU D 135 8.25 -15.09 4.33
CA LEU D 135 7.83 -15.37 5.71
C LEU D 135 6.51 -16.15 5.80
N LEU D 136 5.55 -15.83 4.92
CA LEU D 136 4.27 -16.55 4.93
C LEU D 136 4.54 -18.03 4.67
N ALA D 137 5.39 -18.29 3.66
CA ALA D 137 5.74 -19.65 3.28
C ALA D 137 6.43 -20.39 4.45
N LEU D 138 7.45 -19.78 5.03
CA LEU D 138 8.17 -20.37 6.14
C LEU D 138 7.25 -20.59 7.35
N GLY D 139 6.47 -19.57 7.69
CA GLY D 139 5.57 -19.68 8.82
C GLY D 139 4.65 -20.86 8.67
N LEU D 140 4.05 -21.00 7.49
CA LEU D 140 3.15 -22.11 7.21
C LEU D 140 3.92 -23.43 7.32
N LEU D 141 5.09 -23.49 6.71
CA LEU D 141 5.90 -24.70 6.76
C LEU D 141 6.16 -25.12 8.21
N ALA D 142 6.45 -24.14 9.06
CA ALA D 142 6.74 -24.38 10.46
C ALA D 142 5.52 -24.68 11.34
N GLY D 143 4.31 -24.54 10.79
CA GLY D 143 3.12 -24.80 11.57
C GLY D 143 2.79 -23.69 12.57
N SER D 144 3.18 -22.46 12.22
CA SER D 144 2.95 -21.29 13.06
C SER D 144 1.48 -20.87 13.17
N ASN D 145 1.08 -20.37 14.34
CA ASN D 145 -0.29 -19.90 14.49
C ASN D 145 -0.37 -18.51 13.83
N ALA D 146 -1.56 -17.94 13.77
CA ALA D 146 -1.75 -16.63 13.14
C ALA D 146 -1.06 -15.45 13.85
N THR D 147 -0.89 -15.54 15.15
CA THR D 147 -0.25 -14.47 15.91
C THR D 147 1.19 -14.21 15.53
N LYS D 148 1.96 -15.28 15.38
CA LYS D 148 3.37 -15.15 15.02
C LYS D 148 3.52 -14.72 13.57
N LEU D 149 2.63 -15.22 12.72
CA LEU D 149 2.63 -14.88 11.29
C LEU D 149 2.39 -13.37 11.14
N PHE D 150 1.35 -12.87 11.82
CA PHE D 150 1.01 -11.45 11.77
C PHE D 150 2.16 -10.60 12.31
N THR D 151 2.78 -11.04 13.41
CA THR D 151 3.88 -10.31 14.01
C THR D 151 5.08 -10.27 13.05
N ALA D 152 5.49 -11.43 12.57
CA ALA D 152 6.61 -11.53 11.65
C ALA D 152 6.41 -10.68 10.40
N ILE D 153 5.22 -10.78 9.80
CA ILE D 153 4.90 -10.03 8.59
C ILE D 153 4.82 -8.51 8.74
N THR D 154 4.19 -8.02 9.80
CA THR D 154 4.10 -6.57 9.97
C THR D 154 5.46 -5.94 10.28
N PHE D 155 6.26 -6.57 11.13
CA PHE D 155 7.58 -6.03 11.48
C PHE D 155 8.56 -6.17 10.32
N ASP D 156 8.28 -7.11 9.43
CA ASP D 156 9.13 -7.29 8.26
C ASP D 156 8.79 -6.16 7.30
N ILE D 157 7.51 -5.85 7.20
CA ILE D 157 7.08 -4.76 6.32
C ILE D 157 7.60 -3.44 6.89
N ALA D 158 7.55 -3.29 8.22
CA ALA D 158 8.04 -2.08 8.87
C ALA D 158 9.55 -1.94 8.60
N MET D 159 10.25 -3.06 8.66
CA MET D 159 11.68 -3.09 8.41
C MET D 159 12.02 -2.57 7.00
N CYS D 160 11.29 -3.07 6.00
CA CYS D 160 11.55 -2.64 4.62
C CYS D 160 11.17 -1.20 4.37
N VAL D 161 10.03 -0.77 4.90
CA VAL D 161 9.56 0.59 4.70
C VAL D 161 10.51 1.63 5.30
N THR D 162 11.01 1.35 6.50
CA THR D 162 11.92 2.27 7.15
C THR D 162 13.31 2.20 6.51
N GLY D 163 13.58 1.11 5.79
CA GLY D 163 14.85 0.97 5.10
C GLY D 163 14.78 1.90 3.88
N LEU D 164 13.62 1.89 3.23
CA LEU D 164 13.39 2.75 2.06
C LEU D 164 13.51 4.22 2.49
N ALA D 165 12.89 4.57 3.60
CA ALA D 165 12.91 5.94 4.10
C ALA D 165 14.34 6.37 4.39
N ALA D 166 15.15 5.47 4.93
CA ALA D 166 16.53 5.75 5.25
C ALA D 166 17.30 6.16 4.00
N ALA D 167 17.12 5.40 2.93
CA ALA D 167 17.78 5.67 1.66
C ALA D 167 17.19 6.90 0.96
N LEU D 168 15.94 7.21 1.27
CA LEU D 168 15.27 8.36 0.65
C LEU D 168 15.44 9.66 1.46
N THR D 169 16.15 9.59 2.58
CA THR D 169 16.35 10.76 3.42
C THR D 169 17.65 11.45 3.08
N THR D 170 17.55 12.69 2.61
CA THR D 170 18.73 13.44 2.20
C THR D 170 19.02 14.68 3.04
N SER D 171 18.13 15.00 3.97
CA SER D 171 18.28 16.19 4.80
C SER D 171 19.34 16.14 5.90
N SER D 172 19.54 14.96 6.48
CA SER D 172 20.47 14.81 7.57
C SER D 172 21.12 13.43 7.62
N HIS D 173 22.43 13.40 7.84
CA HIS D 173 23.16 12.15 7.90
C HIS D 173 22.62 11.32 9.06
N LEU D 174 22.47 11.95 10.22
CA LEU D 174 21.97 11.25 11.40
C LEU D 174 20.58 10.65 11.18
N MET D 175 19.68 11.39 10.54
CA MET D 175 18.35 10.86 10.30
C MET D 175 18.41 9.55 9.53
N ARG D 176 19.31 9.48 8.54
CA ARG D 176 19.48 8.27 7.75
C ARG D 176 19.81 7.08 8.66
N TRP D 177 20.79 7.24 9.53
CA TRP D 177 21.16 6.16 10.42
C TRP D 177 20.14 5.88 11.52
N PHE D 178 19.28 6.85 11.80
CA PHE D 178 18.23 6.66 12.80
C PHE D 178 17.18 5.74 12.20
N TRP D 179 16.84 5.96 10.94
CA TRP D 179 15.88 5.12 10.24
C TRP D 179 16.44 3.69 10.20
N TYR D 180 17.72 3.60 9.85
CA TYR D 180 18.44 2.33 9.74
C TYR D 180 18.37 1.56 11.06
N ALA D 181 18.46 2.29 12.17
CA ALA D 181 18.39 1.67 13.48
C ALA D 181 16.99 1.15 13.77
N ILE D 182 15.98 1.96 13.44
CA ILE D 182 14.59 1.57 13.66
C ILE D 182 14.33 0.32 12.81
N SER D 183 14.88 0.31 11.61
CA SER D 183 14.71 -0.80 10.69
C SER D 183 15.37 -2.05 11.30
N CYS D 184 16.55 -1.88 11.89
CA CYS D 184 17.24 -3.01 12.51
C CYS D 184 16.41 -3.58 13.65
N ALA D 185 15.80 -2.69 14.45
CA ALA D 185 14.96 -3.13 15.55
C ALA D 185 13.85 -4.05 15.05
N CYS D 186 13.19 -3.66 13.96
CA CYS D 186 12.12 -4.48 13.42
C CYS D 186 12.70 -5.82 12.94
N PHE D 187 13.92 -5.76 12.40
CA PHE D 187 14.60 -6.95 11.90
C PHE D 187 14.82 -8.00 12.99
N ILE D 188 15.21 -7.56 14.18
CA ILE D 188 15.45 -8.51 15.27
C ILE D 188 14.17 -9.26 15.64
N VAL D 189 13.02 -8.63 15.39
CA VAL D 189 11.74 -9.27 15.68
C VAL D 189 11.54 -10.45 14.72
N VAL D 190 11.88 -10.23 13.45
CA VAL D 190 11.77 -11.27 12.44
C VAL D 190 12.73 -12.39 12.79
N LEU D 191 13.97 -12.02 13.14
CA LEU D 191 15.00 -12.97 13.50
C LEU D 191 14.65 -13.79 14.73
N TYR D 192 13.96 -13.17 15.70
CA TYR D 192 13.56 -13.88 16.90
C TYR D 192 12.48 -14.92 16.59
N ILE D 193 11.52 -14.54 15.76
CA ILE D 193 10.43 -15.44 15.39
C ILE D 193 10.97 -16.65 14.59
N LEU D 194 11.92 -16.41 13.69
CA LEU D 194 12.51 -17.46 12.87
C LEU D 194 13.41 -18.41 13.68
N LEU D 195 14.31 -17.84 14.47
CA LEU D 195 15.25 -18.62 15.26
C LEU D 195 14.75 -19.18 16.57
N VAL D 196 13.74 -18.53 17.16
CA VAL D 196 13.23 -19.00 18.44
C VAL D 196 11.84 -19.62 18.37
N GLU D 197 10.88 -18.87 17.84
CA GLU D 197 9.52 -19.34 17.76
C GLU D 197 9.26 -20.47 16.76
N TRP D 198 9.34 -20.15 15.49
CA TRP D 198 9.10 -21.14 14.44
C TRP D 198 10.03 -22.34 14.49
N ALA D 199 11.24 -22.13 15.01
CA ALA D 199 12.20 -23.22 15.12
C ALA D 199 11.59 -24.34 15.97
N GLN D 200 10.85 -23.94 17.00
CA GLN D 200 10.21 -24.89 17.89
C GLN D 200 8.90 -25.41 17.30
N ASP D 201 8.12 -24.51 16.70
CA ASP D 201 6.85 -24.89 16.09
C ASP D 201 7.01 -25.98 15.04
N ALA D 202 8.11 -25.89 14.27
CA ALA D 202 8.39 -26.86 13.22
C ALA D 202 8.53 -28.28 13.74
N LYS D 203 8.97 -28.41 15.00
CA LYS D 203 9.13 -29.72 15.61
C LYS D 203 7.76 -30.35 15.85
N ALA D 204 6.77 -29.50 16.11
CA ALA D 204 5.42 -29.99 16.34
C ALA D 204 4.72 -30.20 15.00
N ALA D 205 5.08 -29.40 14.01
CA ALA D 205 4.48 -29.50 12.67
C ALA D 205 5.01 -30.68 11.86
N GLY D 206 6.13 -31.24 12.28
CA GLY D 206 6.70 -32.38 11.57
C GLY D 206 7.55 -31.96 10.38
N THR D 207 8.08 -30.74 10.44
CA THR D 207 8.91 -30.21 9.37
C THR D 207 10.21 -29.64 9.95
N ALA D 208 10.61 -30.17 11.10
CA ALA D 208 11.80 -29.73 11.80
C ALA D 208 13.08 -29.65 10.98
N ASP D 209 13.35 -30.66 10.15
CA ASP D 209 14.59 -30.66 9.37
C ASP D 209 14.61 -29.69 8.21
N ILE D 210 13.54 -29.64 7.42
CA ILE D 210 13.50 -28.75 6.28
C ILE D 210 13.37 -27.29 6.74
N PHE D 211 12.62 -27.04 7.81
CA PHE D 211 12.48 -25.67 8.29
C PHE D 211 13.82 -25.17 8.83
N SER D 212 14.47 -25.96 9.67
CA SER D 212 15.73 -25.57 10.25
C SER D 212 16.73 -25.18 9.17
N THR D 213 16.77 -25.95 8.08
CA THR D 213 17.64 -25.69 6.96
C THR D 213 17.30 -24.36 6.29
N LEU D 214 16.04 -24.23 5.87
CA LEU D 214 15.58 -23.02 5.21
C LEU D 214 15.65 -21.82 6.14
N LYS D 215 15.53 -22.09 7.45
CA LYS D 215 15.60 -21.06 8.48
C LYS D 215 17.00 -20.45 8.49
N LEU D 216 18.01 -21.31 8.51
CA LEU D 216 19.40 -20.87 8.51
C LEU D 216 19.75 -20.18 7.18
N LEU D 217 19.34 -20.78 6.06
CA LEU D 217 19.64 -20.16 4.78
C LEU D 217 19.09 -18.72 4.79
N THR D 218 17.85 -18.58 5.26
CA THR D 218 17.21 -17.27 5.31
C THR D 218 17.92 -16.28 6.23
N VAL D 219 18.20 -16.68 7.46
CA VAL D 219 18.86 -15.79 8.39
C VAL D 219 20.21 -15.34 7.86
N VAL D 220 21.02 -16.29 7.42
CA VAL D 220 22.34 -15.96 6.89
C VAL D 220 22.29 -14.95 5.74
N MET D 221 21.47 -15.22 4.73
CA MET D 221 21.38 -14.32 3.58
C MET D 221 20.78 -12.95 3.93
N TRP D 222 19.75 -12.93 4.76
CA TRP D 222 19.11 -11.66 5.15
C TRP D 222 20.09 -10.77 5.92
N LEU D 223 20.96 -11.36 6.73
CA LEU D 223 21.94 -10.57 7.47
C LEU D 223 22.81 -9.77 6.49
N GLY D 224 22.95 -10.30 5.27
CA GLY D 224 23.76 -9.64 4.27
C GLY D 224 23.21 -8.30 3.79
N TYR D 225 21.89 -8.18 3.71
CA TYR D 225 21.31 -6.94 3.20
C TYR D 225 21.68 -5.65 3.95
N PRO D 226 21.53 -5.62 5.29
CA PRO D 226 21.90 -4.40 6.01
C PRO D 226 23.41 -4.16 5.92
N ILE D 227 24.17 -5.26 5.84
CA ILE D 227 25.62 -5.15 5.73
C ILE D 227 25.96 -4.46 4.41
N VAL D 228 25.34 -4.91 3.33
CA VAL D 228 25.58 -4.31 2.02
C VAL D 228 25.12 -2.84 2.06
N TRP D 229 23.95 -2.59 2.65
CA TRP D 229 23.45 -1.23 2.75
C TRP D 229 24.51 -0.35 3.42
N ALA D 230 25.02 -0.80 4.56
CA ALA D 230 26.03 -0.06 5.31
C ALA D 230 27.34 0.16 4.53
N LEU D 231 27.80 -0.85 3.79
CA LEU D 231 29.04 -0.75 3.03
C LEU D 231 28.90 -0.01 1.70
N GLY D 232 27.69 0.05 1.18
CA GLY D 232 27.45 0.71 -0.09
C GLY D 232 27.23 2.22 -0.06
N VAL D 233 27.02 2.79 -1.25
CA VAL D 233 26.80 4.22 -1.42
C VAL D 233 25.75 4.82 -0.49
N GLU D 234 24.75 4.03 -0.12
CA GLU D 234 23.70 4.52 0.78
C GLU D 234 24.29 4.69 2.18
N GLY D 235 25.29 3.87 2.48
CA GLY D 235 25.92 3.92 3.79
C GLY D 235 27.24 4.65 3.80
N VAL D 236 28.31 3.93 4.17
CA VAL D 236 29.65 4.51 4.26
C VAL D 236 30.35 4.60 2.89
N ALA D 237 29.69 4.11 1.85
CA ALA D 237 30.21 4.17 0.48
C ALA D 237 31.56 3.55 0.14
N VAL D 238 31.91 2.42 0.76
CA VAL D 238 33.18 1.77 0.42
C VAL D 238 32.93 0.96 -0.86
N LEU D 239 31.65 0.73 -1.16
CA LEU D 239 31.25 -0.02 -2.35
C LEU D 239 30.52 0.90 -3.35
N PRO D 240 31.04 1.03 -4.58
CA PRO D 240 30.37 1.89 -5.57
C PRO D 240 29.02 1.28 -5.98
N VAL D 241 28.13 2.12 -6.51
CA VAL D 241 26.78 1.70 -6.91
C VAL D 241 26.71 0.39 -7.70
N GLY D 242 27.60 0.21 -8.66
CA GLY D 242 27.59 -1.00 -9.46
C GLY D 242 27.87 -2.24 -8.63
N TYR D 243 28.76 -2.11 -7.66
CA TYR D 243 29.13 -3.23 -6.80
C TYR D 243 28.11 -3.49 -5.71
N THR D 244 27.45 -2.43 -5.24
CA THR D 244 26.43 -2.60 -4.20
C THR D 244 25.25 -3.29 -4.86
N SER D 245 24.99 -2.94 -6.13
CA SER D 245 23.89 -3.53 -6.88
C SER D 245 24.11 -5.03 -7.09
N TRP D 246 25.32 -5.43 -7.50
CA TRP D 246 25.58 -6.86 -7.71
C TRP D 246 25.51 -7.62 -6.40
N ALA D 247 25.95 -6.99 -5.31
CA ALA D 247 25.89 -7.62 -3.99
C ALA D 247 24.42 -7.96 -3.69
N TYR D 248 23.52 -7.02 -3.94
CA TYR D 248 22.09 -7.24 -3.71
C TYR D 248 21.53 -8.32 -4.65
N SER D 249 21.92 -8.25 -5.92
CA SER D 249 21.47 -9.22 -6.93
C SER D 249 21.93 -10.63 -6.57
N ALA D 250 23.13 -10.74 -6.04
CA ALA D 250 23.69 -12.03 -5.65
C ALA D 250 22.93 -12.57 -4.45
N LEU D 251 22.59 -11.68 -3.51
CA LEU D 251 21.84 -12.11 -2.33
C LEU D 251 20.46 -12.58 -2.76
N ASP D 252 19.81 -11.85 -3.67
CA ASP D 252 18.48 -12.24 -4.13
C ASP D 252 18.48 -13.61 -4.79
N ILE D 253 19.49 -13.90 -5.60
CA ILE D 253 19.56 -15.20 -6.26
C ILE D 253 19.49 -16.34 -5.26
N VAL D 254 20.14 -16.17 -4.12
CA VAL D 254 20.12 -17.21 -3.08
C VAL D 254 18.90 -17.11 -2.14
N ALA D 255 18.65 -15.91 -1.64
CA ALA D 255 17.55 -15.67 -0.69
C ALA D 255 16.15 -15.82 -1.28
N LYS D 256 16.03 -15.67 -2.59
CA LYS D 256 14.75 -15.81 -3.27
C LYS D 256 14.64 -17.04 -4.19
N TYR D 257 15.37 -17.03 -5.31
CA TYR D 257 15.27 -18.11 -6.28
C TYR D 257 15.71 -19.50 -5.81
N ILE D 258 16.94 -19.64 -5.32
CA ILE D 258 17.32 -20.98 -4.89
C ILE D 258 16.59 -21.32 -3.60
N PHE D 259 16.38 -20.34 -2.73
CA PHE D 259 15.63 -20.59 -1.49
C PHE D 259 14.26 -21.18 -1.88
N ALA D 260 13.59 -20.54 -2.82
CA ALA D 260 12.28 -20.99 -3.27
C ALA D 260 12.38 -22.39 -3.88
N PHE D 261 13.40 -22.59 -4.72
CA PHE D 261 13.62 -23.87 -5.38
C PHE D 261 13.77 -24.99 -4.35
N LEU D 262 14.48 -24.71 -3.25
CA LEU D 262 14.67 -25.72 -2.21
C LEU D 262 13.39 -26.01 -1.42
N LEU D 263 12.63 -24.95 -1.11
CA LEU D 263 11.39 -25.12 -0.35
C LEU D 263 10.37 -25.92 -1.18
N LEU D 264 10.23 -25.58 -2.46
CA LEU D 264 9.30 -26.29 -3.33
C LEU D 264 9.75 -27.75 -3.56
N ASN D 265 11.05 -27.95 -3.74
CA ASN D 265 11.57 -29.30 -3.95
C ASN D 265 11.07 -30.18 -2.80
N TYR D 266 11.09 -29.64 -1.59
CA TYR D 266 10.62 -30.39 -0.44
C TYR D 266 9.09 -30.54 -0.44
N LEU D 267 8.39 -29.42 -0.64
CA LEU D 267 6.93 -29.43 -0.61
C LEU D 267 6.28 -30.46 -1.52
N THR D 268 6.81 -30.62 -2.72
CA THR D 268 6.27 -31.56 -3.70
C THR D 268 6.53 -33.03 -3.43
N SER D 269 7.39 -33.33 -2.45
CA SER D 269 7.69 -34.70 -2.06
C SER D 269 7.12 -34.96 -0.67
N ASN D 270 6.45 -33.97 -0.12
CA ASN D 270 5.90 -34.10 1.23
C ASN D 270 4.56 -33.39 1.38
N GLU D 271 3.81 -33.31 0.29
CA GLU D 271 2.51 -32.63 0.31
C GLU D 271 1.65 -33.04 1.50
N GLY D 272 1.62 -34.34 1.78
CA GLY D 272 0.83 -34.86 2.88
C GLY D 272 1.22 -34.36 4.26
N VAL D 273 2.52 -34.12 4.45
CA VAL D 273 3.03 -33.64 5.74
C VAL D 273 2.52 -32.26 6.12
N VAL D 274 2.42 -31.37 5.15
CA VAL D 274 1.96 -30.00 5.40
C VAL D 274 0.52 -29.80 4.97
N SER D 275 -0.07 -30.85 4.40
CA SER D 275 -1.44 -30.78 3.90
C SER D 275 -2.44 -30.25 4.92
N GLY D 276 -2.26 -30.64 6.19
CA GLY D 276 -3.15 -30.19 7.23
C GLY D 276 -4.46 -29.59 6.76
N SER D 277 -4.69 -28.33 7.10
CA SER D 277 -5.91 -27.63 6.69
C SER D 277 -5.77 -26.13 6.93
N GLU E 18 12.37 24.24 -6.73
CA GLU E 18 11.46 23.55 -5.76
C GLU E 18 12.11 23.46 -4.39
N VAL E 19 11.29 23.32 -3.36
CA VAL E 19 11.76 23.21 -1.99
C VAL E 19 12.45 21.86 -1.78
N THR E 20 13.55 21.90 -1.04
CA THR E 20 14.33 20.70 -0.73
C THR E 20 13.91 20.06 0.59
N GLN E 21 14.13 18.75 0.69
CA GLN E 21 13.77 18.03 1.90
C GLN E 21 14.52 18.64 3.08
N ARG E 22 15.79 18.98 2.86
CA ARG E 22 16.62 19.58 3.90
C ARG E 22 16.07 20.93 4.36
N GLU E 23 15.51 21.69 3.42
CA GLU E 23 14.96 23.00 3.75
C GLU E 23 13.71 22.85 4.61
N LEU E 24 12.93 21.80 4.37
CA LEU E 24 11.73 21.55 5.16
C LEU E 24 12.17 21.04 6.52
N PHE E 25 13.26 20.28 6.52
CA PHE E 25 13.84 19.72 7.73
C PHE E 25 14.35 20.88 8.59
N GLU E 26 14.85 21.91 7.93
CA GLU E 26 15.37 23.09 8.60
C GLU E 26 14.21 23.97 9.06
N PHE E 27 13.14 24.01 8.27
CA PHE E 27 11.98 24.80 8.66
C PHE E 27 11.34 24.25 9.92
N VAL E 28 11.41 22.93 10.11
CA VAL E 28 10.84 22.32 11.31
C VAL E 28 11.66 22.81 12.49
N LEU E 29 12.97 22.64 12.41
CA LEU E 29 13.82 23.18 13.47
C LEU E 29 13.64 24.68 13.20
N ASN E 30 14.34 25.54 13.92
CA ASN E 30 14.18 26.98 13.71
C ASN E 30 12.79 27.47 14.11
N ASP E 31 11.93 26.52 14.47
CA ASP E 31 10.57 26.82 14.91
C ASP E 31 10.26 25.91 16.10
N PRO E 32 10.63 26.35 17.31
CA PRO E 32 10.43 25.61 18.56
C PRO E 32 9.06 24.94 18.73
N LEU E 33 8.00 25.62 18.30
CA LEU E 33 6.65 25.06 18.42
C LEU E 33 6.51 23.82 17.54
N LEU E 34 6.72 24.01 16.25
CA LEU E 34 6.62 22.93 15.27
C LEU E 34 7.59 21.81 15.56
N ALA E 35 8.83 22.16 15.92
CA ALA E 35 9.85 21.17 16.21
C ALA E 35 9.44 20.32 17.42
N SER E 36 9.21 20.99 18.55
CA SER E 36 8.83 20.29 19.77
C SER E 36 7.63 19.36 19.58
N SER E 37 6.70 19.73 18.72
CA SER E 37 5.52 18.90 18.48
C SER E 37 5.89 17.59 17.80
N LEU E 38 6.94 17.63 16.99
CA LEU E 38 7.39 16.45 16.26
C LEU E 38 8.43 15.62 17.01
N TYR E 39 9.46 16.26 17.53
CA TYR E 39 10.51 15.54 18.25
C TYR E 39 10.10 14.98 19.62
N ILE E 40 9.05 15.53 20.22
CA ILE E 40 8.61 15.04 21.52
C ILE E 40 7.95 13.68 21.36
N ASN E 41 7.14 13.53 20.31
CA ASN E 41 6.45 12.27 20.07
C ASN E 41 7.36 11.18 19.53
N ILE E 42 8.43 11.57 18.83
CA ILE E 42 9.36 10.56 18.32
C ILE E 42 9.92 9.88 19.58
N ALA E 43 10.22 10.70 20.58
CA ALA E 43 10.76 10.20 21.84
C ALA E 43 9.69 9.46 22.63
N LEU E 44 8.47 10.01 22.65
CA LEU E 44 7.37 9.38 23.38
C LEU E 44 6.92 8.07 22.74
N ALA E 45 6.84 8.05 21.41
CA ALA E 45 6.43 6.85 20.69
C ALA E 45 7.46 5.76 20.95
N GLY E 46 8.73 6.14 20.90
CA GLY E 46 9.80 5.19 21.13
C GLY E 46 9.74 4.62 22.53
N LEU E 47 9.54 5.50 23.51
CA LEU E 47 9.44 5.07 24.90
C LEU E 47 8.19 4.23 25.09
N SER E 48 7.17 4.48 24.28
CA SER E 48 5.93 3.71 24.39
C SER E 48 6.19 2.27 23.94
N ILE E 49 6.86 2.11 22.80
CA ILE E 49 7.17 0.78 22.28
C ILE E 49 7.97 0.00 23.32
N LEU E 50 8.99 0.63 23.86
CA LEU E 50 9.84 -0.01 24.86
C LEU E 50 9.07 -0.33 26.14
N LEU E 51 8.11 0.51 26.48
CA LEU E 51 7.31 0.30 27.68
C LEU E 51 6.31 -0.82 27.47
N PHE E 52 5.66 -0.83 26.30
CA PHE E 52 4.65 -1.84 26.01
C PHE E 52 5.25 -3.23 25.85
N VAL E 53 6.41 -3.33 25.22
CA VAL E 53 7.05 -4.61 25.03
C VAL E 53 7.33 -5.23 26.39
N PHE E 54 7.82 -4.41 27.31
CA PHE E 54 8.14 -4.85 28.67
C PHE E 54 6.89 -5.25 29.47
N MET E 55 5.80 -4.52 29.25
CA MET E 55 4.53 -4.77 29.95
C MET E 55 3.86 -6.09 29.57
N THR E 56 4.02 -6.52 28.33
CA THR E 56 3.38 -7.73 27.85
C THR E 56 4.30 -8.94 27.68
N ARG E 57 5.53 -8.82 28.16
CA ARG E 57 6.49 -9.90 28.06
C ARG E 57 5.97 -11.18 28.71
N GLY E 58 4.99 -11.03 29.60
CA GLY E 58 4.44 -12.18 30.30
C GLY E 58 3.26 -12.89 29.64
N LEU E 59 2.67 -12.30 28.61
CA LEU E 59 1.54 -12.92 27.93
C LEU E 59 1.90 -14.27 27.32
N ASP E 60 0.98 -15.22 27.42
CA ASP E 60 1.19 -16.56 26.88
C ASP E 60 0.10 -16.93 25.90
N ASP E 61 -1.09 -16.41 26.13
CA ASP E 61 -2.22 -16.71 25.27
C ASP E 61 -2.09 -16.00 23.92
N PRO E 62 -2.15 -16.76 22.82
CA PRO E 62 -2.04 -16.21 21.46
C PRO E 62 -3.03 -15.10 21.08
N ARG E 63 -4.29 -15.22 21.50
CA ARG E 63 -5.24 -14.17 21.16
C ARG E 63 -4.89 -12.90 21.93
N ALA E 64 -4.49 -13.06 23.17
CA ALA E 64 -4.11 -11.93 24.02
C ALA E 64 -2.84 -11.31 23.45
N LYS E 65 -2.04 -12.13 22.77
CA LYS E 65 -0.79 -11.67 22.17
C LYS E 65 -1.08 -10.99 20.83
N LEU E 66 -2.13 -11.42 20.16
CA LEU E 66 -2.49 -10.81 18.88
C LEU E 66 -2.94 -9.37 19.17
N ILE E 67 -3.73 -9.20 20.23
CA ILE E 67 -4.21 -7.88 20.63
C ILE E 67 -3.02 -7.01 20.99
N ALA E 68 -2.08 -7.57 21.74
CA ALA E 68 -0.89 -6.85 22.17
C ALA E 68 -0.08 -6.36 20.97
N VAL E 69 0.22 -7.27 20.04
CA VAL E 69 1.02 -6.93 18.86
C VAL E 69 0.39 -5.82 18.01
N SER E 70 -0.91 -5.92 17.78
CA SER E 70 -1.61 -4.92 16.98
C SER E 70 -1.56 -3.57 17.68
N THR E 71 -1.55 -3.59 19.01
CA THR E 71 -1.49 -2.38 19.83
C THR E 71 -0.10 -1.77 19.80
N ILE E 72 0.91 -2.62 19.93
CA ILE E 72 2.29 -2.17 19.91
C ILE E 72 2.64 -1.58 18.54
N LEU E 73 2.03 -2.08 17.48
CA LEU E 73 2.30 -1.57 16.14
C LEU E 73 1.80 -0.13 15.99
N VAL E 74 0.83 0.27 16.81
CA VAL E 74 0.30 1.62 16.75
C VAL E 74 1.42 2.64 17.00
N PRO E 75 2.14 2.53 18.12
CA PRO E 75 3.22 3.50 18.33
C PRO E 75 4.40 3.26 17.37
N VAL E 76 4.56 2.02 16.92
CA VAL E 76 5.64 1.67 15.99
C VAL E 76 5.46 2.48 14.71
N VAL E 77 4.23 2.54 14.23
CA VAL E 77 3.93 3.29 13.03
C VAL E 77 4.10 4.78 13.34
N SER E 78 3.70 5.17 14.53
CA SER E 78 3.78 6.56 14.96
C SER E 78 5.20 7.13 14.91
N ILE E 79 6.16 6.43 15.50
CA ILE E 79 7.54 6.90 15.51
C ILE E 79 8.04 7.10 14.08
N ALA E 80 7.69 6.16 13.19
CA ALA E 80 8.10 6.25 11.79
C ALA E 80 7.46 7.46 11.13
N SER E 81 6.21 7.74 11.50
CA SER E 81 5.47 8.87 10.95
C SER E 81 6.07 10.21 11.34
N TYR E 82 6.43 10.34 12.62
CA TYR E 82 7.03 11.58 13.10
C TYR E 82 8.46 11.73 12.62
N THR E 83 9.11 10.63 12.31
CA THR E 83 10.47 10.70 11.80
C THR E 83 10.36 11.11 10.34
N GLY E 84 9.29 10.67 9.70
CA GLY E 84 9.06 11.02 8.31
C GLY E 84 8.72 12.50 8.16
N LEU E 85 8.04 13.05 9.17
CA LEU E 85 7.67 14.45 9.14
C LEU E 85 8.85 15.34 9.55
N ALA E 86 9.45 15.03 10.69
CA ALA E 86 10.58 15.80 11.20
C ALA E 86 11.77 15.84 10.24
N SER E 87 11.94 14.78 9.46
CA SER E 87 13.06 14.71 8.52
C SER E 87 12.74 15.50 7.25
N GLY E 88 11.49 15.92 7.13
CA GLY E 88 11.06 16.66 5.96
C GLY E 88 10.66 15.76 4.81
N LEU E 89 10.93 14.47 4.97
CA LEU E 89 10.60 13.48 3.95
C LEU E 89 9.13 13.51 3.55
N THR E 90 8.23 13.52 4.53
CA THR E 90 6.81 13.52 4.22
C THR E 90 6.09 14.86 4.42
N ILE E 91 6.77 15.95 4.10
CA ILE E 91 6.19 17.30 4.19
C ILE E 91 6.39 17.98 2.84
N SER E 92 5.42 18.75 2.40
CA SER E 92 5.52 19.46 1.12
C SER E 92 4.92 20.86 1.21
N VAL E 93 5.44 21.77 0.38
CA VAL E 93 4.93 23.15 0.36
C VAL E 93 4.01 23.27 -0.86
N LEU E 94 2.72 23.38 -0.60
CA LEU E 94 1.73 23.48 -1.68
C LEU E 94 1.06 24.84 -1.73
N GLU E 95 0.55 25.21 -2.90
CA GLU E 95 -0.14 26.49 -3.07
C GLU E 95 -1.63 26.19 -3.16
N MET E 96 -2.41 26.84 -2.31
CA MET E 96 -3.85 26.64 -2.29
C MET E 96 -4.53 27.26 -3.50
N PRO E 97 -5.63 26.63 -3.97
CA PRO E 97 -6.39 27.10 -5.13
C PRO E 97 -7.12 28.43 -4.90
N ALA E 98 -7.58 29.02 -5.99
CA ALA E 98 -8.31 30.29 -5.93
C ALA E 98 -9.51 30.18 -5.00
N GLY E 99 -9.59 31.10 -4.04
CA GLY E 99 -10.69 31.10 -3.11
C GLY E 99 -10.40 30.42 -1.78
N HIS E 100 -9.28 29.72 -1.69
CA HIS E 100 -8.92 29.05 -0.45
C HIS E 100 -8.52 30.11 0.57
N PHE E 101 -9.00 29.97 1.80
CA PHE E 101 -8.69 30.92 2.86
C PHE E 101 -7.20 31.22 3.02
N ALA E 102 -6.34 30.34 2.51
CA ALA E 102 -4.90 30.56 2.63
C ALA E 102 -4.19 30.67 1.28
N GLU E 103 -4.92 31.02 0.24
CA GLU E 103 -4.30 31.18 -1.07
C GLU E 103 -3.47 32.45 -1.03
N GLY E 104 -2.26 32.40 -1.60
CA GLY E 104 -1.41 33.58 -1.60
C GLY E 104 -0.51 33.70 -0.39
N SER E 105 -0.53 32.69 0.47
CA SER E 105 0.31 32.68 1.66
C SER E 105 1.74 32.37 1.24
N SER E 106 2.69 32.60 2.16
CA SER E 106 4.11 32.33 1.87
C SER E 106 4.71 31.65 3.10
N VAL E 107 5.77 30.88 2.90
CA VAL E 107 6.40 30.17 4.00
C VAL E 107 7.77 30.65 4.44
N MET E 108 8.68 30.89 3.50
CA MET E 108 10.03 31.34 3.83
C MET E 108 10.92 30.25 4.43
N LEU E 109 11.79 29.70 3.59
CA LEU E 109 12.71 28.66 4.04
C LEU E 109 14.11 29.24 4.22
N GLY E 110 14.49 29.45 5.46
CA GLY E 110 15.80 30.02 5.75
C GLY E 110 15.86 31.50 5.44
N GLY E 111 16.41 31.84 4.28
CA GLY E 111 16.51 33.24 3.89
C GLY E 111 15.66 33.55 2.67
N GLU E 112 14.99 32.55 2.12
CA GLU E 112 14.16 32.76 0.95
C GLU E 112 12.68 32.60 1.28
N GLU E 113 11.83 33.31 0.56
CA GLU E 113 10.39 33.22 0.78
C GLU E 113 9.75 32.53 -0.41
N VAL E 114 8.96 31.50 -0.14
CA VAL E 114 8.30 30.75 -1.20
C VAL E 114 6.79 30.81 -1.00
N ASP E 115 6.03 30.77 -2.08
CA ASP E 115 4.58 30.81 -1.99
C ASP E 115 4.05 29.44 -1.59
N GLY E 116 2.96 29.43 -0.82
CA GLY E 116 2.38 28.17 -0.41
C GLY E 116 2.27 27.98 1.09
N VAL E 117 1.71 26.84 1.48
CA VAL E 117 1.52 26.51 2.88
C VAL E 117 2.27 25.21 3.17
N VAL E 118 2.67 25.03 4.41
CA VAL E 118 3.39 23.83 4.81
C VAL E 118 2.37 22.72 5.01
N THR E 119 2.35 21.77 4.07
CA THR E 119 1.43 20.65 4.13
C THR E 119 2.11 19.40 4.66
N MET E 120 1.72 19.00 5.86
CA MET E 120 2.29 17.81 6.48
C MET E 120 1.44 16.59 6.17
N TRP E 121 1.40 16.23 4.88
CA TRP E 121 0.62 15.10 4.44
C TRP E 121 1.12 13.78 5.04
N GLY E 122 2.30 13.81 5.64
CA GLY E 122 2.84 12.61 6.25
C GLY E 122 1.92 12.02 7.32
N ARG E 123 1.25 12.89 8.07
CA ARG E 123 0.33 12.44 9.12
C ARG E 123 -0.81 11.62 8.55
N TYR E 124 -1.47 12.18 7.54
CA TYR E 124 -2.61 11.54 6.91
C TYR E 124 -2.24 10.19 6.28
N LEU E 125 -1.05 10.12 5.71
CA LEU E 125 -0.60 8.89 5.07
C LEU E 125 -0.40 7.77 6.08
N THR E 126 0.33 8.06 7.15
CA THR E 126 0.58 7.06 8.18
C THR E 126 -0.64 6.71 9.03
N TRP E 127 -1.65 7.58 9.05
CA TRP E 127 -2.84 7.28 9.82
C TRP E 127 -3.49 6.05 9.21
N ALA E 128 -3.34 5.94 7.88
CA ALA E 128 -3.90 4.81 7.15
C ALA E 128 -3.28 3.49 7.59
N LEU E 129 -2.17 3.56 8.32
CA LEU E 129 -1.49 2.36 8.79
C LEU E 129 -1.69 2.14 10.29
N SER E 130 -1.67 3.23 11.05
CA SER E 130 -1.83 3.17 12.49
C SER E 130 -3.27 2.98 12.96
N THR E 131 -4.20 3.76 12.40
CA THR E 131 -5.58 3.66 12.82
C THR E 131 -6.22 2.30 12.61
N PRO E 132 -5.88 1.61 11.50
CA PRO E 132 -6.48 0.29 11.31
C PRO E 132 -6.05 -0.66 12.42
N MET E 133 -4.86 -0.41 12.97
CA MET E 133 -4.33 -1.23 14.05
C MET E 133 -5.01 -0.92 15.38
N ILE E 134 -5.43 0.33 15.56
CA ILE E 134 -6.12 0.70 16.79
C ILE E 134 -7.45 -0.04 16.76
N LEU E 135 -8.13 0.06 15.62
CA LEU E 135 -9.43 -0.57 15.41
C LEU E 135 -9.39 -2.08 15.56
N LEU E 136 -8.30 -2.70 15.10
CA LEU E 136 -8.15 -4.15 15.17
C LEU E 136 -8.00 -4.61 16.62
N ALA E 137 -7.22 -3.88 17.41
CA ALA E 137 -7.02 -4.24 18.80
C ALA E 137 -8.32 -4.08 19.60
N LEU E 138 -9.04 -3.00 19.33
CA LEU E 138 -10.30 -2.72 20.03
C LEU E 138 -11.40 -3.69 19.61
N GLY E 139 -11.54 -3.89 18.31
CA GLY E 139 -12.55 -4.81 17.81
C GLY E 139 -12.40 -6.17 18.45
N LEU E 140 -11.17 -6.70 18.43
CA LEU E 140 -10.89 -7.99 19.02
C LEU E 140 -11.17 -7.96 20.51
N LEU E 141 -10.86 -6.84 21.15
CA LEU E 141 -11.09 -6.68 22.58
C LEU E 141 -12.57 -6.87 22.88
N ALA E 142 -13.41 -6.29 22.03
CA ALA E 142 -14.86 -6.36 22.20
C ALA E 142 -15.47 -7.66 21.67
N GLY E 143 -14.63 -8.55 21.15
CA GLY E 143 -15.12 -9.81 20.62
C GLY E 143 -15.85 -9.71 19.29
N SER E 144 -15.52 -8.68 18.52
CA SER E 144 -16.14 -8.48 17.21
C SER E 144 -15.93 -9.65 16.26
N ASN E 145 -16.83 -9.79 15.29
CA ASN E 145 -16.68 -10.85 14.30
C ASN E 145 -15.87 -10.25 13.14
N ALA E 146 -15.56 -11.05 12.14
CA ALA E 146 -14.76 -10.58 11.01
C ALA E 146 -15.44 -9.51 10.14
N THR E 147 -16.73 -9.68 9.89
CA THR E 147 -17.47 -8.73 9.06
C THR E 147 -17.39 -7.30 9.58
N LYS E 148 -17.49 -7.15 10.90
CA LYS E 148 -17.45 -5.83 11.51
C LYS E 148 -16.02 -5.29 11.54
N LEU E 149 -15.06 -6.17 11.73
CA LEU E 149 -13.66 -5.77 11.75
C LEU E 149 -13.29 -5.29 10.36
N PHE E 150 -13.72 -6.05 9.37
CA PHE E 150 -13.47 -5.74 7.97
C PHE E 150 -14.10 -4.42 7.56
N THR E 151 -15.29 -4.15 8.09
CA THR E 151 -16.01 -2.92 7.77
C THR E 151 -15.35 -1.70 8.41
N ALA E 152 -15.12 -1.78 9.72
CA ALA E 152 -14.49 -0.68 10.44
C ALA E 152 -13.13 -0.32 9.83
N ILE E 153 -12.36 -1.35 9.49
CA ILE E 153 -11.03 -1.16 8.92
C ILE E 153 -10.99 -0.64 7.48
N THR E 154 -11.78 -1.23 6.59
CA THR E 154 -11.77 -0.77 5.21
C THR E 154 -12.19 0.70 5.09
N PHE E 155 -13.30 1.06 5.71
CA PHE E 155 -13.77 2.44 5.65
C PHE E 155 -12.86 3.40 6.40
N ASP E 156 -12.20 2.91 7.44
CA ASP E 156 -11.28 3.76 8.20
C ASP E 156 -10.16 4.14 7.23
N ILE E 157 -9.59 3.14 6.57
CA ILE E 157 -8.53 3.36 5.61
C ILE E 157 -9.02 4.30 4.51
N ALA E 158 -10.27 4.12 4.09
CA ALA E 158 -10.85 4.99 3.06
C ALA E 158 -10.90 6.42 3.58
N MET E 159 -11.17 6.55 4.88
CA MET E 159 -11.23 7.85 5.53
C MET E 159 -9.89 8.57 5.42
N CYS E 160 -8.84 7.89 5.87
CA CYS E 160 -7.49 8.44 5.83
C CYS E 160 -7.00 8.78 4.42
N VAL E 161 -7.29 7.92 3.46
CA VAL E 161 -6.83 8.13 2.09
C VAL E 161 -7.52 9.30 1.38
N THR E 162 -8.81 9.50 1.61
CA THR E 162 -9.49 10.61 0.96
C THR E 162 -9.13 11.90 1.68
N GLY E 163 -8.68 11.78 2.93
CA GLY E 163 -8.27 12.94 3.68
C GLY E 163 -6.94 13.42 3.12
N LEU E 164 -6.08 12.45 2.77
CA LEU E 164 -4.79 12.77 2.19
C LEU E 164 -5.05 13.43 0.85
N ALA E 165 -5.92 12.81 0.06
CA ALA E 165 -6.28 13.33 -1.24
C ALA E 165 -6.77 14.78 -1.11
N ALA E 166 -7.51 15.07 -0.05
CA ALA E 166 -8.03 16.41 0.18
C ALA E 166 -6.88 17.40 0.36
N ALA E 167 -5.91 17.03 1.20
CA ALA E 167 -4.75 17.86 1.48
C ALA E 167 -3.83 18.01 0.26
N LEU E 168 -3.86 17.02 -0.63
CA LEU E 168 -3.02 17.02 -1.82
C LEU E 168 -3.62 17.70 -3.04
N THR E 169 -4.94 17.94 -3.02
CA THR E 169 -5.60 18.59 -4.14
C THR E 169 -5.41 20.10 -4.07
N THR E 170 -4.83 20.67 -5.11
CA THR E 170 -4.58 22.10 -5.16
C THR E 170 -5.17 22.74 -6.42
N SER E 171 -5.93 21.95 -7.17
CA SER E 171 -6.55 22.45 -8.40
C SER E 171 -7.81 23.24 -8.10
N SER E 172 -8.57 22.80 -7.10
CA SER E 172 -9.81 23.46 -6.74
C SER E 172 -10.11 23.44 -5.25
N HIS E 173 -10.66 24.55 -4.75
CA HIS E 173 -11.01 24.68 -3.35
C HIS E 173 -12.23 23.78 -3.11
N LEU E 174 -13.10 23.73 -4.10
CA LEU E 174 -14.32 22.93 -4.04
C LEU E 174 -13.98 21.45 -3.89
N MET E 175 -13.13 20.95 -4.78
CA MET E 175 -12.73 19.54 -4.73
C MET E 175 -12.15 19.21 -3.35
N ARG E 176 -11.35 20.12 -2.81
CA ARG E 176 -10.75 19.91 -1.51
C ARG E 176 -11.80 19.54 -0.47
N TRP E 177 -12.76 20.42 -0.25
CA TRP E 177 -13.80 20.16 0.73
C TRP E 177 -14.67 18.96 0.34
N PHE E 178 -14.75 18.67 -0.96
CA PHE E 178 -15.54 17.54 -1.41
C PHE E 178 -14.88 16.25 -0.89
N TRP E 179 -13.57 16.13 -1.10
CA TRP E 179 -12.83 14.96 -0.63
C TRP E 179 -13.15 14.82 0.86
N TYR E 180 -13.02 15.94 1.57
CA TYR E 180 -13.26 16.02 3.00
C TYR E 180 -14.66 15.48 3.36
N ALA E 181 -15.62 15.64 2.46
CA ALA E 181 -16.97 15.16 2.71
C ALA E 181 -16.99 13.64 2.66
N ILE E 182 -16.40 13.09 1.60
CA ILE E 182 -16.33 11.64 1.42
C ILE E 182 -15.69 11.01 2.66
N SER E 183 -14.59 11.59 3.10
CA SER E 183 -13.88 11.11 4.28
C SER E 183 -14.80 11.12 5.49
N CYS E 184 -15.63 12.16 5.59
CA CYS E 184 -16.58 12.28 6.69
C CYS E 184 -17.63 11.19 6.59
N ALA E 185 -18.01 10.84 5.37
CA ALA E 185 -19.00 9.80 5.15
C ALA E 185 -18.43 8.43 5.52
N CYS E 186 -17.11 8.31 5.52
CA CYS E 186 -16.46 7.05 5.87
C CYS E 186 -16.25 6.97 7.38
N PHE E 187 -15.95 8.11 7.98
CA PHE E 187 -15.72 8.22 9.41
C PHE E 187 -16.98 7.88 10.21
N ILE E 188 -18.14 8.20 9.66
CA ILE E 188 -19.39 7.91 10.36
C ILE E 188 -19.59 6.40 10.47
N VAL E 189 -19.22 5.65 9.43
CA VAL E 189 -19.34 4.19 9.45
C VAL E 189 -18.49 3.63 10.59
N VAL E 190 -17.26 4.11 10.70
CA VAL E 190 -16.36 3.67 11.76
C VAL E 190 -16.99 3.99 13.10
N LEU E 191 -17.52 5.20 13.21
CA LEU E 191 -18.16 5.66 14.43
C LEU E 191 -19.34 4.77 14.80
N TYR E 192 -20.12 4.39 13.80
CA TYR E 192 -21.29 3.54 14.01
C TYR E 192 -20.94 2.20 14.65
N ILE E 193 -20.01 1.46 14.05
CA ILE E 193 -19.64 0.17 14.58
C ILE E 193 -19.02 0.31 15.97
N LEU E 194 -18.37 1.43 16.21
CA LEU E 194 -17.74 1.68 17.52
C LEU E 194 -18.76 1.95 18.61
N LEU E 195 -19.68 2.88 18.35
CA LEU E 195 -20.70 3.26 19.32
C LEU E 195 -21.87 2.28 19.44
N VAL E 196 -22.29 1.72 18.32
CA VAL E 196 -23.41 0.78 18.30
C VAL E 196 -22.98 -0.67 18.43
N GLU E 197 -22.48 -1.23 17.33
CA GLU E 197 -22.06 -2.62 17.27
C GLU E 197 -21.14 -3.10 18.39
N TRP E 198 -19.89 -2.67 18.38
CA TRP E 198 -18.92 -3.10 19.37
C TRP E 198 -19.24 -2.80 20.83
N ALA E 199 -20.15 -1.87 21.07
CA ALA E 199 -20.54 -1.53 22.44
C ALA E 199 -21.26 -2.73 23.02
N GLN E 200 -22.03 -3.40 22.16
CA GLN E 200 -22.79 -4.57 22.55
C GLN E 200 -21.90 -5.81 22.68
N ASP E 201 -21.06 -6.04 21.67
CA ASP E 201 -20.17 -7.18 21.67
C ASP E 201 -19.33 -7.25 22.95
N ALA E 202 -18.79 -6.09 23.35
CA ALA E 202 -17.97 -6.02 24.56
C ALA E 202 -18.65 -6.67 25.76
N LYS E 203 -19.96 -6.46 25.88
CA LYS E 203 -20.72 -7.04 26.99
C LYS E 203 -20.66 -8.55 26.85
N ALA E 204 -21.05 -9.04 25.67
CA ALA E 204 -21.05 -10.47 25.39
C ALA E 204 -19.66 -11.08 25.52
N ALA E 205 -18.63 -10.26 25.32
CA ALA E 205 -17.25 -10.74 25.41
C ALA E 205 -16.70 -10.63 26.82
N GLY E 206 -17.40 -9.90 27.67
CA GLY E 206 -16.98 -9.73 29.06
C GLY E 206 -15.98 -8.60 29.23
N THR E 207 -15.96 -7.67 28.27
CA THR E 207 -15.03 -6.55 28.34
C THR E 207 -15.72 -5.19 28.20
N ALA E 208 -17.00 -5.13 28.53
CA ALA E 208 -17.76 -3.88 28.44
C ALA E 208 -17.11 -2.73 29.21
N ASP E 209 -16.57 -3.06 30.38
CA ASP E 209 -15.90 -2.07 31.22
C ASP E 209 -14.74 -1.35 30.53
N ILE E 210 -13.70 -2.10 30.16
CA ILE E 210 -12.53 -1.53 29.51
C ILE E 210 -12.88 -0.95 28.14
N PHE E 211 -13.87 -1.54 27.47
CA PHE E 211 -14.26 -1.06 26.15
C PHE E 211 -14.84 0.34 26.22
N SER E 212 -15.86 0.49 27.06
CA SER E 212 -16.51 1.79 27.23
C SER E 212 -15.47 2.89 27.42
N THR E 213 -14.49 2.63 28.26
CA THR E 213 -13.44 3.60 28.53
C THR E 213 -12.69 3.95 27.26
N LEU E 214 -12.24 2.92 26.55
CA LEU E 214 -11.48 3.12 25.32
C LEU E 214 -12.37 3.62 24.19
N LYS E 215 -13.64 3.21 24.20
CA LYS E 215 -14.58 3.64 23.18
C LYS E 215 -14.80 5.14 23.26
N LEU E 216 -15.07 5.61 24.48
CA LEU E 216 -15.31 7.02 24.75
C LEU E 216 -14.09 7.84 24.35
N LEU E 217 -12.91 7.40 24.78
CA LEU E 217 -11.67 8.08 24.48
C LEU E 217 -11.47 8.17 22.97
N THR E 218 -11.56 7.03 22.29
CA THR E 218 -11.38 6.97 20.85
C THR E 218 -12.29 7.92 20.07
N VAL E 219 -13.59 7.85 20.36
CA VAL E 219 -14.58 8.68 19.68
C VAL E 219 -14.37 10.17 19.87
N VAL E 220 -14.02 10.57 21.08
CA VAL E 220 -13.78 11.98 21.39
C VAL E 220 -12.50 12.47 20.74
N MET E 221 -11.41 11.73 20.93
CA MET E 221 -10.13 12.14 20.35
C MET E 221 -10.14 12.13 18.82
N TRP E 222 -10.76 11.12 18.24
CA TRP E 222 -10.82 11.01 16.78
C TRP E 222 -11.63 12.14 16.16
N LEU E 223 -12.64 12.63 16.88
CA LEU E 223 -13.47 13.72 16.37
C LEU E 223 -12.64 15.00 16.28
N GLY E 224 -11.59 15.08 17.10
CA GLY E 224 -10.74 16.24 17.11
C GLY E 224 -9.91 16.43 15.85
N TYR E 225 -9.53 15.33 15.19
CA TYR E 225 -8.72 15.43 13.97
C TYR E 225 -9.37 16.20 12.83
N PRO E 226 -10.59 15.82 12.41
CA PRO E 226 -11.23 16.56 11.31
C PRO E 226 -11.51 18.02 11.66
N ILE E 227 -11.64 18.29 12.96
CA ILE E 227 -11.89 19.64 13.44
C ILE E 227 -10.61 20.44 13.19
N VAL E 228 -9.52 19.94 13.76
CA VAL E 228 -8.21 20.56 13.62
C VAL E 228 -7.92 20.83 12.15
N TRP E 229 -8.11 19.80 11.32
CA TRP E 229 -7.86 19.90 9.90
C TRP E 229 -8.63 21.07 9.27
N ALA E 230 -9.85 21.30 9.74
CA ALA E 230 -10.70 22.37 9.23
C ALA E 230 -10.25 23.75 9.73
N LEU E 231 -9.60 23.78 10.89
CA LEU E 231 -9.13 25.03 11.48
C LEU E 231 -7.72 25.43 11.06
N GLY E 232 -6.89 24.45 10.68
CA GLY E 232 -5.54 24.73 10.27
C GLY E 232 -5.43 25.26 8.85
N VAL E 233 -4.19 25.50 8.42
CA VAL E 233 -3.92 26.03 7.07
C VAL E 233 -4.56 25.22 5.94
N GLU E 234 -4.97 24.00 6.21
CA GLU E 234 -5.58 23.15 5.19
C GLU E 234 -7.04 23.50 4.95
N GLY E 235 -7.72 23.99 5.98
CA GLY E 235 -9.12 24.35 5.85
C GLY E 235 -9.38 25.84 5.80
N VAL E 236 -9.89 26.39 6.90
CA VAL E 236 -10.21 27.81 6.98
C VAL E 236 -8.97 28.62 7.31
N ALA E 237 -7.89 27.90 7.64
CA ALA E 237 -6.62 28.53 7.98
C ALA E 237 -6.72 29.59 9.07
N VAL E 238 -7.31 29.21 10.21
CA VAL E 238 -7.42 30.14 11.33
C VAL E 238 -6.34 29.82 12.35
N LEU E 239 -5.76 28.63 12.25
CA LEU E 239 -4.69 28.20 13.16
C LEU E 239 -3.35 28.10 12.43
N PRO E 240 -2.27 28.53 13.10
CA PRO E 240 -0.91 28.49 12.52
C PRO E 240 -0.47 27.05 12.29
N VAL E 241 0.64 26.88 11.57
CA VAL E 241 1.16 25.54 11.29
C VAL E 241 1.74 24.93 12.57
N GLY E 242 2.31 25.77 13.42
CA GLY E 242 2.88 25.30 14.67
C GLY E 242 1.81 24.91 15.67
N TYR E 243 0.67 25.58 15.59
CA TYR E 243 -0.46 25.29 16.48
C TYR E 243 -1.18 24.02 16.07
N THR E 244 -1.57 23.94 14.79
CA THR E 244 -2.28 22.79 14.26
C THR E 244 -1.48 21.51 14.51
N SER E 245 -0.16 21.59 14.37
CA SER E 245 0.72 20.46 14.57
C SER E 245 0.72 19.96 16.02
N TRP E 246 0.77 20.90 16.96
CA TRP E 246 0.76 20.54 18.38
C TRP E 246 -0.59 19.95 18.77
N ALA E 247 -1.65 20.40 18.11
CA ALA E 247 -2.98 19.91 18.40
C ALA E 247 -3.03 18.42 18.03
N TYR E 248 -2.47 18.10 16.86
CA TYR E 248 -2.43 16.72 16.39
C TYR E 248 -1.54 15.88 17.31
N SER E 249 -0.39 16.43 17.67
CA SER E 249 0.54 15.74 18.55
C SER E 249 -0.10 15.45 19.90
N ALA E 250 -0.92 16.38 20.37
CA ALA E 250 -1.61 16.22 21.64
C ALA E 250 -2.63 15.10 21.50
N LEU E 251 -3.37 15.12 20.39
CA LEU E 251 -4.37 14.08 20.13
C LEU E 251 -3.66 12.73 20.10
N ASP E 252 -2.61 12.64 19.28
CA ASP E 252 -1.85 11.40 19.14
C ASP E 252 -1.41 10.84 20.49
N ILE E 253 -1.01 11.74 21.39
CA ILE E 253 -0.57 11.31 22.72
C ILE E 253 -1.67 10.57 23.47
N VAL E 254 -2.91 10.99 23.29
CA VAL E 254 -4.03 10.35 23.97
C VAL E 254 -4.58 9.18 23.16
N ALA E 255 -4.96 9.45 21.92
CA ALA E 255 -5.51 8.44 21.03
C ALA E 255 -4.60 7.26 20.79
N LYS E 256 -3.30 7.45 20.99
CA LYS E 256 -2.33 6.38 20.78
C LYS E 256 -1.61 5.88 22.02
N TYR E 257 -0.74 6.72 22.56
CA TYR E 257 0.07 6.35 23.71
C TYR E 257 -0.65 6.02 25.01
N ILE E 258 -1.50 6.92 25.51
CA ILE E 258 -2.19 6.59 26.76
C ILE E 258 -3.26 5.54 26.47
N PHE E 259 -3.89 5.65 25.30
CA PHE E 259 -4.91 4.67 24.90
C PHE E 259 -4.29 3.27 24.85
N ALA E 260 -3.08 3.17 24.33
CA ALA E 260 -2.39 1.89 24.24
C ALA E 260 -1.94 1.41 25.60
N PHE E 261 -1.55 2.34 26.46
CA PHE E 261 -1.09 1.98 27.80
C PHE E 261 -2.25 1.37 28.58
N LEU E 262 -3.43 1.94 28.44
CA LEU E 262 -4.62 1.48 29.14
C LEU E 262 -5.04 0.11 28.66
N LEU E 263 -5.15 -0.06 27.34
CA LEU E 263 -5.54 -1.34 26.77
C LEU E 263 -4.59 -2.42 27.29
N LEU E 264 -3.30 -2.20 27.10
CA LEU E 264 -2.28 -3.15 27.56
C LEU E 264 -2.27 -3.33 29.07
N ASN E 265 -2.57 -2.28 29.82
CA ASN E 265 -2.60 -2.36 31.28
C ASN E 265 -3.71 -3.33 31.67
N TYR E 266 -4.80 -3.27 30.92
CA TYR E 266 -5.95 -4.13 31.15
C TYR E 266 -5.61 -5.53 30.68
N LEU E 267 -5.17 -5.63 29.42
CA LEU E 267 -4.83 -6.91 28.81
C LEU E 267 -3.96 -7.78 29.72
N THR E 268 -2.89 -7.18 30.24
CA THR E 268 -1.96 -7.90 31.10
C THR E 268 -2.60 -8.37 32.40
N SER E 269 -3.74 -7.79 32.76
CA SER E 269 -4.44 -8.18 33.98
C SER E 269 -5.65 -9.07 33.70
N ASN E 270 -6.12 -9.04 32.46
CA ASN E 270 -7.28 -9.85 32.09
C ASN E 270 -7.01 -10.73 30.88
N GLU E 271 -5.80 -11.29 30.84
CA GLU E 271 -5.41 -12.17 29.74
C GLU E 271 -6.40 -13.31 29.53
N GLY E 272 -6.89 -13.87 30.63
CA GLY E 272 -7.84 -14.97 30.55
C GLY E 272 -9.18 -14.64 29.93
N VAL E 273 -9.73 -13.48 30.26
CA VAL E 273 -11.03 -13.08 29.73
C VAL E 273 -10.99 -12.85 28.22
N VAL E 274 -9.85 -12.40 27.70
CA VAL E 274 -9.74 -12.15 26.27
C VAL E 274 -9.29 -13.39 25.49
N SER E 275 -8.87 -14.43 26.22
CA SER E 275 -8.43 -15.68 25.61
C SER E 275 -9.56 -16.40 24.89
N GLY E 276 -10.75 -16.36 25.48
CA GLY E 276 -11.91 -17.01 24.88
C GLY E 276 -12.35 -18.22 25.69
N GLU F 18 6.94 23.44 -14.71
CA GLU F 18 6.15 22.17 -14.65
C GLU F 18 4.67 22.42 -14.84
N VAL F 19 3.90 21.35 -15.01
CA VAL F 19 2.46 21.47 -15.19
C VAL F 19 1.78 21.40 -13.83
N THR F 20 0.88 22.34 -13.56
CA THR F 20 0.18 22.39 -12.29
C THR F 20 -1.12 21.58 -12.29
N GLN F 21 -1.55 21.20 -11.08
CA GLN F 21 -2.79 20.45 -10.91
C GLN F 21 -3.92 21.29 -11.48
N ARG F 22 -3.82 22.60 -11.31
CA ARG F 22 -4.82 23.53 -11.82
C ARG F 22 -4.97 23.37 -13.34
N GLU F 23 -3.84 23.42 -14.04
CA GLU F 23 -3.84 23.30 -15.50
C GLU F 23 -4.43 21.97 -15.97
N LEU F 24 -4.17 20.88 -15.25
CA LEU F 24 -4.73 19.59 -15.64
C LEU F 24 -6.23 19.58 -15.37
N PHE F 25 -6.63 20.25 -14.30
CA PHE F 25 -8.04 20.34 -13.94
C PHE F 25 -8.79 21.10 -15.03
N GLU F 26 -8.35 22.32 -15.30
CA GLU F 26 -9.01 23.12 -16.31
C GLU F 26 -8.86 22.49 -17.69
N PHE F 27 -7.85 21.64 -17.85
CA PHE F 27 -7.67 20.94 -19.13
C PHE F 27 -8.77 19.89 -19.25
N VAL F 28 -9.18 19.33 -18.13
CA VAL F 28 -10.24 18.33 -18.12
C VAL F 28 -11.48 18.98 -18.73
N LEU F 29 -11.71 20.24 -18.37
CA LEU F 29 -12.83 21.00 -18.92
C LEU F 29 -12.36 21.38 -20.33
N ASN F 30 -13.15 22.15 -21.06
CA ASN F 30 -12.78 22.55 -22.41
C ASN F 30 -12.69 21.32 -23.32
N ASP F 31 -12.87 20.15 -22.74
CA ASP F 31 -12.81 18.88 -23.46
C ASP F 31 -13.99 18.04 -22.98
N PRO F 32 -15.19 18.29 -23.53
CA PRO F 32 -16.45 17.61 -23.20
C PRO F 32 -16.39 16.08 -23.16
N LEU F 33 -15.65 15.48 -24.09
CA LEU F 33 -15.54 14.02 -24.12
C LEU F 33 -14.86 13.50 -22.87
N LEU F 34 -13.74 14.12 -22.51
CA LEU F 34 -12.97 13.72 -21.34
C LEU F 34 -13.70 14.08 -20.05
N ALA F 35 -14.05 15.35 -19.91
CA ALA F 35 -14.74 15.85 -18.71
C ALA F 35 -16.00 15.09 -18.32
N SER F 36 -16.90 14.86 -19.28
CA SER F 36 -18.14 14.15 -18.96
C SER F 36 -17.86 12.74 -18.46
N SER F 37 -17.03 12.00 -19.19
CA SER F 37 -16.70 10.62 -18.81
C SER F 37 -16.28 10.52 -17.34
N LEU F 38 -15.74 11.61 -16.79
CA LEU F 38 -15.29 11.63 -15.41
C LEU F 38 -16.39 11.99 -14.41
N TYR F 39 -16.88 13.22 -14.47
CA TYR F 39 -17.91 13.66 -13.54
C TYR F 39 -19.16 12.76 -13.57
N ILE F 40 -19.49 12.21 -14.74
CA ILE F 40 -20.66 11.35 -14.86
C ILE F 40 -20.55 10.11 -13.95
N ASN F 41 -19.34 9.56 -13.83
CA ASN F 41 -19.18 8.39 -12.97
C ASN F 41 -19.04 8.75 -11.50
N ILE F 42 -18.69 10.00 -11.21
CA ILE F 42 -18.59 10.45 -9.83
C ILE F 42 -19.99 10.40 -9.22
N ALA F 43 -20.98 10.81 -10.03
CA ALA F 43 -22.38 10.81 -9.59
C ALA F 43 -22.97 9.40 -9.66
N LEU F 44 -22.64 8.67 -10.72
CA LEU F 44 -23.14 7.31 -10.87
C LEU F 44 -22.60 6.42 -9.76
N ALA F 45 -21.40 6.74 -9.28
CA ALA F 45 -20.79 5.98 -8.19
C ALA F 45 -21.56 6.26 -6.90
N GLY F 46 -21.75 7.55 -6.62
CA GLY F 46 -22.47 7.95 -5.42
C GLY F 46 -23.90 7.44 -5.46
N LEU F 47 -24.55 7.61 -6.61
CA LEU F 47 -25.92 7.15 -6.78
C LEU F 47 -25.99 5.64 -6.62
N SER F 48 -24.97 4.93 -7.10
CA SER F 48 -24.92 3.48 -6.97
C SER F 48 -24.78 3.09 -5.51
N ILE F 49 -23.89 3.80 -4.81
CA ILE F 49 -23.65 3.53 -3.40
C ILE F 49 -24.97 3.60 -2.63
N LEU F 50 -25.68 4.72 -2.79
CA LEU F 50 -26.94 4.92 -2.09
C LEU F 50 -27.92 3.76 -2.33
N LEU F 51 -28.06 3.36 -3.57
CA LEU F 51 -28.94 2.24 -3.91
C LEU F 51 -28.57 0.98 -3.14
N PHE F 52 -27.27 0.69 -3.07
CA PHE F 52 -26.79 -0.52 -2.39
C PHE F 52 -26.99 -0.52 -0.87
N VAL F 53 -26.63 0.58 -0.23
CA VAL F 53 -26.77 0.70 1.21
C VAL F 53 -28.20 0.46 1.66
N PHE F 54 -29.17 0.96 0.89
CA PHE F 54 -30.57 0.78 1.23
C PHE F 54 -31.04 -0.62 0.85
N MET F 55 -30.50 -1.16 -0.25
CA MET F 55 -30.87 -2.51 -0.69
C MET F 55 -30.50 -3.56 0.36
N THR F 56 -29.36 -3.37 1.01
CA THR F 56 -28.85 -4.31 1.99
C THR F 56 -29.23 -4.03 3.45
N ARG F 57 -30.13 -3.07 3.65
CA ARG F 57 -30.58 -2.71 4.99
C ARG F 57 -31.19 -3.89 5.74
N GLY F 58 -31.64 -4.89 5.01
CA GLY F 58 -32.25 -6.05 5.64
C GLY F 58 -31.33 -7.18 6.06
N LEU F 59 -30.15 -7.27 5.46
CA LEU F 59 -29.19 -8.33 5.79
C LEU F 59 -28.86 -8.43 7.28
N ASP F 60 -28.84 -9.64 7.81
CA ASP F 60 -28.53 -9.88 9.23
C ASP F 60 -27.40 -10.89 9.41
N ASP F 61 -27.26 -11.80 8.46
CA ASP F 61 -26.21 -12.81 8.55
C ASP F 61 -24.82 -12.20 8.38
N PRO F 62 -23.96 -12.36 9.39
CA PRO F 62 -22.61 -11.81 9.31
C PRO F 62 -21.85 -12.14 8.02
N ARG F 63 -22.00 -13.37 7.52
CA ARG F 63 -21.30 -13.73 6.29
C ARG F 63 -21.95 -13.04 5.09
N ALA F 64 -23.27 -12.92 5.12
CA ALA F 64 -24.01 -12.26 4.04
C ALA F 64 -23.64 -10.78 3.99
N LYS F 65 -23.42 -10.19 5.17
CA LYS F 65 -23.06 -8.78 5.24
C LYS F 65 -21.60 -8.49 4.91
N LEU F 66 -20.80 -9.53 4.72
CA LEU F 66 -19.40 -9.35 4.38
C LEU F 66 -19.35 -9.19 2.86
N ILE F 67 -20.14 -10.01 2.17
CA ILE F 67 -20.23 -9.96 0.72
C ILE F 67 -20.74 -8.59 0.28
N ALA F 68 -21.78 -8.10 0.97
CA ALA F 68 -22.39 -6.82 0.65
C ALA F 68 -21.43 -5.65 0.86
N VAL F 69 -20.69 -5.66 1.96
CA VAL F 69 -19.74 -4.57 2.23
C VAL F 69 -18.63 -4.48 1.19
N SER F 70 -18.02 -5.60 0.84
CA SER F 70 -16.93 -5.56 -0.15
C SER F 70 -17.50 -5.15 -1.51
N THR F 71 -18.77 -5.49 -1.76
CA THR F 71 -19.42 -5.13 -3.00
C THR F 71 -19.66 -3.62 -3.02
N ILE F 72 -20.02 -3.07 -1.86
CA ILE F 72 -20.29 -1.64 -1.72
C ILE F 72 -18.98 -0.85 -1.82
N LEU F 73 -17.87 -1.49 -1.47
CA LEU F 73 -16.56 -0.85 -1.52
C LEU F 73 -16.10 -0.52 -2.94
N VAL F 74 -16.64 -1.24 -3.93
CA VAL F 74 -16.28 -1.02 -5.33
C VAL F 74 -16.65 0.41 -5.77
N PRO F 75 -17.92 0.81 -5.57
CA PRO F 75 -18.30 2.17 -5.98
C PRO F 75 -17.69 3.22 -5.05
N VAL F 76 -17.35 2.83 -3.83
CA VAL F 76 -16.72 3.75 -2.88
C VAL F 76 -15.32 4.14 -3.39
N VAL F 77 -14.55 3.14 -3.81
CA VAL F 77 -13.21 3.42 -4.32
C VAL F 77 -13.36 4.11 -5.67
N SER F 78 -14.46 3.84 -6.36
CA SER F 78 -14.70 4.42 -7.67
C SER F 78 -14.94 5.94 -7.68
N ILE F 79 -15.71 6.47 -6.73
CA ILE F 79 -15.95 7.91 -6.69
C ILE F 79 -14.64 8.63 -6.41
N ALA F 80 -13.91 8.12 -5.41
CA ALA F 80 -12.64 8.67 -5.02
C ALA F 80 -11.72 8.72 -6.23
N SER F 81 -11.70 7.62 -6.98
CA SER F 81 -10.85 7.52 -8.16
C SER F 81 -11.17 8.59 -9.19
N TYR F 82 -12.42 8.62 -9.66
CA TYR F 82 -12.84 9.59 -10.65
C TYR F 82 -12.66 11.03 -10.15
N THR F 83 -12.72 11.20 -8.85
CA THR F 83 -12.54 12.51 -8.26
C THR F 83 -11.05 12.86 -8.35
N GLY F 84 -10.18 11.88 -8.11
CA GLY F 84 -8.75 12.11 -8.19
C GLY F 84 -8.37 12.47 -9.60
N LEU F 85 -9.06 11.88 -10.57
CA LEU F 85 -8.82 12.13 -11.97
C LEU F 85 -9.41 13.48 -12.37
N ALA F 86 -10.70 13.67 -12.11
CA ALA F 86 -11.38 14.91 -12.45
C ALA F 86 -10.69 16.13 -11.85
N SER F 87 -10.22 15.99 -10.61
CA SER F 87 -9.57 17.10 -9.93
C SER F 87 -8.17 17.38 -10.49
N GLY F 88 -7.55 16.35 -11.06
CA GLY F 88 -6.22 16.52 -11.62
C GLY F 88 -5.14 15.92 -10.74
N LEU F 89 -5.53 15.51 -9.54
CA LEU F 89 -4.59 14.93 -8.59
C LEU F 89 -3.85 13.71 -9.13
N THR F 90 -4.59 12.77 -9.70
CA THR F 90 -3.98 11.56 -10.23
C THR F 90 -3.80 11.54 -11.74
N ILE F 91 -3.51 12.70 -12.30
CA ILE F 91 -3.28 12.82 -13.74
C ILE F 91 -1.93 13.51 -13.96
N SER F 92 -1.22 13.12 -15.00
CA SER F 92 0.07 13.72 -15.32
C SER F 92 0.27 13.76 -16.81
N VAL F 93 1.22 14.58 -17.25
CA VAL F 93 1.55 14.68 -18.66
C VAL F 93 2.94 14.07 -18.80
N LEU F 94 2.99 12.87 -19.37
CA LEU F 94 4.25 12.15 -19.54
C LEU F 94 4.69 12.13 -21.00
N GLU F 95 5.98 12.28 -21.23
CA GLU F 95 6.52 12.26 -22.57
C GLU F 95 6.83 10.81 -22.94
N MET F 96 6.26 10.34 -24.05
CA MET F 96 6.49 8.96 -24.47
C MET F 96 7.88 8.76 -25.07
N PRO F 97 8.43 7.53 -24.93
CA PRO F 97 9.75 7.21 -25.45
C PRO F 97 9.85 7.11 -26.98
N ALA F 98 11.06 7.29 -27.49
CA ALA F 98 11.32 7.23 -28.92
C ALA F 98 10.73 5.95 -29.51
N GLY F 99 10.04 6.09 -30.64
CA GLY F 99 9.44 4.94 -31.29
C GLY F 99 7.99 4.77 -30.91
N HIS F 100 7.59 5.33 -29.78
CA HIS F 100 6.21 5.22 -29.33
C HIS F 100 5.30 6.02 -30.26
N PHE F 101 4.21 5.39 -30.72
CA PHE F 101 3.27 6.05 -31.62
C PHE F 101 2.75 7.40 -31.13
N ALA F 102 2.85 7.63 -29.82
CA ALA F 102 2.39 8.91 -29.28
C ALA F 102 3.57 9.81 -28.96
N GLU F 103 4.78 9.35 -29.28
CA GLU F 103 5.97 10.14 -29.05
C GLU F 103 5.97 11.34 -30.02
N GLY F 104 6.02 12.55 -29.47
CA GLY F 104 6.01 13.74 -30.31
C GLY F 104 4.75 14.57 -30.20
N SER F 105 3.79 14.09 -29.40
CA SER F 105 2.52 14.79 -29.22
C SER F 105 2.66 15.92 -28.18
N SER F 106 1.73 16.87 -28.25
CA SER F 106 1.70 18.00 -27.32
C SER F 106 0.31 18.05 -26.71
N VAL F 107 0.14 18.85 -25.67
CA VAL F 107 -1.16 18.94 -25.02
C VAL F 107 -1.66 20.38 -24.86
N MET F 108 -0.79 21.27 -24.41
CA MET F 108 -1.17 22.67 -24.21
C MET F 108 -2.28 22.76 -23.16
N LEU F 109 -1.88 22.95 -21.91
CA LEU F 109 -2.83 23.02 -20.80
C LEU F 109 -3.70 24.27 -20.84
N GLY F 110 -3.18 25.33 -21.45
CA GLY F 110 -3.94 26.57 -21.55
C GLY F 110 -3.60 27.29 -22.84
N GLY F 111 -2.79 28.33 -22.73
CA GLY F 111 -2.39 29.09 -23.90
C GLY F 111 -0.97 28.74 -24.30
N GLU F 112 -0.33 27.91 -23.48
CA GLU F 112 1.03 27.46 -23.71
C GLU F 112 1.02 25.96 -23.95
N GLU F 113 1.73 25.51 -24.98
CA GLU F 113 1.76 24.09 -25.32
C GLU F 113 3.02 23.38 -24.83
N VAL F 114 2.84 22.23 -24.20
CA VAL F 114 3.95 21.45 -23.66
C VAL F 114 4.02 20.06 -24.30
N ASP F 115 5.23 19.53 -24.41
CA ASP F 115 5.43 18.20 -24.99
C ASP F 115 4.95 17.09 -24.06
N GLY F 116 4.47 16.00 -24.66
CA GLY F 116 3.99 14.87 -23.88
C GLY F 116 2.53 14.54 -24.12
N VAL F 117 2.02 13.60 -23.31
CA VAL F 117 0.63 13.16 -23.40
C VAL F 117 0.01 13.18 -22.01
N VAL F 118 -1.29 13.43 -21.93
CA VAL F 118 -1.98 13.45 -20.65
C VAL F 118 -2.23 12.02 -20.19
N THR F 119 -1.54 11.62 -19.13
CA THR F 119 -1.65 10.26 -18.60
C THR F 119 -2.54 10.20 -17.37
N MET F 120 -3.61 9.42 -17.46
CA MET F 120 -4.54 9.27 -16.34
C MET F 120 -4.22 7.99 -15.57
N TRP F 121 -3.08 8.00 -14.89
CA TRP F 121 -2.64 6.85 -14.12
C TRP F 121 -3.56 6.62 -12.91
N GLY F 122 -4.32 7.65 -12.56
CA GLY F 122 -5.24 7.54 -11.44
C GLY F 122 -6.16 6.34 -11.56
N ARG F 123 -6.48 5.95 -12.80
CA ARG F 123 -7.34 4.80 -13.01
C ARG F 123 -6.60 3.53 -12.55
N TYR F 124 -5.44 3.29 -13.17
CA TYR F 124 -4.63 2.12 -12.87
C TYR F 124 -4.35 1.91 -11.38
N LEU F 125 -4.10 3.00 -10.67
CA LEU F 125 -3.80 2.95 -9.24
C LEU F 125 -4.98 2.46 -8.40
N THR F 126 -6.12 3.10 -8.59
CA THR F 126 -7.32 2.74 -7.84
C THR F 126 -7.82 1.33 -8.14
N TRP F 127 -7.53 0.83 -9.35
CA TRP F 127 -7.95 -0.52 -9.71
C TRP F 127 -7.39 -1.52 -8.71
N ALA F 128 -6.18 -1.24 -8.23
CA ALA F 128 -5.51 -2.13 -7.29
C ALA F 128 -6.31 -2.28 -6.00
N LEU F 129 -7.24 -1.36 -5.78
CA LEU F 129 -8.07 -1.37 -4.58
C LEU F 129 -9.49 -1.88 -4.82
N SER F 130 -10.08 -1.47 -5.93
CA SER F 130 -11.44 -1.87 -6.25
C SER F 130 -11.54 -3.30 -6.75
N THR F 131 -10.73 -3.65 -7.75
CA THR F 131 -10.79 -5.00 -8.31
C THR F 131 -10.61 -6.08 -7.22
N PRO F 132 -9.71 -5.86 -6.25
CA PRO F 132 -9.56 -6.89 -5.22
C PRO F 132 -10.88 -7.07 -4.45
N MET F 133 -11.65 -5.98 -4.34
CA MET F 133 -12.93 -6.02 -3.64
C MET F 133 -14.01 -6.74 -4.45
N ILE F 134 -13.92 -6.63 -5.78
CA ILE F 134 -14.86 -7.32 -6.64
C ILE F 134 -14.62 -8.81 -6.44
N LEU F 135 -13.36 -9.22 -6.54
CA LEU F 135 -12.98 -10.63 -6.37
C LEU F 135 -13.34 -11.19 -5.01
N LEU F 136 -13.20 -10.39 -3.97
CA LEU F 136 -13.53 -10.85 -2.63
C LEU F 136 -14.99 -11.32 -2.67
N ALA F 137 -15.86 -10.45 -3.21
CA ALA F 137 -17.28 -10.72 -3.31
C ALA F 137 -17.55 -12.01 -4.08
N LEU F 138 -17.08 -12.08 -5.32
CA LEU F 138 -17.27 -13.27 -6.12
C LEU F 138 -16.75 -14.52 -5.41
N GLY F 139 -15.52 -14.45 -4.91
CA GLY F 139 -14.95 -15.59 -4.20
C GLY F 139 -15.82 -16.04 -3.05
N LEU F 140 -16.32 -15.07 -2.28
CA LEU F 140 -17.17 -15.39 -1.14
C LEU F 140 -18.46 -16.05 -1.63
N LEU F 141 -18.98 -15.54 -2.76
CA LEU F 141 -20.20 -16.05 -3.33
C LEU F 141 -20.05 -17.49 -3.79
N ALA F 142 -18.92 -17.80 -4.42
CA ALA F 142 -18.66 -19.15 -4.91
C ALA F 142 -18.19 -20.10 -3.81
N GLY F 143 -18.17 -19.64 -2.57
CA GLY F 143 -17.72 -20.49 -1.50
C GLY F 143 -16.28 -20.94 -1.71
N SER F 144 -15.40 -19.98 -1.99
CA SER F 144 -13.99 -20.24 -2.22
C SER F 144 -13.25 -20.49 -0.91
N ASN F 145 -12.12 -21.19 -0.97
CA ASN F 145 -11.34 -21.41 0.23
C ASN F 145 -10.35 -20.25 0.31
N ALA F 146 -9.61 -20.13 1.42
CA ALA F 146 -8.67 -19.04 1.57
C ALA F 146 -7.55 -19.02 0.52
N THR F 147 -7.09 -20.21 0.14
CA THR F 147 -6.01 -20.30 -0.84
C THR F 147 -6.37 -19.68 -2.18
N LYS F 148 -7.57 -19.97 -2.68
CA LYS F 148 -8.01 -19.43 -3.96
C LYS F 148 -8.25 -17.92 -3.86
N LEU F 149 -8.65 -17.45 -2.68
CA LEU F 149 -8.88 -16.02 -2.50
C LEU F 149 -7.53 -15.29 -2.54
N PHE F 150 -6.57 -15.81 -1.79
CA PHE F 150 -5.24 -15.23 -1.74
C PHE F 150 -4.60 -15.21 -3.14
N THR F 151 -4.77 -16.30 -3.89
CA THR F 151 -4.20 -16.41 -5.23
C THR F 151 -4.78 -15.36 -6.17
N ALA F 152 -6.10 -15.32 -6.24
CA ALA F 152 -6.80 -14.37 -7.09
C ALA F 152 -6.47 -12.92 -6.75
N ILE F 153 -6.55 -12.59 -5.46
CA ILE F 153 -6.29 -11.23 -4.99
C ILE F 153 -4.83 -10.75 -5.11
N THR F 154 -3.87 -11.62 -4.80
CA THR F 154 -2.47 -11.20 -4.92
C THR F 154 -2.08 -10.98 -6.40
N PHE F 155 -2.51 -11.87 -7.28
CA PHE F 155 -2.17 -11.70 -8.70
C PHE F 155 -2.95 -10.60 -9.38
N ASP F 156 -4.12 -10.27 -8.83
CA ASP F 156 -4.95 -9.20 -9.37
C ASP F 156 -4.25 -7.87 -9.07
N ILE F 157 -3.80 -7.72 -7.84
CA ILE F 157 -3.09 -6.52 -7.44
C ILE F 157 -1.82 -6.38 -8.30
N ALA F 158 -1.10 -7.50 -8.48
CA ALA F 158 0.12 -7.48 -9.28
C ALA F 158 -0.20 -7.03 -10.70
N MET F 159 -1.34 -7.48 -11.22
CA MET F 159 -1.78 -7.13 -12.56
C MET F 159 -1.95 -5.62 -12.67
N CYS F 160 -2.57 -5.02 -11.64
CA CYS F 160 -2.83 -3.58 -11.61
C CYS F 160 -1.59 -2.73 -11.48
N VAL F 161 -0.76 -3.05 -10.50
CA VAL F 161 0.46 -2.30 -10.27
C VAL F 161 1.41 -2.31 -11.47
N THR F 162 1.50 -3.44 -12.17
CA THR F 162 2.39 -3.49 -13.33
C THR F 162 1.76 -2.70 -14.49
N GLY F 163 0.44 -2.66 -14.53
CA GLY F 163 -0.22 -1.86 -15.55
C GLY F 163 0.10 -0.41 -15.27
N LEU F 164 0.11 -0.07 -13.97
CA LEU F 164 0.45 1.29 -13.55
C LEU F 164 1.92 1.57 -13.88
N ALA F 165 2.80 0.63 -13.55
CA ALA F 165 4.23 0.77 -13.85
C ALA F 165 4.40 0.98 -15.35
N ALA F 166 3.63 0.25 -16.13
CA ALA F 166 3.70 0.35 -17.58
C ALA F 166 3.43 1.78 -18.06
N ALA F 167 2.35 2.38 -17.55
CA ALA F 167 1.96 3.74 -17.91
C ALA F 167 2.97 4.82 -17.52
N LEU F 168 3.71 4.60 -16.44
CA LEU F 168 4.68 5.60 -15.99
C LEU F 168 6.07 5.41 -16.60
N THR F 169 6.27 4.32 -17.32
CA THR F 169 7.57 4.08 -17.93
C THR F 169 7.69 4.95 -19.19
N THR F 170 8.59 5.92 -19.14
CA THR F 170 8.80 6.85 -20.25
C THR F 170 10.20 6.73 -20.83
N SER F 171 11.00 5.81 -20.29
CA SER F 171 12.37 5.64 -20.75
C SER F 171 12.54 4.76 -21.98
N SER F 172 11.69 3.74 -22.11
CA SER F 172 11.82 2.81 -23.22
C SER F 172 10.50 2.21 -23.70
N HIS F 173 10.30 2.21 -25.01
CA HIS F 173 9.07 1.68 -25.61
C HIS F 173 8.93 0.20 -25.29
N LEU F 174 10.02 -0.55 -25.41
CA LEU F 174 10.01 -1.97 -25.14
C LEU F 174 9.64 -2.26 -23.67
N MET F 175 10.25 -1.52 -22.75
CA MET F 175 9.95 -1.70 -21.33
C MET F 175 8.45 -1.55 -21.06
N ARG F 176 7.81 -0.54 -21.66
CA ARG F 176 6.38 -0.34 -21.46
C ARG F 176 5.63 -1.63 -21.81
N TRP F 177 5.94 -2.19 -22.98
CA TRP F 177 5.27 -3.41 -23.42
C TRP F 177 5.72 -4.65 -22.65
N PHE F 178 6.87 -4.58 -21.99
CA PHE F 178 7.32 -5.73 -21.22
C PHE F 178 6.47 -5.76 -19.95
N TRP F 179 6.17 -4.58 -19.42
CA TRP F 179 5.32 -4.45 -18.24
C TRP F 179 3.93 -5.00 -18.59
N TYR F 180 3.41 -4.53 -19.72
CA TYR F 180 2.10 -4.91 -20.21
C TYR F 180 1.95 -6.43 -20.21
N ALA F 181 2.93 -7.13 -20.79
CA ALA F 181 2.90 -8.59 -20.86
C ALA F 181 2.91 -9.22 -19.48
N ILE F 182 3.70 -8.67 -18.57
CA ILE F 182 3.76 -9.18 -17.21
C ILE F 182 2.36 -9.06 -16.57
N SER F 183 1.68 -7.96 -16.87
CA SER F 183 0.34 -7.73 -16.34
C SER F 183 -0.64 -8.78 -16.88
N CYS F 184 -0.48 -9.13 -18.16
CA CYS F 184 -1.35 -10.13 -18.79
C CYS F 184 -1.21 -11.52 -18.18
N ALA F 185 0.00 -11.88 -17.77
CA ALA F 185 0.22 -13.20 -17.19
C ALA F 185 -0.45 -13.25 -15.82
N CYS F 186 -0.52 -12.11 -15.15
CA CYS F 186 -1.18 -12.05 -13.85
C CYS F 186 -2.69 -12.12 -14.05
N PHE F 187 -3.16 -11.53 -15.13
CA PHE F 187 -4.58 -11.52 -15.46
C PHE F 187 -5.07 -12.94 -15.75
N ILE F 188 -4.29 -13.70 -16.52
CA ILE F 188 -4.66 -15.07 -16.86
C ILE F 188 -4.90 -15.89 -15.59
N VAL F 189 -4.11 -15.62 -14.55
CA VAL F 189 -4.26 -16.33 -13.29
C VAL F 189 -5.63 -16.02 -12.69
N VAL F 190 -6.01 -14.75 -12.73
CA VAL F 190 -7.29 -14.32 -12.20
C VAL F 190 -8.42 -14.95 -13.01
N LEU F 191 -8.26 -14.93 -14.33
CA LEU F 191 -9.25 -15.50 -15.22
C LEU F 191 -9.42 -16.98 -14.96
N TYR F 192 -8.31 -17.70 -14.79
CA TYR F 192 -8.38 -19.13 -14.54
C TYR F 192 -9.19 -19.48 -13.29
N ILE F 193 -9.09 -18.70 -12.22
CA ILE F 193 -9.85 -19.04 -11.02
C ILE F 193 -11.34 -18.72 -11.19
N LEU F 194 -11.65 -17.70 -11.99
CA LEU F 194 -13.04 -17.31 -12.24
C LEU F 194 -13.74 -18.37 -13.09
N LEU F 195 -13.14 -18.68 -14.23
CA LEU F 195 -13.69 -19.65 -15.17
C LEU F 195 -13.56 -21.11 -14.76
N VAL F 196 -12.41 -21.49 -14.20
CA VAL F 196 -12.20 -22.88 -13.82
C VAL F 196 -12.43 -23.26 -12.35
N GLU F 197 -11.87 -22.47 -11.43
CA GLU F 197 -11.98 -22.76 -9.99
C GLU F 197 -13.28 -22.38 -9.27
N TRP F 198 -13.63 -21.11 -9.26
CA TRP F 198 -14.83 -20.69 -8.55
C TRP F 198 -16.12 -21.18 -9.19
N ALA F 199 -16.01 -21.57 -10.46
CA ALA F 199 -17.16 -22.09 -11.19
C ALA F 199 -17.58 -23.42 -10.56
N GLN F 200 -16.60 -24.21 -10.13
CA GLN F 200 -16.89 -25.50 -9.52
C GLN F 200 -17.30 -25.31 -8.07
N ASP F 201 -16.60 -24.41 -7.39
CA ASP F 201 -16.87 -24.11 -5.99
C ASP F 201 -18.30 -23.61 -5.78
N ALA F 202 -18.77 -22.75 -6.68
CA ALA F 202 -20.11 -22.18 -6.57
C ALA F 202 -21.17 -23.29 -6.54
N LYS F 203 -20.85 -24.44 -7.13
CA LYS F 203 -21.77 -25.56 -7.15
C LYS F 203 -21.99 -26.02 -5.72
N ALA F 204 -20.91 -26.30 -5.02
CA ALA F 204 -20.97 -26.74 -3.64
C ALA F 204 -21.69 -25.71 -2.78
N ALA F 205 -21.54 -24.44 -3.12
CA ALA F 205 -22.16 -23.35 -2.37
C ALA F 205 -23.61 -23.09 -2.78
N GLY F 206 -24.05 -23.73 -3.86
CA GLY F 206 -25.40 -23.54 -4.32
C GLY F 206 -25.58 -22.12 -4.83
N THR F 207 -24.62 -21.65 -5.61
CA THR F 207 -24.65 -20.29 -6.15
C THR F 207 -24.23 -20.28 -7.61
N ALA F 208 -24.07 -21.47 -8.18
CA ALA F 208 -23.66 -21.62 -9.57
C ALA F 208 -24.46 -20.70 -10.47
N ASP F 209 -25.75 -20.59 -10.17
CA ASP F 209 -26.68 -19.76 -10.93
C ASP F 209 -26.19 -18.32 -11.04
N ILE F 210 -26.29 -17.58 -9.94
CA ILE F 210 -25.87 -16.17 -9.93
C ILE F 210 -24.39 -16.02 -10.21
N PHE F 211 -23.59 -16.95 -9.70
CA PHE F 211 -22.16 -16.86 -9.91
C PHE F 211 -21.82 -16.98 -11.39
N SER F 212 -22.60 -17.76 -12.13
CA SER F 212 -22.36 -17.95 -13.55
C SER F 212 -22.61 -16.63 -14.29
N THR F 213 -23.73 -15.97 -13.98
CA THR F 213 -24.11 -14.71 -14.59
C THR F 213 -23.04 -13.64 -14.35
N LEU F 214 -22.71 -13.42 -13.08
CA LEU F 214 -21.69 -12.44 -12.70
C LEU F 214 -20.32 -12.81 -13.26
N LYS F 215 -20.03 -14.11 -13.29
CA LYS F 215 -18.76 -14.60 -13.81
C LYS F 215 -18.61 -14.18 -15.27
N LEU F 216 -19.61 -14.49 -16.08
CA LEU F 216 -19.58 -14.15 -17.49
C LEU F 216 -19.44 -12.64 -17.67
N LEU F 217 -20.17 -11.87 -16.85
CA LEU F 217 -20.11 -10.42 -16.91
C LEU F 217 -18.69 -9.91 -16.63
N THR F 218 -18.15 -10.33 -15.49
CA THR F 218 -16.81 -9.93 -15.10
C THR F 218 -15.77 -10.22 -16.19
N VAL F 219 -15.66 -11.48 -16.59
CA VAL F 219 -14.68 -11.90 -17.58
C VAL F 219 -14.72 -11.11 -18.91
N VAL F 220 -15.91 -10.85 -19.43
CA VAL F 220 -16.03 -10.10 -20.67
C VAL F 220 -15.71 -8.62 -20.48
N MET F 221 -16.10 -8.04 -19.35
CA MET F 221 -15.83 -6.63 -19.10
C MET F 221 -14.35 -6.37 -18.82
N TRP F 222 -13.73 -7.22 -18.01
CA TRP F 222 -12.31 -7.05 -17.70
C TRP F 222 -11.46 -7.22 -18.95
N LEU F 223 -11.81 -8.18 -19.79
CA LEU F 223 -11.05 -8.42 -21.02
C LEU F 223 -10.93 -7.17 -21.90
N GLY F 224 -11.76 -6.17 -21.64
CA GLY F 224 -11.74 -4.95 -22.43
C GLY F 224 -10.72 -3.92 -22.00
N TYR F 225 -10.42 -3.87 -20.70
CA TYR F 225 -9.46 -2.90 -20.19
C TYR F 225 -8.13 -2.96 -20.91
N PRO F 226 -7.51 -4.15 -21.01
CA PRO F 226 -6.23 -4.21 -21.70
C PRO F 226 -6.33 -3.81 -23.17
N ILE F 227 -7.49 -4.03 -23.79
CA ILE F 227 -7.66 -3.65 -25.20
C ILE F 227 -7.68 -2.13 -25.35
N VAL F 228 -8.43 -1.46 -24.47
CA VAL F 228 -8.51 0.00 -24.50
C VAL F 228 -7.12 0.59 -24.31
N TRP F 229 -6.42 0.09 -23.29
CA TRP F 229 -5.07 0.53 -22.98
C TRP F 229 -4.22 0.44 -24.24
N ALA F 230 -4.25 -0.71 -24.90
CA ALA F 230 -3.47 -0.95 -26.12
C ALA F 230 -3.82 -0.02 -27.28
N LEU F 231 -5.11 0.26 -27.46
CA LEU F 231 -5.56 1.14 -28.55
C LEU F 231 -5.42 2.61 -28.17
N GLY F 232 -5.55 2.91 -26.89
CA GLY F 232 -5.45 4.28 -26.43
C GLY F 232 -4.09 4.92 -26.60
N VAL F 233 -3.96 6.15 -26.09
CA VAL F 233 -2.73 6.92 -26.17
C VAL F 233 -1.55 6.25 -25.44
N GLU F 234 -1.85 5.35 -24.51
CA GLU F 234 -0.83 4.65 -23.76
C GLU F 234 -0.16 3.59 -24.64
N GLY F 235 -0.91 3.11 -25.62
CA GLY F 235 -0.40 2.09 -26.52
C GLY F 235 -0.10 2.56 -27.93
N VAL F 236 -0.85 2.05 -28.89
CA VAL F 236 -0.65 2.41 -30.30
C VAL F 236 -1.13 3.84 -30.58
N ALA F 237 -2.00 4.35 -29.70
CA ALA F 237 -2.52 5.71 -29.82
C ALA F 237 -3.48 5.98 -30.97
N VAL F 238 -4.26 4.97 -31.37
CA VAL F 238 -5.22 5.17 -32.46
C VAL F 238 -6.45 5.89 -31.91
N LEU F 239 -6.80 5.60 -30.66
CA LEU F 239 -7.95 6.22 -29.99
C LEU F 239 -7.56 7.44 -29.17
N PRO F 240 -8.35 8.52 -29.27
CA PRO F 240 -8.08 9.75 -28.52
C PRO F 240 -8.39 9.54 -27.03
N VAL F 241 -7.68 10.27 -26.16
CA VAL F 241 -7.88 10.14 -24.72
C VAL F 241 -9.36 10.26 -24.34
N GLY F 242 -10.06 11.19 -24.99
CA GLY F 242 -11.46 11.39 -24.71
C GLY F 242 -12.29 10.13 -24.88
N TYR F 243 -11.92 9.31 -25.86
CA TYR F 243 -12.64 8.07 -26.11
C TYR F 243 -12.16 6.96 -25.18
N THR F 244 -10.85 6.78 -25.12
CA THR F 244 -10.25 5.78 -24.26
C THR F 244 -10.85 5.92 -22.87
N SER F 245 -10.96 7.16 -22.41
CA SER F 245 -11.53 7.46 -21.10
C SER F 245 -12.96 6.96 -21.05
N TRP F 246 -13.74 7.25 -22.09
CA TRP F 246 -15.12 6.81 -22.10
C TRP F 246 -15.21 5.29 -22.14
N ALA F 247 -14.32 4.67 -22.90
CA ALA F 247 -14.29 3.22 -22.99
C ALA F 247 -14.19 2.65 -21.59
N TYR F 248 -13.19 3.12 -20.84
CA TYR F 248 -12.98 2.67 -19.46
C TYR F 248 -14.21 2.93 -18.60
N SER F 249 -14.79 4.11 -18.75
CA SER F 249 -15.96 4.51 -17.97
C SER F 249 -17.15 3.61 -18.27
N ALA F 250 -17.26 3.18 -19.52
CA ALA F 250 -18.34 2.30 -19.93
C ALA F 250 -18.14 0.97 -19.23
N LEU F 251 -16.95 0.40 -19.38
CA LEU F 251 -16.59 -0.86 -18.75
C LEU F 251 -16.84 -0.79 -17.24
N ASP F 252 -16.48 0.34 -16.65
CA ASP F 252 -16.66 0.54 -15.21
C ASP F 252 -18.14 0.42 -14.82
N ILE F 253 -19.01 1.03 -15.61
CA ILE F 253 -20.44 1.00 -15.32
C ILE F 253 -20.97 -0.44 -15.29
N VAL F 254 -20.46 -1.28 -16.19
CA VAL F 254 -20.91 -2.66 -16.24
C VAL F 254 -20.16 -3.56 -15.25
N ALA F 255 -18.84 -3.48 -15.27
CA ALA F 255 -17.99 -4.28 -14.40
C ALA F 255 -18.08 -3.87 -12.94
N LYS F 256 -18.54 -2.66 -12.69
CA LYS F 256 -18.64 -2.18 -11.31
C LYS F 256 -20.06 -1.95 -10.82
N TYR F 257 -20.71 -0.92 -11.33
CA TYR F 257 -22.05 -0.58 -10.85
C TYR F 257 -23.16 -1.55 -11.24
N ILE F 258 -23.25 -1.96 -12.50
CA ILE F 258 -24.30 -2.89 -12.88
C ILE F 258 -23.94 -4.29 -12.40
N PHE F 259 -22.65 -4.54 -12.23
CA PHE F 259 -22.18 -5.81 -11.72
C PHE F 259 -22.59 -5.89 -10.25
N ALA F 260 -22.28 -4.83 -9.49
CA ALA F 260 -22.59 -4.78 -8.08
C ALA F 260 -24.09 -4.97 -7.79
N PHE F 261 -24.94 -4.28 -8.56
CA PHE F 261 -26.38 -4.37 -8.36
C PHE F 261 -26.91 -5.80 -8.47
N LEU F 262 -26.40 -6.55 -9.43
CA LEU F 262 -26.82 -7.93 -9.62
C LEU F 262 -26.47 -8.78 -8.40
N LEU F 263 -25.23 -8.68 -7.94
CA LEU F 263 -24.80 -9.44 -6.78
C LEU F 263 -25.68 -9.10 -5.57
N LEU F 264 -25.84 -7.82 -5.29
CA LEU F 264 -26.65 -7.38 -4.17
C LEU F 264 -28.12 -7.74 -4.33
N ASN F 265 -28.61 -7.65 -5.56
CA ASN F 265 -30.01 -7.98 -5.81
C ASN F 265 -30.23 -9.45 -5.50
N TYR F 266 -29.26 -10.29 -5.86
CA TYR F 266 -29.35 -11.72 -5.59
C TYR F 266 -29.27 -11.97 -4.09
N LEU F 267 -28.21 -11.45 -3.49
CA LEU F 267 -27.93 -11.61 -2.06
C LEU F 267 -29.14 -11.36 -1.17
N THR F 268 -29.82 -10.24 -1.42
CA THR F 268 -30.99 -9.86 -0.64
C THR F 268 -32.14 -10.86 -0.76
N SER F 269 -32.21 -11.55 -1.90
CA SER F 269 -33.26 -12.53 -2.13
C SER F 269 -32.83 -13.95 -1.76
N ASN F 270 -31.53 -14.12 -1.47
CA ASN F 270 -31.02 -15.45 -1.13
C ASN F 270 -30.01 -15.39 0.02
N GLU F 271 -30.30 -14.57 1.03
CA GLU F 271 -29.40 -14.43 2.17
C GLU F 271 -29.08 -15.78 2.81
N GLY F 272 -30.11 -16.62 2.97
CA GLY F 272 -29.91 -17.93 3.58
C GLY F 272 -28.97 -18.81 2.78
N VAL F 273 -28.89 -18.56 1.47
CA VAL F 273 -28.03 -19.35 0.60
C VAL F 273 -26.55 -19.14 0.91
N VAL F 274 -26.13 -17.88 0.96
CA VAL F 274 -24.74 -17.54 1.23
C VAL F 274 -24.45 -17.32 2.70
N SER F 275 -25.32 -17.80 3.58
CA SER F 275 -25.12 -17.62 5.01
C SER F 275 -24.18 -18.68 5.57
N GLY F 276 -23.67 -18.44 6.78
CA GLY F 276 -22.76 -19.39 7.40
C GLY F 276 -21.42 -18.78 7.76
C1 RET G . 17.93 -2.69 5.16
C2 RET G . 18.48 -1.31 5.72
C3 RET G . 18.24 -0.99 7.13
C4 RET G . 18.49 -2.14 8.08
C5 RET G . 18.03 -3.52 7.62
C6 RET G . 17.76 -3.85 6.27
C7 RET G . 17.29 -5.29 5.97
C8 RET G . 16.94 -5.86 4.81
C9 RET G . 16.61 -7.25 4.55
C10 RET G . 16.27 -7.54 3.25
C11 RET G . 15.95 -8.82 2.67
C12 RET G . 15.67 -8.87 1.38
C13 RET G . 15.28 -10.08 0.63
C14 RET G . 14.93 -9.83 -0.66
C15 RET G . 14.35 -10.68 -1.68
C16 RET G . 16.57 -2.28 4.55
C17 RET G . 18.90 -3.04 4.02
C18 RET G . 17.88 -4.49 8.80
C19 RET G . 16.68 -8.31 5.63
C20 RET G . 15.18 -11.44 1.30
BR BR H . 11.87 -7.81 -4.61
BR BR I . 1.39 -16.65 20.08
C1 BNG J . 9.95 -31.97 -10.30
C2 BNG J . 8.92 -32.95 -10.99
C3 BNG J . 7.67 -33.13 -10.06
C4 BNG J . 8.13 -33.74 -8.71
C5 BNG J . 9.18 -32.77 -8.01
C6 BNG J . 9.64 -33.41 -6.67
C1' BNG J . 12.20 -30.97 -10.91
C2' BNG J . 12.64 -30.48 -12.31
C3' BNG J . 13.84 -29.53 -12.29
C4' BNG J . 14.65 -29.73 -13.57
C5' BNG J . 15.04 -28.42 -14.24
C6' BNG J . 16.01 -28.69 -15.39
C7' BNG J . 16.45 -27.42 -16.10
C8' BNG J . 17.48 -27.74 -17.19
C9' BNG J . 18.81 -27.10 -16.88
O1 BNG J . 11.09 -31.84 -11.21
O2 BNG J . 8.52 -32.40 -12.24
O3 BNG J . 6.75 -34.01 -10.69
O4 BNG J . 7.01 -33.91 -7.84
O5 BNG J . 10.32 -32.60 -8.96
O6 BNG J . 10.47 -32.58 -5.87
C1 BNG K . 22.41 19.53 12.47
C2 BNG K . 23.90 19.48 11.93
C3 BNG K . 24.26 20.88 11.31
C4 BNG K . 23.28 21.15 10.14
C5 BNG K . 21.81 21.16 10.67
C6 BNG K . 20.84 21.38 9.50
C1' BNG K . 20.72 18.11 13.59
C2' BNG K . 20.57 16.64 13.99
C3' BNG K . 19.21 16.29 14.58
C4' BNG K . 18.99 14.78 14.42
C5' BNG K . 17.69 14.32 15.05
C6' BNG K . 17.64 12.81 15.15
C7' BNG K . 16.33 12.34 15.76
C8' BNG K . 16.45 10.92 16.28
C9' BNG K . 15.84 10.81 17.66
O1 BNG K . 22.06 18.25 13.06
O2 BNG K . 24.78 19.19 13.00
O3 BNG K . 25.59 20.87 10.81
O4 BNG K . 23.56 22.42 9.54
O5 BNG K . 21.52 19.85 11.31
O6 BNG K . 19.78 22.21 9.92
C1 RET L . -9.10 13.74 8.59
C2 RET L . -9.53 14.81 7.52
C3 RET L . -10.78 14.61 6.85
C4 RET L . -11.93 14.21 7.74
C5 RET L . -11.61 13.25 8.87
C6 RET L . -10.31 13.00 9.29
C7 RET L . -10.11 11.99 10.43
C8 RET L . -9.05 11.42 10.99
C9 RET L . -9.14 10.61 12.21
C10 RET L . -7.95 10.14 12.67
C11 RET L . -7.84 9.40 13.91
C12 RET L . -6.67 9.02 14.42
C13 RET L . -6.55 8.29 15.69
C14 RET L . -5.36 7.95 16.24
C15 RET L . -4.03 8.19 15.71
C16 RET L . -8.22 12.72 7.86
C17 RET L . -8.21 14.49 9.60
C18 RET L . -12.84 12.58 9.48
C19 RET L . -10.46 10.44 12.93
C20 RET L . -7.74 7.89 16.50
BR BR M . -3.95 4.57 16.53
BR BR N . -22.42 -8.50 10.72
C1 RET O . -4.11 -2.92 -17.56
C2 RET O . -2.79 -2.64 -18.34
C3 RET O . -1.84 -3.71 -18.45
C4 RET O . -2.45 -5.03 -18.84
C5 RET O . -3.75 -5.40 -18.15
C6 RET O . -4.58 -4.45 -17.55
C7 RET O . -5.90 -4.92 -16.93
C8 RET O . -6.83 -4.31 -16.18
C9 RET O . -8.11 -4.93 -15.76
C10 RET O . -8.95 -4.12 -15.06
C11 RET O . -10.29 -4.48 -14.63
C12 RET O . -11.07 -3.60 -14.01
C13 RET O . -12.44 -3.88 -13.52
C14 RET O . -13.16 -2.95 -12.86
C15 RET O . -12.83 -1.57 -12.52
C16 RET O . -3.86 -2.41 -16.14
C17 RET O . -5.12 -1.99 -18.25
C18 RET O . -3.99 -6.90 -18.22
C19 RET O . -8.50 -6.32 -16.19
C20 RET O . -13.10 -5.22 -13.69
BR BR P . -14.38 -3.57 -9.40
BR BR Q . -6.70 -24.74 -3.63
C11 L2P R . 6.92 17.02 -13.92
C12 L2P R . 5.81 15.82 -13.96
C13 L2P R . 6.15 14.40 -13.33
C14 L2P R . 6.77 13.44 -14.48
C15 L2P R . 4.75 13.78 -12.67
C16 L2P R . 5.04 12.34 -12.02
C17 L2P R . 3.94 11.48 -11.32
C18 L2P R . 4.34 10.02 -10.69
C19 L2P R . 4.99 9.04 -11.76
C20 L2P R . 3.04 9.36 -10.04
C21 L2P R . 3.03 7.94 -9.33
C22 L2P R . 2.38 7.97 -7.85
C23 L2P R . 2.33 6.57 -7.06
C24 L2P R . 1.55 5.51 -7.86
C25 L2P R . 1.63 6.78 -5.56
C26 L2P R . 0.62 5.67 -4.93
C27 L2P R . -0.01 6.00 -3.46
C28 L2P R . -0.98 4.83 -2.93
C29 L2P R . -0.25 3.98 -1.95
C30 L2P R . -2.16 5.34 -2.19
C1 BNG S . 26.97 13.66 11.22
C2 BNG S . 26.84 14.58 9.93
C3 BNG S . 27.40 16.01 10.26
C4 BNG S . 26.54 16.61 11.42
C5 BNG S . 26.64 15.69 12.70
C6 BNG S . 25.77 16.23 13.86
C1' BNG S . 26.57 11.40 12.09
C2' BNG S . 26.51 9.94 11.64
C3' BNG S . 26.61 9.01 12.84
C4' BNG S . 25.87 7.70 12.62
C5' BNG S . 26.01 6.77 13.81
C6' BNG S . 25.84 5.32 13.40
C7' BNG S . 25.99 4.38 14.58
C8' BNG S . 26.09 2.94 14.14
C9' BNG S . 26.76 2.09 15.20
O1 BNG S . 26.48 12.31 10.95
O2 BNG S . 27.58 13.99 8.86
O3 BNG S . 27.29 16.85 9.12
O4 BNG S . 26.99 17.91 11.77
O5 BNG S . 26.19 14.32 12.34
O6 BNG S . 24.39 16.28 13.53
C1 BNG T . 17.70 0.99 -27.10
C2 BNG T . 16.98 1.82 -28.26
C3 BNG T . 18.00 2.83 -28.89
C4 BNG T . 18.48 3.81 -27.76
C5 BNG T . 19.19 2.99 -26.60
C6 BNG T . 19.67 3.91 -25.46
C1' BNG T . 17.26 -0.78 -25.44
C2' BNG T . 16.41 -2.04 -25.40
C3' BNG T . 16.85 -2.98 -24.28
C4' BNG T . 15.81 -3.03 -23.18
C5' BNG T . 15.11 -4.38 -23.16
C6' BNG T . 13.76 -4.27 -22.44
C7' BNG T . 13.04 -5.61 -22.40
C8' BNG T . 13.05 -6.16 -20.97
C9' BNG T . 13.63 -7.56 -20.95
O1 BNG T . 16.77 0.05 -26.52
O2 BNG T . 16.51 0.90 -29.26
O3 BNG T . 17.35 3.58 -29.92
O4 BNG T . 19.41 4.77 -28.28
O5 BNG T . 18.22 1.97 -26.08
O6 BNG T . 18.57 4.47 -24.74
C1 BNG U . 15.15 -33.12 -8.92
C2 BNG U . 14.32 -33.08 -7.56
C3 BNG U . 13.68 -34.50 -7.30
C4 BNG U . 12.73 -34.84 -8.49
C5 BNG U . 13.55 -34.86 -9.84
C6 BNG U . 12.61 -35.18 -11.02
C1' BNG U . 16.55 -31.72 -10.43
C2' BNG U . 17.53 -30.54 -10.31
C3' BNG U . 18.40 -30.39 -11.55
C4' BNG U . 18.25 -29.03 -12.22
C5' BNG U . 19.35 -28.05 -11.83
C6' BNG U . 19.14 -26.68 -12.46
C7' BNG U . 20.23 -25.69 -12.07
C8' BNG U . 20.30 -24.53 -13.06
C9' BNG U . 21.51 -23.66 -12.77
O1 BNG U . 15.76 -31.81 -9.20
O2 BNG U . 15.19 -32.71 -6.48
O3 BNG U . 12.93 -34.48 -6.07
O4 BNG U . 12.12 -36.12 -8.30
O5 BNG U . 14.20 -33.53 -10.03
O6 BNG U . 12.53 -36.57 -11.28
C11 L2P V . 6.77 7.03 -8.77
C12 L2P V . 6.13 5.65 -9.34
C13 L2P V . 6.72 4.23 -8.88
C14 L2P V . 8.24 4.16 -9.38
C15 L2P V . 5.81 2.98 -9.55
C16 L2P V . 6.40 1.56 -9.07
C17 L2P V . 5.78 0.20 -9.53
C18 L2P V . 6.40 -1.25 -8.98
C19 L2P V . 7.94 -1.48 -9.30
C20 L2P V . 5.54 -2.40 -9.65
C21 L2P V . 5.71 -3.96 -9.38
C22 L2P V . 4.66 -4.40 -8.26
C23 L2P V . 4.59 -5.92 -7.80
C24 L2P V . 4.20 -6.82 -9.00
C25 L2P V . 3.43 -6.04 -6.62
C26 L2P V . 2.96 -7.47 -6.09
C27 L2P V . 1.83 -7.45 -4.92
C28 L2P V . 1.41 -8.92 -4.43
C29 L2P V . 2.50 -9.54 -3.65
C30 L2P V . 0.23 -8.94 -3.53
C1 RET W . 17.85 -2.65 5.25
C2 RET W . 18.38 -1.24 5.78
C3 RET W . 18.15 -0.88 7.16
C4 RET W . 18.39 -2.00 8.17
C5 RET W . 17.93 -3.40 7.74
C6 RET W . 17.69 -3.77 6.39
C7 RET W . 17.25 -5.24 6.13
C8 RET W . 16.93 -5.82 4.96
C9 RET W . 16.61 -7.22 4.66
C10 RET W . 16.29 -7.46 3.34
C11 RET W . 15.95 -8.70 2.68
C12 RET W . 15.63 -8.69 1.38
C13 RET W . 15.21 -9.85 0.57
C14 RET W . 14.83 -9.57 -0.70
C15 RET W . 14.20 -10.42 -1.72
C16 RET W . 16.51 -2.27 4.60
C17 RET W . 18.85 -3.02 4.13
C18 RET W . 17.80 -4.33 8.96
C19 RET W . 16.63 -8.29 5.72
C20 RET W . 15.09 -11.23 1.20
BR BR X . 11.77 -7.83 -4.62
C11 L2P Y . -10.05 -16.38 15.78
C12 L2P Y . -8.71 -15.55 16.17
C13 L2P Y . -7.57 -15.27 15.08
C14 L2P Y . -6.14 -15.45 15.80
C15 L2P Y . -7.80 -13.73 14.47
C16 L2P Y . -6.73 -13.32 13.34
C17 L2P Y . -6.79 -11.89 12.66
C18 L2P Y . -5.72 -11.42 11.50
C19 L2P Y . -4.19 -11.53 11.95
C20 L2P Y . -6.07 -9.92 11.05
C21 L2P Y . -5.24 -9.12 9.95
C22 L2P Y . -5.54 -7.53 9.85
C23 L2P Y . -4.68 -6.78 8.72
C24 L2P Y . -3.18 -6.94 9.03
C25 L2P Y . -5.00 -5.15 8.62
C26 L2P Y . -3.92 -4.24 7.83
C27 L2P Y . -4.19 -2.64 7.70
C28 L2P Y . -3.01 -1.91 6.89
C29 L2P Y . -3.41 -1.70 5.48
C30 L2P Y . -2.70 -0.56 7.40
C11 L2P Z . -11.05 -11.40 11.94
C12 L2P Z . -10.02 -10.52 11.03
C13 L2P Z . -10.56 -9.50 9.91
C14 L2P Z . -11.35 -10.32 8.77
C15 L2P Z . -9.24 -8.68 9.29
C16 L2P Z . -9.67 -7.62 8.18
C17 L2P Z . -8.61 -6.73 7.45
C18 L2P Z . -9.08 -5.64 6.29
C19 L2P Z . -9.85 -6.32 5.08
C20 L2P Z . -7.79 -4.88 5.73
C21 L2P Z . -7.90 -3.77 4.61
C22 L2P Z . -6.52 -3.39 3.92
C23 L2P Z . -6.64 -2.24 2.80
C24 L2P Z . -7.61 -2.64 1.67
C25 L2P Z . -5.16 -1.88 2.13
C26 L2P Z . -4.82 -0.33 1.83
C27 L2P Z . -3.36 0.01 1.17
C28 L2P Z . -3.21 1.59 0.94
C29 L2P Z . -1.80 1.99 1.24
C30 L2P Z . -3.42 2.05 -0.47
C11 L2P AA . 1.04 12.44 -6.42
C12 L2P AA . 0.34 11.41 -5.39
C13 L2P AA . -1.17 11.66 -4.89
C14 L2P AA . -1.14 12.27 -3.41
C15 L2P AA . -1.98 10.20 -4.97
C16 L2P AA . -3.51 10.35 -4.50
C17 L2P AA . -4.46 9.12 -4.49
C18 L2P AA . -6.05 9.22 -4.02
C19 L2P AA . -6.25 9.80 -2.56
C20 L2P AA . -6.65 7.74 -4.16
C21 L2P AA . -8.13 7.27 -3.78
C22 L2P AA . -8.02 6.09 -2.70
C23 L2P AA . -9.34 5.38 -2.12
C24 L2P AA . -10.29 6.38 -1.44
C25 L2P AA . -8.91 4.22 -1.03
C26 L2P AA . -9.85 2.96 -0.75
C27 L2P AA . -9.29 1.90 0.35
C28 L2P AA . -10.30 0.67 0.55
C29 L2P AA . -9.90 -0.45 -0.33
C30 L2P AA . -10.26 0.10 1.92
BR BR BA . 1.78 -16.66 20.45
C1 RET CA . -9.24 13.98 8.28
C2 RET CA . -9.76 14.96 7.15
C3 RET CA . -11.06 14.74 6.54
C4 RET CA . -12.16 14.30 7.47
C5 RET CA . -11.75 13.35 8.61
C6 RET CA . -10.41 13.16 9.04
C7 RET CA . -10.20 12.16 10.21
C8 RET CA . -9.08 11.72 10.81
C9 RET CA . -8.94 10.87 12.01
C10 RET CA . -7.67 10.55 12.38
C11 RET CA . -7.21 9.76 13.51
C12 RET CA . -5.90 9.58 13.68
C13 RET CA . -5.20 8.83 14.74
C14 RET CA . -3.85 8.76 14.62
C15 RET CA . -2.86 8.01 15.41
C16 RET CA . -8.28 13.07 7.50
C17 RET CA . -8.41 14.88 9.22
C18 RET CA . -12.97 12.66 9.21
C19 RET CA . -10.17 10.42 12.78
C20 RET CA . -5.97 8.14 15.86
BR BR DA . 0.66 7.58 12.64
BR BR EA . -22.12 -8.56 11.25
C11 L2P FA . -2.96 -20.08 11.46
C12 L2P FA . -2.63 -20.32 9.90
C13 L2P FA . -3.54 -19.66 8.76
C14 L2P FA . -4.11 -20.84 7.80
C15 L2P FA . -2.60 -18.55 7.96
C16 L2P FA . -3.37 -17.78 6.79
C17 L2P FA . -2.59 -16.70 5.98
C18 L2P FA . -3.24 -15.80 4.75
C19 L2P FA . -3.82 -16.66 3.54
C20 L2P FA . -2.06 -14.84 4.27
C21 L2P FA . -2.17 -13.75 3.13
C22 L2P FA . -1.11 -12.56 3.34
C23 L2P FA . -1.16 -11.40 2.23
C24 L2P FA . -0.91 -12.00 0.82
C25 L2P FA . -0.05 -10.21 2.51
C26 L2P FA . -0.01 -8.97 1.47
C27 L2P FA . 1.09 -7.80 1.75
C28 L2P FA . 1.05 -6.62 0.65
C29 L2P FA . 1.67 -7.07 -0.61
C30 L2P FA . -0.29 -6.05 0.24
C1 RET GA . -4.03 -3.20 -18.05
C2 RET GA . -2.71 -3.04 -18.91
C3 RET GA . -1.79 -4.16 -19.01
C4 RET GA . -2.43 -5.51 -19.20
C5 RET GA . -3.72 -5.76 -18.42
C6 RET GA . -4.53 -4.72 -17.87
C7 RET GA . -5.82 -5.16 -17.12
C8 RET GA . -6.74 -4.43 -16.44
C9 RET GA . -8.01 -4.89 -15.86
C10 RET GA . -8.74 -3.94 -15.18
C11 RET GA . -10.02 -4.08 -14.53
C12 RET GA . -10.56 -3.00 -13.93
C13 RET GA . -11.82 -2.92 -13.18
C14 RET GA . -12.09 -1.70 -12.63
C15 RET GA . -13.17 -1.29 -11.73
C16 RET GA . -3.67 -2.54 -16.71
C17 RET GA . -5.03 -2.26 -18.77
C18 RET GA . -3.98 -7.27 -18.30
C19 RET GA . -8.50 -6.31 -16.04
C20 RET GA . -12.71 -4.12 -12.98
BR BR HA . -11.41 2.23 -9.29
BR BR IA . -6.78 -24.90 -3.29
#